data_5AII
#
_entry.id   5AII
#
_cell.length_a   68.970
_cell.length_b   104.230
_cell.length_c   148.000
_cell.angle_alpha   90.00
_cell.angle_beta   102.41
_cell.angle_gamma   90.00
#
_symmetry.space_group_name_H-M   'P 1 21 1'
#
loop_
_entity.id
_entity.type
_entity.pdbx_description
1 polymer 'LIMONENE-1,2-EPOXIDE HYDROLASE'
2 non-polymer 'TETRAETHYLENE GLYCOL'
3 non-polymer DI(HYDROXYETHYL)ETHER
4 non-polymer 'ACETATE ION'
5 non-polymer 1,2-ETHANEDIOL
6 non-polymer 1-METHOXY-2-[2-(2-METHOXY-ETHOXY]-ETHANE
7 non-polymer 'TRIETHYLENE GLYCOL'
8 non-polymer HISTIDINE
9 non-polymer 1-(2-METHOXY-ETHOXY)-2-{2-[2-(2-METHOXY-ETHOXY]-ETHOXY}-ETHANE
10 water water
#
_entity_poly.entity_id   1
_entity_poly.type   'polypeptide(L)'
_entity_poly.pdbx_seq_one_letter_code
;MTPLETVQLFLARVNALDLDGACALLAEDVVYDNVPMPTVHGRAAARAFLSQLPATAIDWETHAIAATGDAARGTVLTER
TDRFTLADGRTLAIRVMGAFDVADGSITAWRDYFDLGQFMAQMAPSPSAHHHHHH
;
_entity_poly.pdbx_strand_id   A,B,C,D,E,F,G,H,I,J,K,L,M,N,O,P
#
loop_
_chem_comp.id
_chem_comp.type
_chem_comp.name
_chem_comp.formula
ACT non-polymer 'ACETATE ION' 'C2 H3 O2 -1'
EDO non-polymer 1,2-ETHANEDIOL 'C2 H6 O2'
PEG non-polymer DI(HYDROXYETHYL)ETHER 'C4 H10 O3'
PG4 non-polymer 'TETRAETHYLENE GLYCOL' 'C8 H18 O5'
PG5 non-polymer 1-METHOXY-2-[2-(2-METHOXY-ETHOXY]-ETHANE 'C8 H18 O4'
PG6 non-polymer 1-(2-METHOXY-ETHOXY)-2-{2-[2-(2-METHOXY-ETHOXY]-ETHOXY}-ETHANE 'C12 H26 O6'
PGE non-polymer 'TRIETHYLENE GLYCOL' 'C6 H14 O4'
#
# COMPACT_ATOMS: atom_id res chain seq x y z
N MET A 1 -53.19 -38.40 38.56
CA MET A 1 -52.34 -37.20 38.92
C MET A 1 -52.60 -36.20 37.81
N THR A 2 -52.97 -34.96 38.16
CA THR A 2 -53.38 -33.98 37.14
C THR A 2 -52.13 -33.44 36.46
N PRO A 3 -52.33 -32.82 35.27
CA PRO A 3 -51.19 -32.10 34.66
C PRO A 3 -50.52 -31.12 35.62
N LEU A 4 -51.33 -30.26 36.28
CA LEU A 4 -50.81 -29.29 37.23
CA LEU A 4 -50.81 -29.27 37.24
C LEU A 4 -50.02 -29.97 38.35
N GLU A 5 -50.61 -31.03 38.95
CA GLU A 5 -49.91 -31.76 40.00
C GLU A 5 -48.59 -32.40 39.58
N THR A 6 -48.55 -32.90 38.34
CA THR A 6 -47.35 -33.55 37.83
C THR A 6 -46.19 -32.54 37.73
N VAL A 7 -46.52 -31.33 37.25
CA VAL A 7 -45.51 -30.29 37.14
C VAL A 7 -45.10 -29.73 38.52
N GLN A 8 -46.07 -29.56 39.41
CA GLN A 8 -45.76 -29.12 40.78
C GLN A 8 -44.83 -30.14 41.46
N LEU A 9 -45.11 -31.43 41.25
CA LEU A 9 -44.28 -32.48 41.84
C LEU A 9 -42.87 -32.48 41.22
N PHE A 10 -42.81 -32.33 39.89
CA PHE A 10 -41.54 -32.21 39.21
C PHE A 10 -40.69 -31.07 39.78
N LEU A 11 -41.30 -29.89 39.91
CA LEU A 11 -40.59 -28.69 40.37
C LEU A 11 -40.12 -28.85 41.83
N ALA A 12 -40.98 -29.46 42.64
CA ALA A 12 -40.70 -29.70 44.09
C ALA A 12 -39.51 -30.63 44.23
N ARG A 13 -39.50 -31.66 43.39
CA ARG A 13 -38.37 -32.58 43.31
C ARG A 13 -37.06 -31.92 42.84
N VAL A 14 -37.12 -31.10 41.78
CA VAL A 14 -35.99 -30.24 41.40
C VAL A 14 -35.46 -29.41 42.60
N ASN A 15 -36.36 -28.75 43.32
CA ASN A 15 -36.00 -27.86 44.42
C ASN A 15 -35.42 -28.63 45.64
N ALA A 16 -35.64 -29.94 45.69
CA ALA A 16 -35.03 -30.80 46.71
C ALA A 16 -33.73 -31.46 46.23
N LEU A 17 -33.19 -30.96 45.10
CA LEU A 17 -31.99 -31.49 44.42
CA LEU A 17 -31.98 -31.50 44.44
C LEU A 17 -32.12 -32.99 44.08
N ASP A 18 -33.37 -33.43 43.89
CA ASP A 18 -33.68 -34.83 43.58
C ASP A 18 -33.85 -34.97 42.07
N LEU A 19 -32.73 -34.97 41.37
CA LEU A 19 -32.66 -35.04 39.90
CA LEU A 19 -32.75 -34.99 39.92
C LEU A 19 -33.31 -36.31 39.36
N ASP A 20 -32.99 -37.45 39.98
CA ASP A 20 -33.55 -38.73 39.52
C ASP A 20 -35.06 -38.83 39.70
N GLY A 21 -35.55 -38.32 40.82
CA GLY A 21 -36.98 -38.34 41.12
C GLY A 21 -37.74 -37.42 40.17
N ALA A 22 -37.15 -36.27 39.88
CA ALA A 22 -37.77 -35.30 38.98
C ALA A 22 -37.78 -35.88 37.57
N CYS A 23 -36.64 -36.36 37.10
CA CYS A 23 -36.58 -37.02 35.78
C CYS A 23 -37.48 -38.24 35.61
N ALA A 24 -37.79 -38.95 36.70
CA ALA A 24 -38.76 -40.04 36.61
C ALA A 24 -40.13 -39.60 36.10
N LEU A 25 -40.47 -38.32 36.34
CA LEU A 25 -41.76 -37.80 35.88
C LEU A 25 -41.76 -37.40 34.39
N LEU A 26 -40.57 -37.30 33.80
CA LEU A 26 -40.46 -37.13 32.35
C LEU A 26 -40.69 -38.46 31.66
N ALA A 27 -41.41 -38.43 30.53
CA ALA A 27 -41.53 -39.64 29.75
C ALA A 27 -40.17 -40.16 29.31
N GLU A 28 -40.10 -41.47 29.07
CA GLU A 28 -38.88 -42.08 28.51
C GLU A 28 -38.40 -41.39 27.21
N ASP A 29 -39.36 -41.01 26.37
CA ASP A 29 -39.09 -40.30 25.11
C ASP A 29 -39.47 -38.79 25.20
N VAL A 30 -39.27 -38.18 26.36
CA VAL A 30 -39.62 -36.74 26.54
C VAL A 30 -38.91 -35.89 25.46
N VAL A 31 -39.63 -34.91 24.95
CA VAL A 31 -38.97 -33.83 24.17
C VAL A 31 -38.58 -32.71 25.14
N TYR A 32 -37.28 -32.51 25.33
CA TYR A 32 -36.82 -31.45 26.22
C TYR A 32 -36.22 -30.33 25.39
N ASP A 33 -36.99 -29.26 25.25
CA ASP A 33 -36.73 -28.18 24.28
C ASP A 33 -36.45 -26.89 25.02
N ASN A 34 -35.16 -26.63 25.26
CA ASN A 34 -34.73 -25.29 25.67
C ASN A 34 -34.70 -24.48 24.38
N VAL A 35 -35.62 -23.55 24.23
CA VAL A 35 -35.91 -22.92 22.92
C VAL A 35 -34.63 -22.41 22.22
N PRO A 36 -33.67 -21.77 22.95
CA PRO A 36 -32.48 -21.29 22.18
C PRO A 36 -31.32 -22.29 22.10
N MET A 37 -31.57 -23.57 22.43
CA MET A 37 -30.55 -24.62 22.46
CA MET A 37 -30.54 -24.61 22.47
C MET A 37 -30.99 -25.82 21.62
N PRO A 38 -30.06 -26.75 21.32
CA PRO A 38 -30.58 -27.91 20.59
C PRO A 38 -31.49 -28.74 21.50
N THR A 39 -32.41 -29.46 20.88
CA THR A 39 -33.37 -30.30 21.61
C THR A 39 -32.68 -31.50 22.24
N VAL A 40 -33.11 -31.84 23.46
CA VAL A 40 -32.62 -33.01 24.20
C VAL A 40 -33.72 -34.10 24.17
N HIS A 41 -33.35 -35.30 23.71
CA HIS A 41 -34.32 -36.36 23.46
C HIS A 41 -34.24 -37.47 24.47
N GLY A 42 -35.30 -37.61 25.27
CA GLY A 42 -35.45 -38.77 26.17
C GLY A 42 -35.07 -38.46 27.60
N ARG A 43 -35.58 -39.26 28.55
CA ARG A 43 -35.30 -39.07 29.95
C ARG A 43 -33.82 -39.17 30.31
N ALA A 44 -33.12 -40.21 29.81
CA ALA A 44 -31.70 -40.42 30.15
C ALA A 44 -30.83 -39.21 29.73
N ALA A 45 -31.10 -38.69 28.54
CA ALA A 45 -30.41 -37.49 28.06
C ALA A 45 -30.73 -36.25 28.85
N ALA A 46 -32.02 -36.07 29.21
CA ALA A 46 -32.44 -34.93 30.02
C ALA A 46 -31.72 -34.89 31.37
N ARG A 47 -31.66 -36.05 32.04
CA ARG A 47 -30.96 -36.20 33.33
CA ARG A 47 -30.96 -36.20 33.32
C ARG A 47 -29.49 -35.79 33.19
N ALA A 48 -28.84 -36.29 32.14
CA ALA A 48 -27.41 -36.01 31.88
C ALA A 48 -27.17 -34.52 31.65
N PHE A 49 -28.08 -33.89 30.90
CA PHE A 49 -27.98 -32.48 30.56
C PHE A 49 -28.14 -31.62 31.82
N LEU A 50 -29.14 -31.92 32.65
CA LEU A 50 -29.32 -31.18 33.91
C LEU A 50 -28.14 -31.38 34.89
N SER A 51 -27.52 -32.56 34.82
CA SER A 51 -26.36 -32.90 35.68
C SER A 51 -25.09 -32.10 35.37
N GLN A 52 -25.05 -31.49 34.18
CA GLN A 52 -23.91 -30.66 33.74
CA GLN A 52 -23.91 -30.66 33.74
C GLN A 52 -23.76 -29.37 34.58
N LEU A 53 -24.87 -28.94 35.20
CA LEU A 53 -24.86 -27.77 36.08
CA LEU A 53 -24.86 -27.76 36.07
C LEU A 53 -24.50 -28.17 37.52
N PRO A 54 -23.44 -27.55 38.12
CA PRO A 54 -23.01 -27.91 39.47
C PRO A 54 -23.67 -27.08 40.58
N ALA A 55 -24.93 -27.39 40.85
CA ALA A 55 -25.70 -26.64 41.83
C ALA A 55 -25.65 -27.36 43.17
N THR A 56 -25.52 -26.59 44.24
CA THR A 56 -25.50 -27.15 45.59
C THR A 56 -26.76 -26.76 46.35
N ALA A 57 -27.54 -25.85 45.75
CA ALA A 57 -28.90 -25.56 46.18
C ALA A 57 -29.66 -25.07 44.96
N ILE A 58 -30.91 -25.46 44.84
CA ILE A 58 -31.72 -25.02 43.70
C ILE A 58 -32.95 -24.34 44.27
N ASP A 59 -33.36 -23.20 43.74
CA ASP A 59 -34.63 -22.61 44.12
C ASP A 59 -35.29 -22.12 42.81
N TRP A 60 -36.03 -23.00 42.16
CA TRP A 60 -36.82 -22.60 40.99
C TRP A 60 -38.11 -22.06 41.58
N GLU A 61 -38.24 -20.74 41.54
CA GLU A 61 -39.38 -20.01 42.07
C GLU A 61 -40.49 -19.99 41.01
N THR A 62 -41.68 -20.43 41.37
CA THR A 62 -42.83 -20.30 40.49
C THR A 62 -43.65 -19.05 40.80
N HIS A 63 -43.59 -18.03 39.92
CA HIS A 63 -44.37 -16.81 40.06
C HIS A 63 -45.85 -17.02 39.72
N ALA A 64 -46.11 -17.89 38.73
CA ALA A 64 -47.46 -18.15 38.25
C ALA A 64 -47.47 -19.50 37.56
N ILE A 65 -48.59 -20.23 37.72
CA ILE A 65 -48.73 -21.52 37.08
C ILE A 65 -50.21 -21.78 36.79
N ALA A 66 -50.50 -22.30 35.61
CA ALA A 66 -51.88 -22.51 35.18
C ALA A 66 -51.89 -23.58 34.13
N ALA A 67 -52.96 -24.36 34.08
CA ALA A 67 -53.00 -25.51 33.18
C ALA A 67 -54.19 -25.44 32.22
N THR A 68 -53.98 -25.95 31.01
CA THR A 68 -55.05 -26.16 30.05
C THR A 68 -55.48 -27.61 30.21
N GLY A 69 -56.59 -27.97 29.61
CA GLY A 69 -56.92 -29.38 29.44
C GLY A 69 -57.79 -29.86 30.56
N ASP A 70 -57.63 -31.14 30.89
CA ASP A 70 -58.53 -31.76 31.87
C ASP A 70 -57.70 -32.48 32.92
N ALA A 71 -58.34 -33.35 33.71
CA ALA A 71 -57.64 -34.03 34.78
C ALA A 71 -56.60 -35.04 34.33
N ALA A 72 -56.69 -35.49 33.09
CA ALA A 72 -55.80 -36.51 32.57
C ALA A 72 -54.66 -35.94 31.71
N ARG A 73 -54.99 -34.95 30.89
CA ARG A 73 -54.06 -34.44 29.86
CA ARG A 73 -54.03 -34.42 29.92
C ARG A 73 -54.20 -32.93 29.70
N GLY A 74 -53.04 -32.27 29.54
CA GLY A 74 -53.10 -30.82 29.36
C GLY A 74 -51.70 -30.26 29.27
N THR A 75 -51.64 -28.96 29.02
CA THR A 75 -50.40 -28.22 28.96
C THR A 75 -50.37 -27.29 30.15
N VAL A 76 -49.32 -27.42 30.97
CA VAL A 76 -49.13 -26.56 32.12
C VAL A 76 -48.13 -25.46 31.72
N LEU A 77 -48.55 -24.23 32.00
CA LEU A 77 -47.69 -23.04 31.72
C LEU A 77 -47.17 -22.49 33.02
N THR A 78 -45.88 -22.13 33.03
CA THR A 78 -45.21 -21.67 34.23
C THR A 78 -44.43 -20.38 33.97
N GLU A 79 -44.45 -19.46 34.95
CA GLU A 79 -43.53 -18.31 34.92
C GLU A 79 -42.64 -18.44 36.12
N ARG A 80 -41.32 -18.47 35.89
CA ARG A 80 -40.32 -18.89 36.89
C ARG A 80 -39.12 -17.97 36.92
N THR A 81 -38.42 -17.99 38.06
CA THR A 81 -37.01 -17.55 38.12
C THR A 81 -36.27 -18.77 38.61
N ASP A 82 -35.41 -19.30 37.76
CA ASP A 82 -34.67 -20.50 38.12
C ASP A 82 -33.36 -20.07 38.77
N ARG A 83 -33.27 -20.27 40.09
CA ARG A 83 -32.07 -19.88 40.86
CA ARG A 83 -32.07 -19.89 40.85
C ARG A 83 -31.27 -21.13 41.21
N PHE A 84 -29.97 -21.02 41.06
CA PHE A 84 -29.08 -22.12 41.43
C PHE A 84 -27.98 -21.54 42.31
N THR A 85 -27.69 -22.12 43.45
CA THR A 85 -26.43 -21.80 44.08
CA THR A 85 -26.43 -21.79 44.08
C THR A 85 -25.45 -22.81 43.55
N LEU A 86 -24.42 -22.26 42.92
CA LEU A 86 -23.36 -23.04 42.32
C LEU A 86 -22.33 -23.38 43.38
N ALA A 87 -21.68 -24.52 43.15
CA ALA A 87 -20.62 -25.01 44.03
C ALA A 87 -19.56 -23.95 44.41
N ASP A 88 -19.41 -22.90 43.58
CA ASP A 88 -18.48 -21.80 43.88
C ASP A 88 -19.06 -20.66 44.77
N GLY A 89 -20.32 -20.82 45.16
CA GLY A 89 -20.97 -19.84 46.04
C GLY A 89 -21.81 -18.80 45.32
N ARG A 90 -21.51 -18.57 44.03
CA ARG A 90 -22.24 -17.53 43.28
CA ARG A 90 -22.21 -17.56 43.20
C ARG A 90 -23.63 -18.04 42.89
N THR A 91 -24.54 -17.10 42.63
CA THR A 91 -25.91 -17.48 42.28
C THR A 91 -26.22 -17.20 40.81
N LEU A 92 -26.64 -18.25 40.11
CA LEU A 92 -27.24 -18.16 38.78
CA LEU A 92 -27.26 -18.16 38.77
C LEU A 92 -28.71 -17.86 39.04
N ALA A 93 -29.30 -16.93 38.29
CA ALA A 93 -30.72 -16.64 38.42
C ALA A 93 -31.29 -16.30 37.04
N ILE A 94 -32.08 -17.20 36.45
CA ILE A 94 -32.54 -17.07 35.06
CA ILE A 94 -32.54 -16.98 35.09
C ILE A 94 -34.05 -16.96 35.03
N ARG A 95 -34.54 -15.88 34.45
CA ARG A 95 -35.99 -15.68 34.25
C ARG A 95 -36.41 -16.58 33.09
N VAL A 96 -37.47 -17.39 33.31
CA VAL A 96 -37.80 -18.43 32.33
C VAL A 96 -39.31 -18.68 32.39
N MET A 97 -39.98 -18.77 31.22
CA MET A 97 -41.31 -19.37 31.22
C MET A 97 -41.22 -20.73 30.57
N GLY A 98 -42.02 -21.67 31.08
CA GLY A 98 -41.95 -23.03 30.60
C GLY A 98 -43.30 -23.67 30.37
N ALA A 99 -43.43 -24.44 29.29
CA ALA A 99 -44.66 -25.17 28.96
C ALA A 99 -44.37 -26.63 29.11
N PHE A 100 -45.27 -27.35 29.82
CA PHE A 100 -45.10 -28.79 29.99
C PHE A 100 -46.34 -29.48 29.48
N ASP A 101 -46.18 -30.44 28.55
CA ASP A 101 -47.30 -31.24 28.09
C ASP A 101 -47.33 -32.49 28.98
N VAL A 102 -48.50 -32.78 29.54
CA VAL A 102 -48.62 -33.93 30.48
C VAL A 102 -49.73 -34.83 29.99
N ALA A 103 -49.45 -36.13 29.97
CA ALA A 103 -50.50 -37.14 29.77
C ALA A 103 -50.37 -38.21 30.82
N ASP A 104 -51.45 -38.39 31.59
CA ASP A 104 -51.53 -39.49 32.58
C ASP A 104 -50.35 -39.48 33.56
N GLY A 105 -50.05 -38.30 34.10
CA GLY A 105 -49.01 -38.19 35.12
C GLY A 105 -47.55 -38.25 34.64
N SER A 106 -47.37 -38.12 33.32
CA SER A 106 -46.04 -38.14 32.70
C SER A 106 -45.85 -36.92 31.77
N ILE A 107 -44.72 -36.26 31.92
CA ILE A 107 -44.36 -35.06 31.11
C ILE A 107 -43.81 -35.58 29.78
N THR A 108 -44.58 -35.33 28.71
CA THR A 108 -44.23 -35.80 27.36
C THR A 108 -43.33 -34.75 26.65
N ALA A 109 -43.42 -33.51 27.09
CA ALA A 109 -42.60 -32.43 26.48
C ALA A 109 -42.48 -31.31 27.46
N TRP A 110 -41.30 -30.67 27.46
CA TRP A 110 -40.98 -29.59 28.38
C TRP A 110 -40.24 -28.55 27.53
N ARG A 111 -40.87 -27.39 27.39
CA ARG A 111 -40.33 -26.31 26.54
C ARG A 111 -40.04 -25.09 27.40
N ASP A 112 -38.75 -24.70 27.51
CA ASP A 112 -38.36 -23.56 28.37
C ASP A 112 -37.87 -22.40 27.47
N TYR A 113 -38.40 -21.23 27.78
CA TYR A 113 -38.17 -19.97 27.02
C TYR A 113 -37.42 -19.01 27.92
N PHE A 114 -36.21 -18.64 27.47
CA PHE A 114 -35.36 -17.73 28.24
C PHE A 114 -34.31 -17.21 27.24
N ASP A 115 -33.52 -16.27 27.74
CA ASP A 115 -32.45 -15.67 26.94
C ASP A 115 -31.13 -16.41 27.13
N LEU A 116 -30.60 -16.98 26.05
CA LEU A 116 -29.35 -17.75 26.09
C LEU A 116 -28.16 -16.84 26.44
N GLY A 117 -28.14 -15.63 25.91
CA GLY A 117 -27.04 -14.70 26.29
C GLY A 117 -26.94 -14.43 27.79
N GLN A 118 -28.07 -14.22 28.45
CA GLN A 118 -28.12 -14.02 29.89
C GLN A 118 -27.60 -15.23 30.62
N PHE A 119 -28.01 -16.43 30.20
CA PHE A 119 -27.57 -17.69 30.83
C PHE A 119 -26.05 -17.85 30.72
N MET A 120 -25.54 -17.76 29.49
CA MET A 120 -24.10 -17.93 29.25
CA MET A 120 -24.10 -17.92 29.22
C MET A 120 -23.27 -16.90 30.01
N ALA A 121 -23.74 -15.65 30.06
CA ALA A 121 -23.01 -14.60 30.75
C ALA A 121 -22.94 -14.83 32.26
N GLN A 122 -24.01 -15.36 32.85
CA GLN A 122 -24.02 -15.69 34.28
C GLN A 122 -23.13 -16.91 34.57
N MET A 123 -22.87 -17.71 33.51
CA MET A 123 -21.93 -18.85 33.50
CA MET A 123 -21.93 -18.83 33.57
C MET A 123 -20.49 -18.45 33.18
N ALA A 124 -20.24 -17.15 32.97
CA ALA A 124 -18.89 -16.66 32.57
C ALA A 124 -17.85 -16.85 33.68
N PRO A 125 -16.59 -17.18 33.31
CA PRO A 125 -15.51 -17.40 34.30
C PRO A 125 -15.13 -16.13 35.05
N MET B 1 -65.17 -8.18 31.11
CA MET B 1 -64.25 -9.09 30.36
CA MET B 1 -64.27 -9.11 30.37
C MET B 1 -63.33 -9.79 31.35
N THR B 2 -63.14 -11.11 31.19
CA THR B 2 -62.23 -11.86 32.07
C THR B 2 -60.77 -11.57 31.69
N PRO B 3 -59.84 -11.91 32.58
CA PRO B 3 -58.41 -11.82 32.20
C PRO B 3 -58.12 -12.57 30.91
N LEU B 4 -58.64 -13.79 30.78
CA LEU B 4 -58.39 -14.59 29.57
C LEU B 4 -58.97 -13.87 28.33
N GLU B 5 -60.23 -13.41 28.43
CA GLU B 5 -60.86 -12.74 27.28
C GLU B 5 -60.11 -11.48 26.84
N THR B 6 -59.64 -10.72 27.82
CA THR B 6 -58.88 -9.51 27.59
C THR B 6 -57.62 -9.79 26.75
N VAL B 7 -56.85 -10.80 27.14
CA VAL B 7 -55.66 -11.22 26.38
C VAL B 7 -55.99 -11.73 25.00
N GLN B 8 -57.06 -12.55 24.88
CA GLN B 8 -57.51 -13.05 23.58
C GLN B 8 -57.84 -11.88 22.64
N LEU B 9 -58.55 -10.88 23.17
CA LEU B 9 -58.89 -9.68 22.39
C LEU B 9 -57.65 -8.88 21.99
N PHE B 10 -56.72 -8.73 22.92
CA PHE B 10 -55.46 -8.05 22.61
C PHE B 10 -54.76 -8.73 21.43
N LEU B 11 -54.60 -10.05 21.53
CA LEU B 11 -53.92 -10.80 20.47
C LEU B 11 -54.66 -10.74 19.11
N ALA B 12 -56.00 -10.82 19.15
CA ALA B 12 -56.81 -10.69 17.94
C ALA B 12 -56.61 -9.34 17.28
N ARG B 13 -56.52 -8.29 18.10
CA ARG B 13 -56.29 -6.94 17.57
C ARG B 13 -54.87 -6.79 16.98
N VAL B 14 -53.87 -7.37 17.63
CA VAL B 14 -52.52 -7.44 17.06
C VAL B 14 -52.53 -8.15 15.72
N ASN B 15 -53.23 -9.29 15.64
CA ASN B 15 -53.28 -10.12 14.44
C ASN B 15 -53.99 -9.41 13.27
N ALA B 16 -54.71 -8.37 13.59
CA ALA B 16 -55.43 -7.56 12.60
C ALA B 16 -54.58 -6.37 12.15
N LEU B 17 -53.33 -6.29 12.64
CA LEU B 17 -52.44 -5.15 12.40
CA LEU B 17 -52.43 -5.16 12.40
C LEU B 17 -53.03 -3.87 12.99
N ASP B 18 -53.91 -4.03 13.99
CA ASP B 18 -54.55 -2.90 14.69
C ASP B 18 -53.80 -2.54 15.96
N LEU B 19 -52.67 -1.84 15.80
CA LEU B 19 -51.84 -1.62 16.97
CA LEU B 19 -51.76 -1.49 16.91
C LEU B 19 -52.45 -0.61 17.95
N ASP B 20 -53.21 0.37 17.46
CA ASP B 20 -53.91 1.31 18.35
C ASP B 20 -55.02 0.67 19.21
N GLY B 21 -55.85 -0.18 18.60
CA GLY B 21 -56.86 -0.94 19.35
C GLY B 21 -56.22 -1.91 20.35
N ALA B 22 -55.13 -2.58 19.94
CA ALA B 22 -54.42 -3.52 20.84
C ALA B 22 -53.89 -2.73 22.02
N CYS B 23 -53.23 -1.59 21.74
CA CYS B 23 -52.62 -0.83 22.84
C CYS B 23 -53.64 -0.20 23.75
N ALA B 24 -54.86 0.03 23.26
CA ALA B 24 -55.92 0.53 24.14
C ALA B 24 -56.22 -0.40 25.32
N LEU B 25 -55.92 -1.69 25.17
CA LEU B 25 -56.21 -2.64 26.22
C LEU B 25 -55.09 -2.73 27.23
N LEU B 26 -53.96 -2.07 26.92
CA LEU B 26 -52.86 -1.95 27.90
C LEU B 26 -53.18 -0.80 28.80
N ALA B 27 -52.95 -0.97 30.10
CA ALA B 27 -53.11 0.16 31.04
C ALA B 27 -52.20 1.34 30.62
N GLU B 28 -52.62 2.56 30.96
CA GLU B 28 -51.84 3.76 30.59
C GLU B 28 -50.42 3.69 31.12
N ASP B 29 -50.29 3.10 32.30
CA ASP B 29 -49.00 2.87 32.94
CA ASP B 29 -49.00 2.87 32.94
C ASP B 29 -48.58 1.39 32.86
N VAL B 30 -48.92 0.71 31.77
CA VAL B 30 -48.52 -0.70 31.56
C VAL B 30 -46.98 -0.88 31.76
N VAL B 31 -46.59 -1.97 32.43
CA VAL B 31 -45.19 -2.35 32.47
C VAL B 31 -44.99 -3.36 31.37
N TYR B 32 -44.31 -2.97 30.31
CA TYR B 32 -44.08 -3.85 29.16
C TYR B 32 -42.63 -4.33 29.19
N ASP B 33 -42.48 -5.57 29.66
CA ASP B 33 -41.16 -6.17 29.96
C ASP B 33 -40.84 -7.26 28.95
N ASN B 34 -40.16 -6.92 27.86
CA ASN B 34 -39.50 -7.88 27.03
C ASN B 34 -38.28 -8.30 27.80
N VAL B 35 -38.34 -9.48 28.38
CA VAL B 35 -37.37 -9.90 29.43
C VAL B 35 -35.89 -9.61 29.08
N PRO B 36 -35.41 -9.96 27.85
CA PRO B 36 -33.99 -9.67 27.55
C PRO B 36 -33.72 -8.25 26.99
N MET B 37 -34.68 -7.34 27.17
CA MET B 37 -34.61 -5.99 26.61
CA MET B 37 -34.62 -5.97 26.63
C MET B 37 -34.90 -4.92 27.68
N PRO B 38 -34.61 -3.60 27.38
CA PRO B 38 -35.01 -2.62 28.37
C PRO B 38 -36.52 -2.61 28.57
N THR B 39 -36.95 -2.34 29.79
CA THR B 39 -38.36 -2.29 30.12
C THR B 39 -39.00 -1.03 29.55
N VAL B 40 -40.24 -1.17 29.09
CA VAL B 40 -40.94 -0.07 28.48
C VAL B 40 -42.07 0.27 29.45
N HIS B 41 -42.21 1.56 29.76
CA HIS B 41 -43.23 1.98 30.68
C HIS B 41 -44.26 2.87 29.99
N GLY B 42 -45.53 2.45 30.10
CA GLY B 42 -46.68 3.23 29.63
C GLY B 42 -47.21 2.86 28.26
N ARG B 43 -48.52 3.09 28.04
CA ARG B 43 -49.17 2.76 26.75
C ARG B 43 -48.48 3.37 25.51
N ALA B 44 -48.18 4.68 25.59
CA ALA B 44 -47.54 5.44 24.49
C ALA B 44 -46.21 4.86 24.07
N ALA B 45 -45.35 4.59 25.06
CA ALA B 45 -44.04 4.01 24.83
C ALA B 45 -44.16 2.59 24.30
N ALA B 46 -45.16 1.82 24.77
CA ALA B 46 -45.41 0.49 24.19
C ALA B 46 -45.82 0.56 22.73
N ARG B 47 -46.73 1.48 22.43
CA ARG B 47 -47.21 1.73 21.07
CA ARG B 47 -47.20 1.72 21.07
C ARG B 47 -46.04 2.12 20.17
N ALA B 48 -45.22 3.07 20.64
CA ALA B 48 -44.04 3.52 19.89
C ALA B 48 -43.06 2.37 19.65
N PHE B 49 -42.85 1.55 20.69
CA PHE B 49 -41.91 0.45 20.63
C PHE B 49 -42.31 -0.57 19.59
N LEU B 50 -43.61 -0.93 19.60
CA LEU B 50 -44.13 -1.87 18.63
C LEU B 50 -44.10 -1.31 17.21
N SER B 51 -44.27 0.01 17.06
CA SER B 51 -44.17 0.67 15.75
C SER B 51 -42.75 0.67 15.13
N GLN B 52 -41.73 0.39 15.94
CA GLN B 52 -40.32 0.26 15.49
CA GLN B 52 -40.37 0.34 15.40
C GLN B 52 -40.14 -0.91 14.54
N LEU B 53 -41.07 -1.89 14.65
CA LEU B 53 -41.09 -3.03 13.75
CA LEU B 53 -41.10 -3.04 13.75
C LEU B 53 -41.88 -2.69 12.48
N PRO B 54 -41.17 -2.62 11.31
CA PRO B 54 -41.92 -2.26 10.11
C PRO B 54 -42.64 -3.47 9.49
N ALA B 55 -43.63 -3.97 10.24
CA ALA B 55 -44.36 -5.18 9.87
C ALA B 55 -45.57 -4.83 9.02
N THR B 56 -45.75 -5.59 7.95
CA THR B 56 -46.91 -5.42 7.06
C THR B 56 -47.93 -6.55 7.24
N ALA B 57 -47.51 -7.66 7.86
CA ALA B 57 -48.44 -8.73 8.21
C ALA B 57 -47.96 -9.29 9.54
N ILE B 58 -48.91 -9.69 10.38
CA ILE B 58 -48.62 -10.22 11.73
CA ILE B 58 -48.59 -10.24 11.70
C ILE B 58 -49.45 -11.49 11.90
N ASP B 59 -48.84 -12.56 12.43
CA ASP B 59 -49.59 -13.74 12.81
C ASP B 59 -48.96 -14.27 14.12
N TRP B 60 -49.51 -13.85 15.24
CA TRP B 60 -49.08 -14.36 16.54
C TRP B 60 -50.02 -15.51 16.87
N GLU B 61 -49.44 -16.71 16.82
CA GLU B 61 -50.17 -17.96 17.05
C GLU B 61 -50.16 -18.24 18.53
N THR B 62 -51.34 -18.50 19.09
CA THR B 62 -51.47 -18.87 20.50
C THR B 62 -51.56 -20.39 20.57
N HIS B 63 -50.48 -21.06 20.98
CA HIS B 63 -50.46 -22.51 21.07
C HIS B 63 -51.13 -23.00 22.33
N ALA B 64 -51.04 -22.23 23.41
CA ALA B 64 -51.65 -22.59 24.70
C ALA B 64 -51.88 -21.33 25.46
N ILE B 65 -52.96 -21.30 26.21
CA ILE B 65 -53.33 -20.14 27.01
C ILE B 65 -54.08 -20.61 28.24
N ALA B 66 -53.74 -20.07 29.40
CA ALA B 66 -54.42 -20.46 30.65
C ALA B 66 -54.23 -19.36 31.67
N ALA B 67 -55.20 -19.18 32.55
CA ALA B 67 -55.16 -18.08 33.50
C ALA B 67 -55.25 -18.52 34.93
N THR B 68 -54.59 -17.76 35.78
CA THR B 68 -54.73 -17.80 37.24
C THR B 68 -55.80 -16.77 37.62
N GLY B 69 -56.19 -16.79 38.88
CA GLY B 69 -57.07 -15.74 39.42
C GLY B 69 -58.56 -16.01 39.22
N ASP B 70 -59.33 -14.95 39.02
CA ASP B 70 -60.76 -15.06 38.96
C ASP B 70 -61.31 -14.28 37.77
N ALA B 71 -62.63 -14.00 37.77
CA ALA B 71 -63.30 -13.40 36.62
C ALA B 71 -62.85 -11.97 36.35
N ALA B 72 -62.30 -11.33 37.39
CA ALA B 72 -61.95 -9.93 37.33
C ALA B 72 -60.46 -9.66 37.19
N ARG B 73 -59.64 -10.44 37.90
CA ARG B 73 -58.19 -10.21 38.07
CA ARG B 73 -58.20 -10.22 37.94
C ARG B 73 -57.40 -11.52 37.97
N GLY B 74 -56.26 -11.50 37.28
CA GLY B 74 -55.39 -12.68 37.26
C GLY B 74 -54.25 -12.50 36.30
N THR B 75 -53.46 -13.56 36.16
CA THR B 75 -52.32 -13.60 35.26
C THR B 75 -52.61 -14.65 34.21
N VAL B 76 -52.55 -14.22 32.95
CA VAL B 76 -52.84 -15.09 31.84
C VAL B 76 -51.48 -15.49 31.23
N LEU B 77 -51.23 -16.79 31.13
CA LEU B 77 -49.98 -17.29 30.59
C LEU B 77 -50.21 -17.79 29.19
N THR B 78 -49.27 -17.52 28.27
CA THR B 78 -49.40 -17.85 26.85
C THR B 78 -48.15 -18.50 26.34
N GLU B 79 -48.31 -19.42 25.41
CA GLU B 79 -47.21 -19.97 24.64
C GLU B 79 -47.51 -19.67 23.21
N ARG B 80 -46.60 -18.98 22.52
CA ARG B 80 -46.89 -18.39 21.19
C ARG B 80 -45.76 -18.61 20.21
N THR B 81 -46.07 -18.49 18.92
CA THR B 81 -45.02 -18.18 17.94
C THR B 81 -45.46 -16.88 17.27
N ASP B 82 -44.60 -15.86 17.37
CA ASP B 82 -44.94 -14.53 16.86
C ASP B 82 -44.29 -14.41 15.49
N ARG B 83 -45.12 -14.47 14.45
CA ARG B 83 -44.66 -14.41 13.07
CA ARG B 83 -44.64 -14.39 13.08
C ARG B 83 -44.99 -13.03 12.49
N PHE B 84 -44.08 -12.49 11.67
CA PHE B 84 -44.29 -11.19 11.01
C PHE B 84 -43.81 -11.24 9.58
N THR B 85 -44.45 -10.44 8.72
CA THR B 85 -43.85 -10.13 7.41
C THR B 85 -43.43 -8.67 7.53
N LEU B 86 -42.18 -8.38 7.21
CA LEU B 86 -41.68 -7.01 7.29
C LEU B 86 -41.74 -6.33 5.91
N ALA B 87 -41.62 -4.99 5.91
CA ALA B 87 -41.64 -4.14 4.71
C ALA B 87 -40.72 -4.58 3.57
N ASP B 88 -39.54 -5.09 3.89
CA ASP B 88 -38.62 -5.62 2.88
C ASP B 88 -38.99 -7.01 2.34
N GLY B 89 -40.10 -7.57 2.83
CA GLY B 89 -40.62 -8.88 2.40
C GLY B 89 -40.17 -10.08 3.22
N ARG B 90 -39.23 -9.88 4.14
CA ARG B 90 -38.73 -10.97 4.99
C ARG B 90 -39.78 -11.41 6.01
N THR B 91 -39.62 -12.67 6.42
CA THR B 91 -40.42 -13.25 7.50
CA THR B 91 -40.43 -13.23 7.50
C THR B 91 -39.57 -13.31 8.75
N LEU B 92 -40.19 -12.97 9.88
CA LEU B 92 -39.62 -13.11 11.22
CA LEU B 92 -39.63 -13.07 11.22
C LEU B 92 -40.52 -14.07 11.96
N ALA B 93 -39.93 -14.95 12.78
CA ALA B 93 -40.75 -15.88 13.60
C ALA B 93 -39.98 -16.13 14.88
N ILE B 94 -40.57 -15.76 15.99
CA ILE B 94 -39.94 -15.87 17.31
CA ILE B 94 -39.90 -15.98 17.26
C ILE B 94 -40.84 -16.67 18.22
N ARG B 95 -40.31 -17.77 18.76
CA ARG B 95 -41.06 -18.57 19.78
C ARG B 95 -40.95 -17.81 21.10
N VAL B 96 -42.07 -17.60 21.78
CA VAL B 96 -42.15 -16.71 22.93
C VAL B 96 -43.27 -17.16 23.88
N MET B 97 -43.01 -17.08 25.19
CA MET B 97 -44.06 -17.23 26.16
C MET B 97 -44.26 -15.92 26.83
N GLY B 98 -45.50 -15.60 27.15
CA GLY B 98 -45.81 -14.32 27.76
C GLY B 98 -46.75 -14.41 28.90
N ALA B 99 -46.51 -13.60 29.91
CA ALA B 99 -47.41 -13.51 31.04
C ALA B 99 -48.05 -12.15 31.01
N PHE B 100 -49.37 -12.12 31.14
CA PHE B 100 -50.13 -10.87 31.13
C PHE B 100 -50.89 -10.73 32.43
N ASP B 101 -50.62 -9.67 33.20
CA ASP B 101 -51.42 -9.37 34.38
C ASP B 101 -52.60 -8.51 33.94
N VAL B 102 -53.81 -8.92 34.33
CA VAL B 102 -55.03 -8.22 33.89
C VAL B 102 -55.83 -7.85 35.12
N ALA B 103 -56.36 -6.62 35.12
CA ALA B 103 -57.24 -6.17 36.18
C ALA B 103 -58.41 -5.43 35.51
N ASP B 104 -59.60 -5.97 35.68
CA ASP B 104 -60.82 -5.40 35.09
C ASP B 104 -60.72 -5.01 33.61
N GLY B 105 -60.25 -5.94 32.79
CA GLY B 105 -60.29 -5.76 31.36
C GLY B 105 -59.16 -4.89 30.82
N SER B 106 -58.12 -4.67 31.64
CA SER B 106 -56.95 -3.85 31.28
C SER B 106 -55.65 -4.61 31.65
N ILE B 107 -54.74 -4.72 30.67
CA ILE B 107 -53.45 -5.39 30.88
CA ILE B 107 -53.43 -5.37 30.85
C ILE B 107 -52.53 -4.43 31.63
N THR B 108 -52.23 -4.76 32.89
CA THR B 108 -51.36 -3.87 33.72
C THR B 108 -49.86 -4.17 33.55
N ALA B 109 -49.54 -5.39 33.16
CA ALA B 109 -48.17 -5.78 32.92
C ALA B 109 -48.13 -6.89 31.90
N TRP B 110 -47.10 -6.87 31.06
CA TRP B 110 -46.94 -7.84 29.98
C TRP B 110 -45.47 -8.20 29.95
N ARG B 111 -45.16 -9.48 30.19
CA ARG B 111 -43.76 -9.95 30.27
C ARG B 111 -43.59 -11.04 29.28
N ASP B 112 -42.77 -10.78 28.26
CA ASP B 112 -42.51 -11.71 27.17
C ASP B 112 -41.12 -12.32 27.31
N TYR B 113 -41.04 -13.64 27.17
CA TYR B 113 -39.83 -14.40 27.42
C TYR B 113 -39.41 -15.06 26.14
N PHE B 114 -38.25 -14.66 25.60
CA PHE B 114 -37.75 -15.19 24.37
C PHE B 114 -36.23 -14.97 24.33
N ASP B 115 -35.60 -15.48 23.29
CA ASP B 115 -34.17 -15.33 23.12
C ASP B 115 -33.87 -14.11 22.23
N LEU B 116 -33.12 -13.16 22.78
CA LEU B 116 -32.78 -11.94 22.04
C LEU B 116 -31.89 -12.26 20.82
N GLY B 117 -30.97 -13.21 20.98
CA GLY B 117 -30.11 -13.67 19.85
C GLY B 117 -30.92 -14.12 18.62
N GLN B 118 -31.95 -14.92 18.84
CA GLN B 118 -32.80 -15.36 17.74
C GLN B 118 -33.52 -14.16 17.09
N PHE B 119 -33.94 -13.17 17.87
CA PHE B 119 -34.65 -11.99 17.34
C PHE B 119 -33.67 -11.17 16.52
N MET B 120 -32.51 -10.89 17.10
CA MET B 120 -31.53 -10.01 16.45
CA MET B 120 -31.46 -10.07 16.49
C MET B 120 -31.03 -10.64 15.15
N ALA B 121 -30.87 -11.96 15.10
CA ALA B 121 -30.42 -12.66 13.89
C ALA B 121 -31.40 -12.48 12.71
N GLN B 122 -32.68 -12.53 13.02
CA GLN B 122 -33.65 -12.40 11.94
C GLN B 122 -33.87 -10.95 11.50
N MET B 123 -33.49 -10.00 12.36
CA MET B 123 -33.64 -8.55 12.11
C MET B 123 -32.45 -7.87 11.40
N ALA B 124 -31.46 -8.67 11.04
CA ALA B 124 -30.20 -8.17 10.48
C ALA B 124 -30.38 -7.64 9.05
N PRO B 125 -29.59 -6.60 8.65
CA PRO B 125 -29.60 -6.12 7.26
C PRO B 125 -29.39 -7.25 6.24
N SER B 126 -30.01 -7.09 5.07
CA SER B 126 -30.01 -8.12 4.02
C SER B 126 -28.60 -8.47 3.53
N PRO B 127 -28.22 -9.77 3.55
CA PRO B 127 -26.90 -10.34 3.19
C PRO B 127 -26.16 -9.59 2.07
N MET C 1 -0.52 -22.74 -10.97
CA MET C 1 0.29 -21.53 -10.62
C MET C 1 -0.01 -20.50 -11.70
N THR C 2 -0.36 -19.29 -11.30
CA THR C 2 -0.79 -18.27 -12.28
C THR C 2 0.45 -17.67 -12.96
N PRO C 3 0.20 -17.04 -14.12
CA PRO C 3 1.34 -16.31 -14.75
C PRO C 3 2.02 -15.34 -13.77
N LEU C 4 1.23 -14.50 -13.08
CA LEU C 4 1.79 -13.58 -12.07
C LEU C 4 2.64 -14.31 -11.01
N GLU C 5 2.06 -15.38 -10.45
CA GLU C 5 2.77 -16.13 -9.43
C GLU C 5 4.08 -16.74 -9.93
N THR C 6 4.07 -17.21 -11.19
CA THR C 6 5.25 -17.84 -11.75
C THR C 6 6.42 -16.84 -11.83
N VAL C 7 6.09 -15.61 -12.26
CA VAL C 7 7.11 -14.55 -12.31
C VAL C 7 7.53 -14.09 -10.91
N GLN C 8 6.56 -13.96 -10.00
CA GLN C 8 6.90 -13.60 -8.60
C GLN C 8 7.85 -14.67 -7.99
N LEU C 9 7.56 -15.95 -8.24
CA LEU C 9 8.41 -17.03 -7.71
C LEU C 9 9.79 -17.03 -8.35
N PHE C 10 9.83 -16.80 -9.66
CA PHE C 10 11.09 -16.65 -10.35
C PHE C 10 11.95 -15.54 -9.75
N LEU C 11 11.39 -14.35 -9.62
CA LEU C 11 12.12 -13.24 -9.03
C LEU C 11 12.55 -13.51 -7.58
N ALA C 12 11.67 -14.18 -6.81
CA ALA C 12 12.01 -14.58 -5.40
C ALA C 12 13.22 -15.51 -5.41
N ARG C 13 13.25 -16.45 -6.35
CA ARG C 13 14.39 -17.36 -6.41
C ARG C 13 15.67 -16.68 -6.85
N VAL C 14 15.59 -15.75 -7.80
CA VAL C 14 16.76 -14.95 -8.20
C VAL C 14 17.29 -14.17 -6.98
N ASN C 15 16.38 -13.60 -6.23
CA ASN C 15 16.74 -12.80 -5.06
C ASN C 15 17.34 -13.58 -3.93
N ALA C 16 17.14 -14.90 -3.98
CA ALA C 16 17.78 -15.81 -3.02
C ALA C 16 19.07 -16.41 -3.56
N LEU C 17 19.54 -15.92 -4.71
CA LEU C 17 20.72 -16.44 -5.40
C LEU C 17 20.57 -17.91 -5.77
N ASP C 18 19.31 -18.35 -5.87
CA ASP C 18 18.97 -19.71 -6.30
C ASP C 18 18.80 -19.73 -7.82
N LEU C 19 19.92 -19.66 -8.52
CA LEU C 19 19.85 -19.56 -9.97
CA LEU C 19 19.98 -19.61 -9.99
C LEU C 19 19.34 -20.85 -10.61
N ASP C 20 19.65 -22.03 -10.07
CA ASP C 20 19.06 -23.27 -10.57
C ASP C 20 17.51 -23.34 -10.40
N GLY C 21 17.00 -22.90 -9.24
CA GLY C 21 15.57 -22.95 -8.98
C GLY C 21 14.84 -21.94 -9.85
N ALA C 22 15.46 -20.77 -9.99
CA ALA C 22 14.90 -19.74 -10.89
C ALA C 22 14.84 -20.28 -12.32
N CYS C 23 15.96 -20.83 -12.80
CA CYS C 23 15.99 -21.34 -14.18
C CYS C 23 15.07 -22.53 -14.43
N ALA C 24 14.72 -23.27 -13.38
CA ALA C 24 13.80 -24.37 -13.51
C ALA C 24 12.39 -23.87 -13.95
N LEU C 25 12.06 -22.62 -13.62
CA LEU C 25 10.76 -22.07 -14.00
C LEU C 25 10.73 -21.55 -15.45
N LEU C 26 11.92 -21.49 -16.08
CA LEU C 26 11.98 -21.17 -17.51
C LEU C 26 11.70 -22.44 -18.31
N ALA C 27 10.99 -22.32 -19.40
CA ALA C 27 10.84 -23.47 -20.34
C ALA C 27 12.22 -23.96 -20.80
N GLU C 28 12.27 -25.27 -21.13
CA GLU C 28 13.49 -25.86 -21.63
CA GLU C 28 13.54 -25.84 -21.59
C GLU C 28 14.05 -25.10 -22.86
N ASP C 29 13.11 -24.63 -23.70
CA ASP C 29 13.44 -23.83 -24.89
C ASP C 29 12.99 -22.37 -24.73
N VAL C 30 13.17 -21.83 -23.54
CA VAL C 30 12.81 -20.40 -23.31
C VAL C 30 13.54 -19.50 -24.31
N VAL C 31 12.84 -18.46 -24.75
CA VAL C 31 13.48 -17.34 -25.45
C VAL C 31 13.87 -16.29 -24.43
N TYR C 32 15.17 -16.14 -24.22
CA TYR C 32 15.64 -15.13 -23.23
C TYR C 32 16.27 -13.98 -24.00
N ASP C 33 15.48 -12.93 -24.16
CA ASP C 33 15.74 -11.80 -25.07
C ASP C 33 16.05 -10.54 -24.25
N ASN C 34 17.36 -10.36 -23.96
CA ASN C 34 17.82 -9.03 -23.48
C ASN C 34 17.83 -8.18 -24.73
N VAL C 35 16.95 -7.17 -24.81
CA VAL C 35 16.66 -6.51 -26.09
C VAL C 35 17.94 -5.97 -26.80
N PRO C 36 18.93 -5.40 -26.06
CA PRO C 36 20.11 -4.89 -26.83
C PRO C 36 21.26 -5.89 -26.91
N MET C 37 20.99 -7.17 -26.60
CA MET C 37 22.02 -8.22 -26.63
C MET C 37 21.57 -9.37 -27.56
N PRO C 38 22.51 -10.26 -27.97
CA PRO C 38 22.07 -11.47 -28.68
C PRO C 38 21.09 -12.27 -27.84
N THR C 39 20.11 -12.87 -28.51
CA THR C 39 19.14 -13.75 -27.82
C THR C 39 19.83 -15.01 -27.32
N VAL C 40 19.40 -15.44 -26.14
CA VAL C 40 19.86 -16.66 -25.48
C VAL C 40 18.74 -17.68 -25.58
N HIS C 41 19.08 -18.89 -26.10
CA HIS C 41 18.11 -19.91 -26.40
C HIS C 41 18.17 -21.06 -25.42
N GLY C 42 17.12 -21.18 -24.63
CA GLY C 42 16.93 -22.36 -23.79
C GLY C 42 17.39 -22.19 -22.35
N ARG C 43 16.83 -23.05 -21.50
CA ARG C 43 17.16 -23.01 -20.07
C ARG C 43 18.65 -23.14 -19.73
N ALA C 44 19.28 -24.14 -20.31
CA ALA C 44 20.68 -24.36 -20.02
C ALA C 44 21.59 -23.17 -20.41
N ALA C 45 21.34 -22.61 -21.59
CA ALA C 45 22.08 -21.43 -22.01
C ALA C 45 21.77 -20.22 -21.11
N ALA C 46 20.51 -20.05 -20.70
CA ALA C 46 20.12 -18.93 -19.81
C ALA C 46 20.87 -19.01 -18.48
N ARG C 47 20.96 -20.22 -17.96
CA ARG C 47 21.66 -20.46 -16.69
CA ARG C 47 21.66 -20.49 -16.71
C ARG C 47 23.14 -20.12 -16.86
N ALA C 48 23.73 -20.56 -17.97
CA ALA C 48 25.15 -20.24 -18.24
C ALA C 48 25.38 -18.72 -18.41
N PHE C 49 24.46 -18.07 -19.10
CA PHE C 49 24.59 -16.66 -19.36
C PHE C 49 24.52 -15.87 -18.04
N LEU C 50 23.59 -16.23 -17.16
CA LEU C 50 23.44 -15.56 -15.88
C LEU C 50 24.67 -15.75 -14.99
N SER C 51 25.31 -16.92 -15.13
CA SER C 51 26.49 -17.24 -14.32
CA SER C 51 26.51 -17.28 -14.36
C SER C 51 27.71 -16.43 -14.73
N GLN C 52 27.68 -15.79 -15.91
CA GLN C 52 28.78 -14.93 -16.37
CA GLN C 52 28.78 -14.92 -16.38
C GLN C 52 28.98 -13.68 -15.49
N LEU C 53 27.94 -13.29 -14.74
CA LEU C 53 28.08 -12.20 -13.78
CA LEU C 53 28.08 -12.20 -13.78
C LEU C 53 28.47 -12.76 -12.40
N PRO C 54 29.66 -12.39 -11.89
CA PRO C 54 30.07 -12.97 -10.61
C PRO C 54 29.45 -12.27 -9.40
N ALA C 55 28.16 -12.50 -9.18
CA ALA C 55 27.41 -11.80 -8.13
C ALA C 55 27.44 -12.56 -6.82
N THR C 56 27.76 -11.84 -5.74
CA THR C 56 27.73 -12.37 -4.39
C THR C 56 26.46 -11.99 -3.64
N ALA C 57 25.70 -11.03 -4.19
CA ALA C 57 24.42 -10.63 -3.65
C ALA C 57 23.60 -10.09 -4.85
N ILE C 58 22.28 -10.28 -4.77
CA ILE C 58 21.34 -9.88 -5.85
CA ILE C 58 21.36 -9.86 -5.84
C ILE C 58 20.08 -9.31 -5.21
N ASP C 59 19.63 -8.15 -5.72
CA ASP C 59 18.38 -7.54 -5.27
C ASP C 59 17.69 -6.94 -6.51
N TRP C 60 16.83 -7.74 -7.11
CA TRP C 60 15.98 -7.26 -8.21
C TRP C 60 14.69 -6.82 -7.56
N GLU C 61 14.48 -5.50 -7.56
CA GLU C 61 13.32 -4.91 -6.94
C GLU C 61 12.19 -4.67 -7.94
N THR C 62 10.98 -5.13 -7.60
CA THR C 62 9.82 -4.93 -8.44
C THR C 62 9.09 -3.70 -8.00
N HIS C 63 9.12 -2.69 -8.85
CA HIS C 63 8.33 -1.47 -8.60
C HIS C 63 6.88 -1.59 -8.97
N ALA C 64 6.57 -2.34 -10.04
CA ALA C 64 5.22 -2.51 -10.53
C ALA C 64 5.16 -3.84 -11.31
N ILE C 65 4.04 -4.51 -11.19
CA ILE C 65 3.85 -5.79 -11.87
C ILE C 65 2.39 -5.95 -12.19
N ALA C 66 2.11 -6.42 -13.40
CA ALA C 66 0.73 -6.64 -13.80
C ALA C 66 0.65 -7.66 -14.89
N ALA C 67 -0.42 -8.44 -14.91
CA ALA C 67 -0.50 -9.54 -15.87
C ALA C 67 -1.68 -9.41 -16.81
N THR C 68 -1.51 -9.90 -18.04
CA THR C 68 -2.60 -10.06 -19.02
C THR C 68 -3.01 -11.52 -18.97
N GLY C 69 -4.13 -11.85 -19.59
CA GLY C 69 -4.46 -13.26 -19.73
C GLY C 69 -5.34 -13.83 -18.62
N ASP C 70 -5.18 -15.11 -18.38
CA ASP C 70 -6.00 -15.82 -17.41
C ASP C 70 -5.15 -16.55 -16.39
N ALA C 71 -5.78 -17.38 -15.56
CA ALA C 71 -5.05 -18.06 -14.51
C ALA C 71 -4.03 -19.07 -15.00
N ALA C 72 -4.15 -19.50 -16.26
CA ALA C 72 -3.26 -20.51 -16.83
C ALA C 72 -2.16 -19.90 -17.73
N ARG C 73 -2.51 -18.88 -18.51
CA ARG C 73 -1.59 -18.37 -19.55
CA ARG C 73 -1.55 -18.35 -19.48
C ARG C 73 -1.72 -16.85 -19.63
N GLY C 74 -0.60 -16.16 -19.80
CA GLY C 74 -0.66 -14.70 -20.01
C GLY C 74 0.71 -14.11 -20.05
N THR C 75 0.75 -12.79 -20.23
CA THR C 75 2.03 -12.09 -20.28
C THR C 75 2.10 -11.21 -19.05
N VAL C 76 3.19 -11.34 -18.33
CA VAL C 76 3.36 -10.57 -17.08
C VAL C 76 4.36 -9.45 -17.43
N LEU C 77 3.97 -8.22 -17.13
CA LEU C 77 4.84 -7.06 -17.34
C LEU C 77 5.39 -6.57 -16.01
N THR C 78 6.65 -6.17 -16.01
CA THR C 78 7.34 -5.79 -14.75
C THR C 78 8.11 -4.52 -14.98
N GLU C 79 8.22 -3.71 -13.92
CA GLU C 79 9.10 -2.54 -13.88
C GLU C 79 10.02 -2.71 -12.67
N ARG C 80 11.33 -2.74 -12.92
CA ARG C 80 12.29 -3.19 -11.87
C ARG C 80 13.53 -2.32 -11.82
N THR C 81 14.29 -2.47 -10.72
CA THR C 81 15.69 -2.06 -10.70
C THR C 81 16.47 -3.30 -10.30
N ASP C 82 17.38 -3.75 -11.16
CA ASP C 82 18.08 -5.02 -10.92
C ASP C 82 19.42 -4.63 -10.32
N ARG C 83 19.61 -4.94 -9.03
CA ARG C 83 20.89 -4.65 -8.36
C ARG C 83 21.69 -5.92 -8.14
N PHE C 84 23.02 -5.82 -8.31
CA PHE C 84 23.94 -6.94 -8.12
C PHE C 84 25.12 -6.41 -7.35
N THR C 85 25.65 -7.21 -6.43
CA THR C 85 26.96 -6.91 -5.85
C THR C 85 27.89 -7.93 -6.42
N LEU C 86 28.98 -7.42 -6.97
CA LEU C 86 29.98 -8.21 -7.66
C LEU C 86 31.19 -8.54 -6.76
N ALA C 87 32.09 -9.36 -7.30
CA ALA C 87 33.35 -9.79 -6.67
C ALA C 87 34.20 -8.66 -6.05
N ASP C 88 34.21 -7.49 -6.69
CA ASP C 88 34.98 -6.33 -6.24
C ASP C 88 34.22 -5.41 -5.27
N GLY C 89 33.05 -5.82 -4.82
CA GLY C 89 32.21 -4.99 -3.95
C GLY C 89 31.42 -3.85 -4.60
N ARG C 90 31.66 -3.58 -5.89
CA ARG C 90 30.89 -2.57 -6.62
C ARG C 90 29.46 -3.08 -6.79
N THR C 91 28.52 -2.14 -6.79
CA THR C 91 27.13 -2.48 -6.99
C THR C 91 26.70 -2.04 -8.40
N LEU C 92 26.15 -2.99 -9.17
CA LEU C 92 25.41 -2.60 -10.40
C LEU C 92 23.98 -2.33 -10.01
N ALA C 93 23.36 -1.32 -10.64
CA ALA C 93 21.93 -1.10 -10.44
C ALA C 93 21.40 -0.68 -11.80
N ILE C 94 20.64 -1.61 -12.44
CA ILE C 94 20.17 -1.36 -13.81
C ILE C 94 18.63 -1.28 -13.80
N ARG C 95 18.12 -0.12 -14.21
CA ARG C 95 16.65 0.06 -14.39
C ARG C 95 16.23 -0.74 -15.65
N VAL C 96 15.19 -1.55 -15.48
CA VAL C 96 14.77 -2.47 -16.54
C VAL C 96 13.28 -2.72 -16.45
N MET C 97 12.64 -2.82 -17.63
CA MET C 97 11.28 -3.39 -17.67
C MET C 97 11.38 -4.75 -18.38
N GLY C 98 10.59 -5.69 -17.89
CA GLY C 98 10.62 -7.02 -18.51
C GLY C 98 9.23 -7.58 -18.74
N ALA C 99 9.06 -8.25 -19.88
CA ALA C 99 7.83 -8.99 -20.18
C ALA C 99 8.12 -10.49 -20.13
N PHE C 100 7.24 -11.21 -19.48
CA PHE C 100 7.40 -12.67 -19.34
C PHE C 100 6.15 -13.32 -19.88
N ASP C 101 6.28 -14.20 -20.87
CA ASP C 101 5.13 -15.01 -21.33
C ASP C 101 5.12 -16.31 -20.54
N VAL C 102 3.98 -16.61 -19.94
CA VAL C 102 3.91 -17.77 -19.04
C VAL C 102 2.76 -18.64 -19.54
N ALA C 103 3.01 -19.95 -19.57
CA ALA C 103 1.94 -20.93 -19.81
C ALA C 103 2.08 -22.09 -18.89
N ASP C 104 1.01 -22.32 -18.09
CA ASP C 104 0.97 -23.49 -17.19
C ASP C 104 2.21 -23.58 -16.27
N GLY C 105 2.55 -22.42 -15.69
CA GLY C 105 3.58 -22.35 -14.67
C GLY C 105 5.01 -22.38 -15.17
N SER C 106 5.19 -22.12 -16.48
CA SER C 106 6.51 -22.13 -17.12
C SER C 106 6.65 -20.86 -17.97
N ILE C 107 7.77 -20.19 -17.81
CA ILE C 107 8.10 -18.97 -18.56
C ILE C 107 8.63 -19.40 -19.93
N THR C 108 7.84 -19.13 -20.95
CA THR C 108 8.25 -19.51 -22.36
C THR C 108 9.10 -18.45 -23.02
N ALA C 109 9.00 -17.18 -22.55
CA ALA C 109 9.84 -16.10 -23.11
C ALA C 109 10.00 -15.03 -22.05
N TRP C 110 11.18 -14.42 -22.05
CA TRP C 110 11.57 -13.40 -21.05
C TRP C 110 12.26 -12.36 -21.83
N ARG C 111 11.65 -11.15 -21.88
CA ARG C 111 12.19 -10.03 -22.69
C ARG C 111 12.48 -8.85 -21.79
N ASP C 112 13.76 -8.55 -21.60
CA ASP C 112 14.15 -7.41 -20.73
C ASP C 112 14.64 -6.23 -21.57
N TYR C 113 14.18 -5.06 -21.17
CA TYR C 113 14.41 -3.79 -21.88
C TYR C 113 15.20 -2.86 -20.97
N PHE C 114 16.41 -2.52 -21.41
CA PHE C 114 17.30 -1.65 -20.59
C PHE C 114 18.32 -1.06 -21.55
N ASP C 115 19.18 -0.19 -21.01
CA ASP C 115 20.20 0.46 -21.83
C ASP C 115 21.55 -0.22 -21.67
N LEU C 116 22.07 -0.73 -22.79
CA LEU C 116 23.33 -1.47 -22.75
C LEU C 116 24.50 -0.56 -22.37
N GLY C 117 24.49 0.69 -22.83
CA GLY C 117 25.58 1.64 -22.45
C GLY C 117 25.72 1.80 -20.96
N GLN C 118 24.60 1.98 -20.28
CA GLN C 118 24.58 2.10 -18.84
C GLN C 118 25.15 0.86 -18.16
N PHE C 119 24.70 -0.33 -18.58
CA PHE C 119 25.22 -1.61 -18.08
C PHE C 119 26.74 -1.72 -18.28
N MET C 120 27.21 -1.47 -19.51
CA MET C 120 28.65 -1.59 -19.79
CA MET C 120 28.65 -1.53 -19.84
C MET C 120 29.47 -0.57 -18.99
N ALA C 121 28.95 0.65 -18.83
CA ALA C 121 29.65 1.69 -18.04
C ALA C 121 29.72 1.30 -16.57
N GLN C 122 28.69 0.67 -16.01
CA GLN C 122 28.74 0.23 -14.62
C GLN C 122 29.71 -0.94 -14.42
N MET C 123 30.02 -1.63 -15.52
CA MET C 123 31.00 -2.72 -15.48
CA MET C 123 31.00 -2.74 -15.62
C MET C 123 32.44 -2.24 -15.75
N ALA C 124 32.63 -0.95 -16.02
CA ALA C 124 33.98 -0.40 -16.30
C ALA C 124 34.92 -0.55 -15.11
N PRO C 125 36.15 -1.08 -15.33
CA PRO C 125 37.15 -1.04 -14.24
C PRO C 125 37.55 0.40 -13.84
N SER C 126 38.31 0.53 -12.74
CA SER C 126 38.90 1.81 -12.33
C SER C 126 40.30 1.63 -11.78
N MET D 1 -12.37 8.23 -17.35
CA MET D 1 -11.51 7.23 -18.05
CA MET D 1 -11.44 7.33 -18.09
C MET D 1 -10.58 6.58 -17.06
N THR D 2 -10.40 5.28 -17.23
CA THR D 2 -9.51 4.49 -16.39
C THR D 2 -8.05 4.74 -16.77
N PRO D 3 -7.11 4.31 -15.92
CA PRO D 3 -5.72 4.46 -16.31
C PRO D 3 -5.42 3.79 -17.67
N LEU D 4 -5.89 2.55 -17.84
CA LEU D 4 -5.63 1.83 -19.10
C LEU D 4 -6.22 2.58 -20.30
N GLU D 5 -7.45 3.03 -20.17
CA GLU D 5 -8.10 3.79 -21.25
C GLU D 5 -7.35 5.08 -21.58
N THR D 6 -6.85 5.80 -20.55
CA THR D 6 -6.12 7.01 -20.78
C THR D 6 -4.89 6.77 -21.62
N VAL D 7 -4.12 5.72 -21.26
CA VAL D 7 -2.91 5.40 -22.03
C VAL D 7 -3.23 4.91 -23.46
N GLN D 8 -4.29 4.14 -23.60
CA GLN D 8 -4.76 3.77 -24.97
C GLN D 8 -5.12 4.98 -25.80
N LEU D 9 -5.81 5.96 -25.18
CA LEU D 9 -6.15 7.18 -25.90
C LEU D 9 -4.91 8.02 -26.23
N PHE D 10 -3.96 8.12 -25.28
CA PHE D 10 -2.72 8.79 -25.55
C PHE D 10 -1.98 8.16 -26.76
N LEU D 11 -1.84 6.83 -26.73
CA LEU D 11 -1.09 6.17 -27.82
C LEU D 11 -1.83 6.31 -29.16
N ALA D 12 -3.17 6.30 -29.12
CA ALA D 12 -3.96 6.51 -30.34
C ALA D 12 -3.74 7.89 -30.89
N ARG D 13 -3.67 8.91 -30.02
CA ARG D 13 -3.41 10.24 -30.54
C ARG D 13 -2.00 10.39 -31.12
N VAL D 14 -1.01 9.77 -30.46
CA VAL D 14 0.34 9.80 -31.00
C VAL D 14 0.35 9.18 -32.40
N ASN D 15 -0.36 8.06 -32.52
CA ASN D 15 -0.45 7.32 -33.80
C ASN D 15 -1.14 8.11 -34.92
N ALA D 16 -1.97 9.05 -34.51
CA ALA D 16 -2.61 10.01 -35.43
C ALA D 16 -1.78 11.26 -35.73
N LEU D 17 -0.53 11.33 -35.23
CA LEU D 17 0.32 12.54 -35.32
CA LEU D 17 0.33 12.53 -35.32
C LEU D 17 -0.33 13.74 -34.64
N ASP D 18 -1.23 13.49 -33.70
CA ASP D 18 -1.94 14.53 -32.96
C ASP D 18 -1.11 14.81 -31.68
N LEU D 19 0.00 15.48 -31.87
CA LEU D 19 0.91 15.68 -30.75
CA LEU D 19 0.97 15.80 -30.80
C LEU D 19 0.30 16.61 -29.69
N ASP D 20 -0.46 17.62 -30.08
CA ASP D 20 -1.10 18.45 -29.07
C ASP D 20 -2.20 17.73 -28.29
N GLY D 21 -2.96 16.88 -28.96
CA GLY D 21 -4.01 16.15 -28.28
C GLY D 21 -3.40 15.11 -27.34
N ALA D 22 -2.29 14.50 -27.79
CA ALA D 22 -1.64 13.50 -26.96
C ALA D 22 -1.08 14.18 -25.72
N CYS D 23 -0.38 15.28 -25.93
CA CYS D 23 0.23 15.98 -24.80
C CYS D 23 -0.81 16.56 -23.84
N ALA D 24 -2.03 16.84 -24.31
CA ALA D 24 -3.11 17.29 -23.41
C ALA D 24 -3.45 16.25 -22.33
N LEU D 25 -3.15 14.97 -22.61
CA LEU D 25 -3.43 13.93 -21.63
C LEU D 25 -2.27 13.74 -20.63
N LEU D 26 -1.14 14.39 -20.88
CA LEU D 26 -0.04 14.44 -19.88
C LEU D 26 -0.35 15.52 -18.84
N ALA D 27 -0.05 15.26 -17.57
CA ALA D 27 -0.20 16.32 -16.50
C ALA D 27 0.64 17.51 -16.89
N GLU D 28 0.19 18.71 -16.48
CA GLU D 28 1.01 19.87 -16.78
CA GLU D 28 0.98 19.90 -16.73
C GLU D 28 2.43 19.77 -16.22
N ASP D 29 2.58 19.04 -15.09
CA ASP D 29 3.86 18.72 -14.47
C ASP D 29 4.32 17.25 -14.66
N VAL D 30 3.98 16.69 -15.83
CA VAL D 30 4.36 15.30 -16.08
C VAL D 30 5.85 15.09 -15.94
N VAL D 31 6.22 13.91 -15.44
CA VAL D 31 7.59 13.48 -15.37
C VAL D 31 7.78 12.55 -16.59
N TYR D 32 8.53 13.02 -17.57
CA TYR D 32 8.74 12.21 -18.82
C TYR D 32 10.19 11.74 -18.83
N ASP D 33 10.32 10.46 -18.45
CA ASP D 33 11.61 9.82 -18.17
C ASP D 33 11.91 8.76 -19.25
N ASN D 34 12.57 9.20 -20.31
CA ASN D 34 13.20 8.24 -21.22
C ASN D 34 14.44 7.76 -20.47
N VAL D 35 14.40 6.52 -19.98
CA VAL D 35 15.40 6.09 -18.97
C VAL D 35 16.87 6.41 -19.35
N PRO D 36 17.31 6.20 -20.60
CA PRO D 36 18.71 6.50 -20.88
C PRO D 36 18.98 7.92 -21.41
N MET D 37 18.03 8.82 -21.19
CA MET D 37 18.17 10.19 -21.71
C MET D 37 17.86 11.17 -20.56
N PRO D 38 18.14 12.49 -20.76
CA PRO D 38 17.77 13.40 -19.70
C PRO D 38 16.26 13.43 -19.45
N THR D 39 15.88 13.59 -18.21
CA THR D 39 14.49 13.62 -17.80
C THR D 39 13.87 14.93 -18.25
N VAL D 40 12.63 14.86 -18.72
CA VAL D 40 11.87 16.04 -19.20
C VAL D 40 10.75 16.32 -18.20
N HIS D 41 10.59 17.59 -17.78
CA HIS D 41 9.56 17.94 -16.82
CA HIS D 41 9.62 17.94 -16.78
C HIS D 41 8.56 18.89 -17.37
N GLY D 42 7.31 18.47 -17.37
CA GLY D 42 6.20 19.31 -17.78
C GLY D 42 5.67 19.04 -19.16
N ARG D 43 4.39 19.32 -19.34
CA ARG D 43 3.73 19.09 -20.65
C ARG D 43 4.38 19.85 -21.79
N ALA D 44 4.65 21.14 -21.60
CA ALA D 44 5.27 21.93 -22.67
C ALA D 44 6.64 21.40 -23.08
N ALA D 45 7.47 21.01 -22.10
CA ALA D 45 8.76 20.45 -22.37
C ALA D 45 8.61 19.08 -23.09
N ALA D 46 7.59 18.29 -22.69
CA ALA D 46 7.38 16.97 -23.33
C ALA D 46 7.01 17.17 -24.80
N ARG D 47 6.15 18.14 -25.06
CA ARG D 47 5.71 18.43 -26.42
CA ARG D 47 5.71 18.41 -26.43
C ARG D 47 6.90 18.84 -27.28
N ALA D 48 7.75 19.70 -26.73
CA ALA D 48 8.92 20.18 -27.43
C ALA D 48 9.90 19.05 -27.67
N PHE D 49 10.07 18.17 -26.69
CA PHE D 49 11.01 17.07 -26.85
C PHE D 49 10.57 16.14 -27.99
N LEU D 50 9.28 15.82 -28.01
CA LEU D 50 8.69 14.95 -29.05
C LEU D 50 8.83 15.54 -30.43
N SER D 51 8.74 16.87 -30.51
CA SER D 51 8.90 17.61 -31.77
CA SER D 51 8.89 17.58 -31.78
C SER D 51 10.34 17.56 -32.32
N GLN D 52 11.32 17.21 -31.48
CA GLN D 52 12.73 17.11 -31.90
C GLN D 52 12.99 16.02 -32.95
N LEU D 53 12.11 15.01 -33.01
CA LEU D 53 12.15 14.01 -34.06
C LEU D 53 11.29 14.45 -35.25
N PRO D 54 11.90 14.68 -36.43
CA PRO D 54 11.07 15.21 -37.51
C PRO D 54 10.25 14.08 -38.18
N ALA D 55 9.26 13.57 -37.44
CA ALA D 55 8.52 12.41 -37.90
C ALA D 55 7.29 12.82 -38.70
N THR D 56 7.12 12.14 -39.83
CA THR D 56 6.01 12.41 -40.75
C THR D 56 4.99 11.28 -40.81
N ALA D 57 5.35 10.11 -40.29
CA ALA D 57 4.41 9.03 -40.09
C ALA D 57 4.88 8.36 -38.77
N ILE D 58 3.93 7.77 -38.06
CA ILE D 58 4.18 7.17 -36.73
CA ILE D 58 4.21 7.14 -36.78
C ILE D 58 3.31 5.91 -36.63
N ASP D 59 3.91 4.82 -36.11
CA ASP D 59 3.19 3.59 -35.86
C ASP D 59 3.75 3.00 -34.55
N TRP D 60 3.14 3.38 -33.43
CA TRP D 60 3.56 2.80 -32.15
C TRP D 60 2.61 1.65 -31.87
N GLU D 61 3.16 0.45 -31.88
CA GLU D 61 2.36 -0.75 -31.66
C GLU D 61 2.36 -1.17 -30.19
N THR D 62 1.19 -1.43 -29.64
CA THR D 62 1.03 -1.89 -28.25
C THR D 62 0.86 -3.40 -28.24
N HIS D 63 1.96 -4.12 -27.96
CA HIS D 63 1.91 -5.60 -28.02
C HIS D 63 1.19 -6.18 -26.81
N ALA D 64 1.43 -5.55 -25.61
CA ALA D 64 0.81 -5.99 -24.38
C ALA D 64 0.60 -4.76 -23.51
N ILE D 65 -0.44 -4.83 -22.72
CA ILE D 65 -0.82 -3.67 -21.84
C ILE D 65 -1.55 -4.22 -20.64
N ALA D 66 -1.15 -3.78 -19.45
CA ALA D 66 -1.82 -4.23 -18.24
C ALA D 66 -1.66 -3.16 -17.16
N ALA D 67 -2.60 -3.08 -16.23
CA ALA D 67 -2.51 -1.97 -15.26
C ALA D 67 -2.65 -2.49 -13.85
N THR D 68 -2.03 -1.72 -12.94
CA THR D 68 -2.23 -1.88 -11.49
C THR D 68 -3.29 -0.86 -11.06
N GLY D 69 -3.72 -0.96 -9.79
CA GLY D 69 -4.59 0.09 -9.21
C GLY D 69 -6.07 -0.11 -9.45
N ASP D 70 -6.80 0.98 -9.61
CA ASP D 70 -8.28 0.94 -9.67
C ASP D 70 -8.81 1.75 -10.86
N ALA D 71 -10.13 2.00 -10.95
CA ALA D 71 -10.67 2.75 -12.08
C ALA D 71 -10.22 4.21 -12.17
N ALA D 72 -9.70 4.74 -11.06
CA ALA D 72 -9.29 6.12 -10.97
C ALA D 72 -7.81 6.35 -11.24
N ARG D 73 -7.00 5.44 -10.71
CA ARG D 73 -5.55 5.69 -10.73
C ARG D 73 -4.78 4.39 -10.61
N GLY D 74 -3.59 4.39 -11.18
CA GLY D 74 -2.77 3.19 -11.22
C GLY D 74 -1.63 3.39 -12.17
N THR D 75 -0.84 2.33 -12.33
CA THR D 75 0.31 2.35 -13.21
C THR D 75 0.01 1.38 -14.34
N VAL D 76 0.13 1.88 -15.57
CA VAL D 76 -0.14 1.09 -16.77
C VAL D 76 1.21 0.69 -17.34
N LEU D 77 1.38 -0.62 -17.57
CA LEU D 77 2.63 -1.14 -18.14
C LEU D 77 2.34 -1.53 -19.56
N THR D 78 3.29 -1.20 -20.44
CA THR D 78 3.17 -1.46 -21.90
C THR D 78 4.43 -2.13 -22.46
N GLU D 79 4.25 -3.01 -23.46
CA GLU D 79 5.35 -3.50 -24.25
C GLU D 79 5.02 -3.12 -25.71
N ARG D 80 5.94 -2.39 -26.34
CA ARG D 80 5.67 -1.72 -27.61
C ARG D 80 6.78 -1.86 -28.60
N THR D 81 6.46 -1.64 -29.88
CA THR D 81 7.50 -1.27 -30.82
C THR D 81 7.08 0.06 -31.44
N ASP D 82 7.98 1.03 -31.31
CA ASP D 82 7.68 2.39 -31.78
C ASP D 82 8.37 2.61 -33.11
N ARG D 83 7.52 2.69 -34.16
CA ARG D 83 8.02 2.90 -35.52
CA ARG D 83 7.96 2.85 -35.54
C ARG D 83 7.70 4.29 -36.00
N PHE D 84 8.63 4.84 -36.76
CA PHE D 84 8.54 6.21 -37.23
C PHE D 84 9.05 6.21 -38.67
N THR D 85 8.47 7.10 -39.49
CA THR D 85 9.08 7.50 -40.76
C THR D 85 9.51 8.93 -40.59
N LEU D 86 10.74 9.22 -40.97
CA LEU D 86 11.26 10.56 -40.80
C LEU D 86 11.21 11.27 -42.14
N ALA D 87 11.32 12.60 -42.09
CA ALA D 87 11.23 13.48 -43.26
C ALA D 87 12.17 13.11 -44.44
N ASP D 88 13.34 12.55 -44.12
CA ASP D 88 14.29 12.10 -45.17
C ASP D 88 13.96 10.72 -45.75
N GLY D 89 12.87 10.13 -45.27
CA GLY D 89 12.41 8.81 -45.72
C GLY D 89 12.84 7.61 -44.86
N ARG D 90 13.78 7.83 -43.93
CA ARG D 90 14.24 6.74 -43.05
CA ARG D 90 14.24 6.73 -43.06
C ARG D 90 13.14 6.23 -42.12
N THR D 91 13.16 4.92 -41.91
CA THR D 91 12.23 4.25 -41.01
CA THR D 91 12.25 4.18 -41.05
C THR D 91 12.98 3.83 -39.73
N LEU D 92 12.43 4.24 -38.58
CA LEU D 92 12.95 3.84 -37.25
C LEU D 92 12.01 2.79 -36.65
N ALA D 93 12.56 1.83 -35.92
CA ALA D 93 11.73 0.90 -35.18
C ALA D 93 12.45 0.63 -33.87
N ILE D 94 11.90 1.11 -32.75
CA ILE D 94 12.55 0.91 -31.45
C ILE D 94 11.65 0.04 -30.55
N ARG D 95 12.18 -1.08 -30.06
CA ARG D 95 11.47 -1.93 -29.08
C ARG D 95 11.60 -1.27 -27.71
N VAL D 96 10.47 -1.05 -27.06
CA VAL D 96 10.45 -0.23 -25.81
C VAL D 96 9.37 -0.71 -24.89
N MET D 97 9.64 -0.74 -23.58
CA MET D 97 8.53 -0.98 -22.62
C MET D 97 8.36 0.32 -21.87
N GLY D 98 7.12 0.67 -21.58
CA GLY D 98 6.85 1.95 -20.86
C GLY D 98 5.86 1.79 -19.75
N ALA D 99 6.13 2.52 -18.65
CA ALA D 99 5.24 2.55 -17.52
C ALA D 99 4.64 3.93 -17.43
N PHE D 100 3.33 3.98 -17.27
CA PHE D 100 2.58 5.27 -17.18
C PHE D 100 1.82 5.31 -15.90
N ASP D 101 2.14 6.32 -15.05
CA ASP D 101 1.26 6.54 -13.89
C ASP D 101 0.13 7.48 -14.29
N VAL D 102 -1.07 7.08 -13.92
CA VAL D 102 -2.29 7.83 -14.26
C VAL D 102 -3.11 8.06 -13.00
N ALA D 103 -3.60 9.31 -12.91
CA ALA D 103 -4.63 9.65 -11.94
C ALA D 103 -5.71 10.51 -12.60
N ASP D 104 -6.94 10.09 -12.45
CA ASP D 104 -8.11 10.87 -12.92
C ASP D 104 -7.99 11.29 -14.39
N GLY D 105 -7.57 10.35 -15.26
CA GLY D 105 -7.52 10.65 -16.69
C GLY D 105 -6.34 11.46 -17.17
N SER D 106 -5.32 11.63 -16.32
CA SER D 106 -4.11 12.38 -16.65
C SER D 106 -2.85 11.55 -16.32
N ILE D 107 -1.92 11.55 -17.25
CA ILE D 107 -0.67 10.78 -17.07
C ILE D 107 0.27 11.69 -16.26
N THR D 108 0.58 11.26 -15.04
CA THR D 108 1.44 12.05 -14.17
C THR D 108 2.94 11.70 -14.35
N ALA D 109 3.25 10.50 -14.91
CA ALA D 109 4.61 10.15 -15.15
C ALA D 109 4.63 9.11 -16.29
N TRP D 110 5.67 9.18 -17.10
CA TRP D 110 5.79 8.26 -18.26
C TRP D 110 7.26 7.88 -18.31
N ARG D 111 7.55 6.60 -18.08
CA ARG D 111 8.92 6.08 -18.01
C ARG D 111 9.12 5.06 -19.15
N ASP D 112 9.95 5.39 -20.11
CA ASP D 112 10.16 4.51 -21.29
C ASP D 112 11.57 3.90 -21.19
N TYR D 113 11.60 2.56 -21.36
CA TYR D 113 12.80 1.77 -21.18
C TYR D 113 13.22 1.17 -22.53
N PHE D 114 14.37 1.59 -23.05
CA PHE D 114 14.87 1.10 -24.34
C PHE D 114 16.39 1.33 -24.37
N ASP D 115 17.02 0.88 -25.46
CA ASP D 115 18.45 1.02 -25.60
C ASP D 115 18.75 2.25 -26.46
N LEU D 116 19.50 3.21 -25.88
CA LEU D 116 19.81 4.41 -26.59
C LEU D 116 20.71 4.14 -27.79
N GLY D 117 21.64 3.20 -27.68
CA GLY D 117 22.48 2.79 -28.83
C GLY D 117 21.65 2.40 -30.05
N GLN D 118 20.58 1.60 -29.84
CA GLN D 118 19.75 1.21 -30.95
C GLN D 118 19.08 2.40 -31.60
N PHE D 119 18.65 3.36 -30.78
CA PHE D 119 17.98 4.54 -31.28
C PHE D 119 18.98 5.38 -32.09
N MET D 120 20.15 5.64 -31.51
CA MET D 120 21.17 6.46 -32.23
CA MET D 120 21.25 6.37 -32.19
C MET D 120 21.64 5.75 -33.53
N ALA D 121 21.76 4.43 -33.56
CA ALA D 121 22.19 3.72 -34.77
C ALA D 121 21.23 3.89 -35.96
N GLN D 122 19.95 3.91 -35.64
CA GLN D 122 18.91 4.09 -36.66
C GLN D 122 18.78 5.53 -37.10
N MET D 123 19.17 6.46 -36.25
CA MET D 123 19.15 7.89 -36.56
C MET D 123 20.36 8.42 -37.33
N ALA D 124 21.27 7.52 -37.72
CA ALA D 124 22.55 7.91 -38.33
C ALA D 124 22.42 8.29 -39.83
N PRO D 125 22.76 9.54 -40.20
CA PRO D 125 22.63 9.98 -41.59
C PRO D 125 23.78 9.47 -42.47
N MET E 1 -49.49 -67.58 20.09
CA MET E 1 -48.84 -66.32 20.53
C MET E 1 -49.12 -65.30 19.43
N THR E 2 -49.65 -64.12 19.80
CA THR E 2 -50.03 -63.07 18.81
C THR E 2 -48.76 -62.42 18.24
N PRO E 3 -48.90 -61.81 17.04
CA PRO E 3 -47.73 -61.05 16.55
C PRO E 3 -47.19 -60.04 17.57
N LEU E 4 -48.08 -59.28 18.20
CA LEU E 4 -47.69 -58.32 19.22
C LEU E 4 -46.92 -58.97 20.38
N GLU E 5 -47.48 -60.09 20.86
CA GLU E 5 -46.81 -60.83 21.93
C GLU E 5 -45.43 -61.34 21.58
N THR E 6 -45.29 -61.86 20.35
CA THR E 6 -44.03 -62.38 19.87
C THR E 6 -42.92 -61.33 19.92
N VAL E 7 -43.24 -60.11 19.46
CA VAL E 7 -42.25 -59.04 19.48
C VAL E 7 -41.99 -58.53 20.91
N GLN E 8 -43.03 -58.46 21.73
CA GLN E 8 -42.86 -58.07 23.15
C GLN E 8 -41.93 -59.07 23.85
N LEU E 9 -42.15 -60.36 23.54
CA LEU E 9 -41.31 -61.42 24.15
C LEU E 9 -39.86 -61.36 23.65
N PHE E 10 -39.71 -61.14 22.33
CA PHE E 10 -38.39 -60.93 21.71
C PHE E 10 -37.67 -59.77 22.40
N LEU E 11 -38.35 -58.63 22.52
CA LEU E 11 -37.75 -57.49 23.14
C LEU E 11 -37.46 -57.69 24.63
N ALA E 12 -38.36 -58.39 25.33
CA ALA E 12 -38.13 -58.72 26.76
C ALA E 12 -36.89 -59.61 26.90
N ARG E 13 -36.72 -60.57 25.97
CA ARG E 13 -35.55 -61.46 25.99
C ARG E 13 -34.26 -60.71 25.68
N VAL E 14 -34.30 -59.84 24.66
CA VAL E 14 -33.16 -58.98 24.34
C VAL E 14 -32.78 -58.15 25.56
N ASN E 15 -33.78 -57.61 26.26
CA ASN E 15 -33.53 -56.74 27.41
C ASN E 15 -32.94 -57.44 28.63
N ALA E 16 -33.13 -58.76 28.68
CA ALA E 16 -32.54 -59.62 29.72
C ALA E 16 -31.24 -60.26 29.24
N LEU E 17 -30.59 -59.62 28.26
CA LEU E 17 -29.34 -60.11 27.65
C LEU E 17 -29.38 -61.58 27.19
N ASP E 18 -30.59 -62.13 27.04
CA ASP E 18 -30.80 -63.49 26.57
C ASP E 18 -30.83 -63.52 25.03
N LEU E 19 -29.64 -63.40 24.44
CA LEU E 19 -29.51 -63.30 22.98
CA LEU E 19 -29.48 -63.33 22.98
C LEU E 19 -29.99 -64.58 22.26
N ASP E 20 -29.66 -65.74 22.80
CA ASP E 20 -30.14 -66.99 22.21
C ASP E 20 -31.65 -67.16 22.32
N GLY E 21 -32.23 -66.75 23.45
CA GLY E 21 -33.69 -66.80 23.63
C GLY E 21 -34.46 -65.90 22.67
N ALA E 22 -33.93 -64.70 22.45
CA ALA E 22 -34.49 -63.76 21.45
C ALA E 22 -34.49 -64.39 20.05
N CYS E 23 -33.30 -64.89 19.66
CA CYS E 23 -33.10 -65.55 18.36
C CYS E 23 -33.98 -66.75 18.06
N ALA E 24 -34.34 -67.51 19.10
CA ALA E 24 -35.31 -68.62 18.95
C ALA E 24 -36.65 -68.20 18.36
N LEU E 25 -37.05 -66.95 18.61
CA LEU E 25 -38.32 -66.40 18.10
C LEU E 25 -38.23 -65.92 16.64
N LEU E 26 -37.02 -65.79 16.13
CA LEU E 26 -36.80 -65.55 14.71
C LEU E 26 -36.96 -66.84 13.90
N ALA E 27 -37.65 -66.74 12.75
CA ALA E 27 -37.75 -67.86 11.80
C ALA E 27 -36.37 -68.36 11.36
N GLU E 28 -36.27 -69.66 11.05
CA GLU E 28 -35.00 -70.20 10.57
CA GLU E 28 -35.02 -70.23 10.55
C GLU E 28 -34.50 -69.44 9.34
N ASP E 29 -35.44 -69.02 8.48
CA ASP E 29 -35.13 -68.23 7.28
C ASP E 29 -35.45 -66.73 7.43
N VAL E 30 -35.40 -66.19 8.65
CA VAL E 30 -35.63 -64.74 8.89
C VAL E 30 -34.80 -63.86 7.92
N VAL E 31 -35.46 -62.83 7.38
CA VAL E 31 -34.78 -61.75 6.69
C VAL E 31 -34.59 -60.64 7.72
N TYR E 32 -33.34 -60.40 8.07
CA TYR E 32 -32.97 -59.38 9.02
C TYR E 32 -32.29 -58.21 8.30
N ASP E 33 -33.08 -57.13 8.14
CA ASP E 33 -32.74 -55.96 7.32
C ASP E 33 -32.53 -54.72 8.19
N ASN E 34 -31.29 -54.47 8.61
CA ASN E 34 -30.91 -53.16 9.16
C ASN E 34 -30.77 -52.28 7.92
N VAL E 35 -31.65 -51.30 7.77
CA VAL E 35 -31.85 -50.64 6.46
C VAL E 35 -30.55 -50.06 5.83
N PRO E 36 -29.69 -49.39 6.62
CA PRO E 36 -28.46 -48.94 5.95
C PRO E 36 -27.27 -49.91 5.98
N MET E 37 -27.52 -51.18 6.31
CA MET E 37 -26.46 -52.22 6.38
CA MET E 37 -26.46 -52.20 6.43
C MET E 37 -26.76 -53.37 5.47
N PRO E 38 -25.74 -54.25 5.18
CA PRO E 38 -26.09 -55.42 4.36
C PRO E 38 -27.15 -56.32 5.05
N THR E 39 -28.02 -56.93 4.24
CA THR E 39 -29.10 -57.79 4.73
C THR E 39 -28.56 -59.12 5.27
N VAL E 40 -29.18 -59.60 6.35
CA VAL E 40 -28.78 -60.85 7.02
C VAL E 40 -29.86 -61.88 6.80
N HIS E 41 -29.45 -63.10 6.48
CA HIS E 41 -30.38 -64.18 6.17
C HIS E 41 -30.16 -65.38 7.08
N GLY E 42 -31.21 -65.74 7.81
CA GLY E 42 -31.25 -66.93 8.66
C GLY E 42 -30.99 -66.62 10.12
N ARG E 43 -31.58 -67.42 11.02
CA ARG E 43 -31.44 -67.21 12.47
C ARG E 43 -29.99 -67.21 12.93
N ALA E 44 -29.23 -68.21 12.45
CA ALA E 44 -27.81 -68.40 12.82
C ALA E 44 -26.98 -67.17 12.52
N ALA E 45 -27.12 -66.67 11.29
CA ALA E 45 -26.48 -65.44 10.82
C ALA E 45 -26.94 -64.22 11.64
N ALA E 46 -28.24 -64.12 11.93
CA ALA E 46 -28.78 -63.02 12.78
C ALA E 46 -28.13 -62.99 14.17
N ARG E 47 -28.05 -64.18 14.78
CA ARG E 47 -27.41 -64.40 16.09
CA ARG E 47 -27.41 -64.38 16.08
C ARG E 47 -25.96 -63.90 16.07
N ALA E 48 -25.20 -64.34 15.08
CA ALA E 48 -23.79 -63.94 14.89
C ALA E 48 -23.60 -62.43 14.77
N PHE E 49 -24.43 -61.81 13.92
CA PHE E 49 -24.39 -60.35 13.73
C PHE E 49 -24.58 -59.57 15.03
N LEU E 50 -25.59 -59.94 15.82
CA LEU E 50 -25.87 -59.25 17.08
C LEU E 50 -24.76 -59.38 18.11
N SER E 51 -24.13 -60.56 18.15
CA SER E 51 -23.02 -60.86 19.07
C SER E 51 -21.76 -60.04 18.77
N GLN E 52 -21.69 -59.46 17.57
CA GLN E 52 -20.58 -58.57 17.18
C GLN E 52 -20.49 -57.31 18.04
N LEU E 53 -21.58 -56.97 18.72
CA LEU E 53 -21.65 -55.82 19.65
C LEU E 53 -21.39 -56.26 21.10
N PRO E 54 -20.37 -55.67 21.76
CA PRO E 54 -19.96 -56.10 23.11
C PRO E 54 -20.72 -55.42 24.28
N ALA E 55 -21.95 -55.86 24.52
CA ALA E 55 -22.81 -55.20 25.49
C ALA E 55 -22.73 -55.88 26.86
N THR E 56 -22.61 -55.07 27.90
CA THR E 56 -22.60 -55.54 29.30
C THR E 56 -23.92 -55.25 30.01
N ALA E 57 -24.67 -54.30 29.46
CA ALA E 57 -26.02 -53.96 29.89
C ALA E 57 -26.81 -53.55 28.62
N ILE E 58 -28.10 -53.89 28.55
CA ILE E 58 -28.96 -53.54 27.40
CA ILE E 58 -28.95 -53.52 27.43
C ILE E 58 -30.29 -52.98 27.92
N ASP E 59 -30.77 -51.89 27.28
CA ASP E 59 -32.06 -51.25 27.59
C ASP E 59 -32.69 -50.74 26.28
N TRP E 60 -33.38 -51.62 25.57
CA TRP E 60 -34.15 -51.25 24.39
C TRP E 60 -35.52 -50.79 24.89
N GLU E 61 -35.74 -49.47 24.81
CA GLU E 61 -36.95 -48.85 25.33
C GLU E 61 -37.99 -48.84 24.24
N THR E 62 -39.18 -49.37 24.50
CA THR E 62 -40.25 -49.39 23.51
C THR E 62 -41.13 -48.19 23.82
N HIS E 63 -41.07 -47.15 23.00
CA HIS E 63 -41.92 -45.98 23.20
C HIS E 63 -43.35 -46.20 22.69
N ALA E 64 -43.49 -46.94 21.59
CA ALA E 64 -44.75 -47.21 21.00
C ALA E 64 -44.65 -48.49 20.24
N ILE E 65 -45.73 -49.25 20.29
CA ILE E 65 -45.81 -50.54 19.61
C ILE E 65 -47.24 -50.82 19.21
N ALA E 66 -47.43 -51.29 17.98
CA ALA E 66 -48.77 -51.52 17.45
C ALA E 66 -48.67 -52.52 16.31
N ALA E 67 -49.69 -53.36 16.17
CA ALA E 67 -49.62 -54.42 15.16
C ALA E 67 -50.77 -54.32 14.16
N THR E 68 -50.50 -54.79 12.94
CA THR E 68 -51.53 -55.05 11.89
C THR E 68 -51.88 -56.53 11.96
N GLY E 69 -52.90 -56.95 11.22
CA GLY E 69 -53.15 -58.39 11.05
C GLY E 69 -54.11 -58.95 12.08
N ASP E 70 -53.93 -60.22 12.42
CA ASP E 70 -54.85 -60.92 13.31
C ASP E 70 -54.08 -61.63 14.41
N ALA E 71 -54.73 -62.56 15.12
CA ALA E 71 -54.10 -63.23 16.24
C ALA E 71 -52.96 -64.17 15.82
N ALA E 72 -52.96 -64.57 14.55
CA ALA E 72 -51.97 -65.50 14.05
C ALA E 72 -50.83 -64.85 13.25
N ARG E 73 -51.17 -63.85 12.43
CA ARG E 73 -50.22 -63.25 11.48
CA ARG E 73 -50.19 -63.23 11.54
C ARG E 73 -50.39 -61.72 11.39
N GLY E 74 -49.28 -61.03 11.23
CA GLY E 74 -49.32 -59.59 11.04
C GLY E 74 -47.96 -58.93 11.13
N THR E 75 -47.95 -57.61 10.96
CA THR E 75 -46.72 -56.85 11.07
C THR E 75 -46.77 -55.93 12.30
N VAL E 76 -45.73 -56.03 13.13
CA VAL E 76 -45.64 -55.26 14.37
C VAL E 76 -44.71 -54.09 14.11
N LEU E 77 -45.20 -52.87 14.40
CA LEU E 77 -44.36 -51.70 14.26
C LEU E 77 -43.91 -51.19 15.61
N THR E 78 -42.67 -50.72 15.71
CA THR E 78 -42.11 -50.25 16.99
C THR E 78 -41.37 -48.96 16.86
N GLU E 79 -41.40 -48.16 17.92
CA GLU E 79 -40.59 -46.97 18.00
C GLU E 79 -39.79 -47.09 19.29
N ARG E 80 -38.47 -47.00 19.19
CA ARG E 80 -37.59 -47.41 20.28
C ARG E 80 -36.42 -46.48 20.43
N THR E 81 -35.80 -46.54 21.60
CA THR E 81 -34.43 -46.07 21.74
C THR E 81 -33.68 -47.29 22.20
N ASP E 82 -32.74 -47.77 21.40
CA ASP E 82 -31.92 -48.93 21.80
C ASP E 82 -30.67 -48.45 22.53
N ARG E 83 -30.66 -48.63 23.87
CA ARG E 83 -29.53 -48.18 24.71
CA ARG E 83 -29.53 -48.19 24.72
C ARG E 83 -28.67 -49.38 25.13
N PHE E 84 -27.35 -49.19 25.12
CA PHE E 84 -26.40 -50.24 25.51
C PHE E 84 -25.33 -49.65 26.46
N THR E 85 -24.86 -50.42 27.44
CA THR E 85 -23.55 -50.09 28.02
C THR E 85 -22.58 -51.05 27.35
N LEU E 86 -21.50 -50.50 26.82
CA LEU E 86 -20.48 -51.30 26.16
C LEU E 86 -19.36 -51.63 27.14
N ALA E 87 -18.55 -52.63 26.80
CA ALA E 87 -17.45 -53.11 27.66
C ALA E 87 -16.54 -52.03 28.26
N ASP E 88 -16.37 -50.91 27.57
CA ASP E 88 -15.55 -49.80 28.07
C ASP E 88 -16.32 -48.81 28.93
N GLY E 89 -17.57 -49.13 29.22
CA GLY E 89 -18.45 -48.27 29.98
C GLY E 89 -19.11 -47.16 29.16
N ARG E 90 -18.75 -47.00 27.88
CA ARG E 90 -19.41 -45.96 27.08
C ARG E 90 -20.88 -46.32 26.85
N THR E 91 -21.73 -45.31 26.93
CA THR E 91 -23.15 -45.46 26.65
C THR E 91 -23.34 -45.22 25.16
N LEU E 92 -24.03 -46.14 24.51
CA LEU E 92 -24.45 -46.04 23.11
C LEU E 92 -25.97 -46.00 23.11
N ALA E 93 -26.58 -45.04 22.41
CA ALA E 93 -28.05 -44.87 22.41
C ALA E 93 -28.46 -44.47 20.99
N ILE E 94 -29.25 -45.32 20.35
CA ILE E 94 -29.67 -45.16 18.93
CA ILE E 94 -29.67 -45.10 18.97
C ILE E 94 -31.21 -45.14 18.86
N ARG E 95 -31.77 -44.04 18.37
CA ARG E 95 -33.22 -43.98 18.10
C ARG E 95 -33.49 -44.73 16.84
N VAL E 96 -34.45 -45.66 16.90
CA VAL E 96 -34.70 -46.61 15.84
C VAL E 96 -36.21 -46.95 15.79
N MET E 97 -36.73 -47.15 14.59
CA MET E 97 -38.04 -47.74 14.44
C MET E 97 -37.85 -49.07 13.72
N GLY E 98 -38.63 -50.08 14.12
CA GLY E 98 -38.57 -51.38 13.52
C GLY E 98 -39.89 -52.03 13.19
N ALA E 99 -39.94 -52.73 12.06
CA ALA E 99 -41.10 -53.49 11.61
C ALA E 99 -40.74 -54.97 11.71
N PHE E 100 -41.68 -55.75 12.26
CA PHE E 100 -41.48 -57.18 12.48
C PHE E 100 -42.64 -57.92 11.86
N ASP E 101 -42.37 -58.75 10.86
CA ASP E 101 -43.37 -59.62 10.29
C ASP E 101 -43.44 -60.91 11.10
N VAL E 102 -44.67 -61.28 11.50
CA VAL E 102 -44.85 -62.49 12.34
C VAL E 102 -45.93 -63.40 11.77
N ALA E 103 -45.65 -64.71 11.82
CA ALA E 103 -46.60 -65.75 11.46
C ALA E 103 -46.52 -66.86 12.50
N ASP E 104 -47.65 -67.16 13.14
CA ASP E 104 -47.72 -68.23 14.14
C ASP E 104 -46.58 -68.23 15.18
N GLY E 105 -46.35 -67.06 15.78
CA GLY E 105 -45.35 -66.89 16.83
C GLY E 105 -43.90 -66.93 16.43
N SER E 106 -43.63 -66.72 15.14
CA SER E 106 -42.27 -66.67 14.64
C SER E 106 -42.09 -65.41 13.75
N ILE E 107 -41.02 -64.70 14.03
CA ILE E 107 -40.62 -63.48 13.27
C ILE E 107 -39.94 -63.87 11.94
N THR E 108 -40.69 -63.66 10.86
CA THR E 108 -40.23 -64.06 9.50
C THR E 108 -39.37 -62.96 8.87
N ALA E 109 -39.52 -61.72 9.34
CA ALA E 109 -38.73 -60.57 8.88
C ALA E 109 -38.64 -59.49 9.96
N TRP E 110 -37.46 -58.88 10.05
CA TRP E 110 -37.18 -57.79 10.95
C TRP E 110 -36.43 -56.69 10.19
N ARG E 111 -37.06 -55.51 10.10
CA ARG E 111 -36.48 -54.32 9.42
C ARG E 111 -36.35 -53.15 10.37
N ASP E 112 -35.14 -52.75 10.68
CA ASP E 112 -34.86 -51.61 11.56
C ASP E 112 -34.37 -50.40 10.77
N TYR E 113 -34.85 -49.21 11.16
CA TYR E 113 -34.62 -47.95 10.46
C TYR E 113 -33.99 -46.98 11.43
N PHE E 114 -32.76 -46.55 11.12
CA PHE E 114 -32.00 -45.67 11.97
C PHE E 114 -30.89 -45.04 11.10
N ASP E 115 -30.20 -44.11 11.72
CA ASP E 115 -29.07 -43.36 11.08
C ASP E 115 -27.73 -44.07 11.35
N LEU E 116 -27.20 -44.68 10.30
CA LEU E 116 -25.89 -45.33 10.33
C LEU E 116 -24.73 -44.42 10.84
N GLY E 117 -24.67 -43.18 10.34
CA GLY E 117 -23.74 -42.16 10.84
C GLY E 117 -23.66 -42.02 12.34
N GLN E 118 -24.84 -41.86 12.97
CA GLN E 118 -24.93 -41.77 14.42
CA GLN E 118 -25.00 -41.82 14.43
C GLN E 118 -24.37 -43.04 15.07
N PHE E 119 -24.73 -44.21 14.52
CA PHE E 119 -24.27 -45.52 15.04
C PHE E 119 -22.75 -45.64 14.99
N MET E 120 -22.17 -45.36 13.83
CA MET E 120 -20.71 -45.42 13.65
CA MET E 120 -20.71 -45.40 13.63
C MET E 120 -19.95 -44.41 14.52
N ALA E 121 -20.40 -43.16 14.55
CA ALA E 121 -19.75 -42.13 15.36
C ALA E 121 -19.78 -42.43 16.87
N GLN E 122 -20.85 -43.06 17.35
CA GLN E 122 -20.94 -43.44 18.77
C GLN E 122 -20.00 -44.60 19.13
N MET E 123 -19.62 -45.35 18.10
CA MET E 123 -18.66 -46.45 18.17
C MET E 123 -17.22 -46.05 17.76
N ALA E 124 -16.97 -44.75 17.59
CA ALA E 124 -15.64 -44.25 17.20
C ALA E 124 -14.59 -44.51 18.29
N PRO E 125 -13.35 -44.90 17.89
CA PRO E 125 -12.24 -44.99 18.84
C PRO E 125 -11.72 -43.61 19.21
N MET F 1 -62.18 -37.55 13.69
CA MET F 1 -61.23 -38.37 12.89
CA MET F 1 -61.22 -38.37 12.89
C MET F 1 -60.31 -39.09 13.86
N THR F 2 -60.07 -40.37 13.64
CA THR F 2 -59.19 -41.11 14.55
C THR F 2 -57.73 -40.77 14.23
N PRO F 3 -56.81 -41.09 15.18
CA PRO F 3 -55.38 -40.93 14.84
C PRO F 3 -54.97 -41.56 13.51
N LEU F 4 -55.39 -42.80 13.29
CA LEU F 4 -55.06 -43.52 12.10
C LEU F 4 -55.62 -42.81 10.84
N GLU F 5 -56.89 -42.43 10.91
CA GLU F 5 -57.51 -41.70 9.80
C GLU F 5 -56.81 -40.36 9.52
N THR F 6 -56.37 -39.67 10.56
CA THR F 6 -55.71 -38.38 10.35
C THR F 6 -54.41 -38.55 9.55
N VAL F 7 -53.61 -39.55 9.93
CA VAL F 7 -52.35 -39.81 9.23
C VAL F 7 -52.61 -40.33 7.81
N GLN F 8 -53.59 -41.20 7.63
CA GLN F 8 -53.98 -41.64 6.27
C GLN F 8 -54.36 -40.42 5.37
N LEU F 9 -55.12 -39.49 5.93
CA LEU F 9 -55.49 -38.26 5.21
C LEU F 9 -54.25 -37.40 4.92
N PHE F 10 -53.35 -37.31 5.89
CA PHE F 10 -52.12 -36.54 5.68
C PHE F 10 -51.33 -37.08 4.51
N LEU F 11 -51.12 -38.40 4.52
CA LEU F 11 -50.35 -39.08 3.49
C LEU F 11 -51.01 -38.98 2.10
N ALA F 12 -52.33 -39.13 2.08
CA ALA F 12 -53.09 -38.96 0.82
C ALA F 12 -52.91 -37.56 0.25
N ARG F 13 -52.93 -36.55 1.11
CA ARG F 13 -52.71 -35.16 0.66
C ARG F 13 -51.29 -34.96 0.14
N VAL F 14 -50.31 -35.50 0.86
CA VAL F 14 -48.93 -35.45 0.40
C VAL F 14 -48.78 -36.05 -1.00
N ASN F 15 -49.40 -37.21 -1.21
CA ASN F 15 -49.28 -37.92 -2.46
C ASN F 15 -50.00 -37.24 -3.62
N ALA F 16 -50.90 -36.33 -3.28
CA ALA F 16 -51.57 -35.51 -4.31
C ALA F 16 -50.82 -34.21 -4.59
N LEU F 17 -49.56 -34.11 -4.12
CA LEU F 17 -48.73 -32.88 -4.20
CA LEU F 17 -48.72 -32.90 -4.22
C LEU F 17 -49.41 -31.68 -3.56
N ASP F 18 -50.34 -31.95 -2.65
CA ASP F 18 -51.06 -30.93 -1.90
C ASP F 18 -50.36 -30.65 -0.56
N LEU F 19 -49.26 -29.93 -0.66
CA LEU F 19 -48.44 -29.68 0.51
CA LEU F 19 -48.40 -29.56 0.46
C LEU F 19 -49.14 -28.76 1.52
N ASP F 20 -49.92 -27.79 1.05
CA ASP F 20 -50.66 -26.93 1.97
C ASP F 20 -51.77 -27.69 2.70
N GLY F 21 -52.50 -28.55 1.98
CA GLY F 21 -53.53 -29.40 2.60
C GLY F 21 -52.93 -30.38 3.63
N ALA F 22 -51.80 -30.99 3.28
CA ALA F 22 -51.13 -31.92 4.22
C ALA F 22 -50.69 -31.18 5.48
N CYS F 23 -50.02 -30.04 5.29
CA CYS F 23 -49.55 -29.25 6.44
C CYS F 23 -50.67 -28.73 7.33
N ALA F 24 -51.87 -28.54 6.79
CA ALA F 24 -53.00 -28.11 7.62
C ALA F 24 -53.38 -29.10 8.73
N LEU F 25 -53.05 -30.37 8.54
CA LEU F 25 -53.34 -31.41 9.54
C LEU F 25 -52.24 -31.50 10.63
N LEU F 26 -51.11 -30.84 10.39
CA LEU F 26 -50.09 -30.64 11.44
C LEU F 26 -50.52 -29.54 12.38
N ALA F 27 -50.28 -29.72 13.67
CA ALA F 27 -50.56 -28.65 14.63
C ALA F 27 -49.73 -27.40 14.29
N GLU F 28 -50.25 -26.25 14.69
CA GLU F 28 -49.51 -25.00 14.45
C GLU F 28 -48.11 -25.08 15.08
N ASP F 29 -48.04 -25.75 16.22
CA ASP F 29 -46.77 -25.96 16.91
C ASP F 29 -46.26 -27.40 16.82
N VAL F 30 -46.49 -28.05 15.70
CA VAL F 30 -45.98 -29.41 15.46
C VAL F 30 -44.46 -29.52 15.75
N VAL F 31 -44.07 -30.64 16.32
CA VAL F 31 -42.65 -31.00 16.37
C VAL F 31 -42.35 -31.89 15.18
N TYR F 32 -41.53 -31.44 14.21
CA TYR F 32 -41.25 -32.21 13.02
C TYR F 32 -39.80 -32.63 13.11
N ASP F 33 -39.61 -33.91 13.44
CA ASP F 33 -38.33 -34.43 13.87
C ASP F 33 -37.89 -35.48 12.87
N ASN F 34 -37.09 -35.04 11.89
CA ASN F 34 -36.35 -35.93 11.06
C ASN F 34 -35.16 -36.32 11.93
N VAL F 35 -35.19 -37.58 12.38
CA VAL F 35 -34.29 -38.04 13.47
C VAL F 35 -32.81 -37.66 13.28
N PRO F 36 -32.25 -37.86 12.06
CA PRO F 36 -30.81 -37.45 11.92
C PRO F 36 -30.53 -35.99 11.50
N MET F 37 -31.53 -35.10 11.63
CA MET F 37 -31.46 -33.68 11.21
CA MET F 37 -31.48 -33.70 11.20
C MET F 37 -31.91 -32.75 12.34
N PRO F 38 -31.64 -31.40 12.22
CA PRO F 38 -32.19 -30.49 13.23
C PRO F 38 -33.73 -30.54 13.21
N THR F 39 -34.32 -30.38 14.39
CA THR F 39 -35.79 -30.39 14.53
C THR F 39 -36.40 -29.15 13.89
N VAL F 40 -37.53 -29.34 13.21
CA VAL F 40 -38.30 -28.24 12.65
C VAL F 40 -39.52 -27.96 13.55
N HIS F 41 -39.73 -26.70 13.90
CA HIS F 41 -40.77 -26.31 14.85
C HIS F 41 -41.89 -25.55 14.19
N GLY F 42 -43.08 -26.14 14.22
CA GLY F 42 -44.27 -25.45 13.71
C GLY F 42 -44.66 -25.75 12.28
N ARG F 43 -45.95 -25.54 12.00
CA ARG F 43 -46.54 -25.87 10.69
C ARG F 43 -45.87 -25.06 9.57
N ALA F 44 -45.74 -23.77 9.77
CA ALA F 44 -45.21 -22.94 8.68
C ALA F 44 -43.75 -23.29 8.33
N ALA F 45 -42.95 -23.57 9.35
CA ALA F 45 -41.58 -24.07 9.12
C ALA F 45 -41.54 -25.44 8.48
N ALA F 46 -42.43 -26.35 8.91
CA ALA F 46 -42.47 -27.68 8.24
C ALA F 46 -42.84 -27.56 6.72
N ARG F 47 -43.83 -26.71 6.42
CA ARG F 47 -44.22 -26.43 5.03
CA ARG F 47 -44.24 -26.38 5.05
C ARG F 47 -43.03 -25.84 4.25
N ALA F 48 -42.36 -24.85 4.83
CA ALA F 48 -41.19 -24.24 4.17
C ALA F 48 -40.05 -25.26 4.00
N PHE F 49 -39.85 -26.13 4.99
CA PHE F 49 -38.84 -27.18 4.91
C PHE F 49 -39.16 -28.15 3.79
N LEU F 50 -40.43 -28.59 3.71
CA LEU F 50 -40.82 -29.53 2.67
C LEU F 50 -40.71 -28.93 1.26
N SER F 51 -40.95 -27.62 1.15
CA SER F 51 -40.84 -26.90 -0.13
CA SER F 51 -40.84 -26.91 -0.14
C SER F 51 -39.39 -26.81 -0.65
N GLN F 52 -38.40 -27.00 0.24
CA GLN F 52 -36.99 -26.92 -0.16
CA GLN F 52 -36.95 -26.99 -0.10
C GLN F 52 -36.59 -28.04 -1.13
N LEU F 53 -37.42 -29.08 -1.20
CA LEU F 53 -37.23 -30.18 -2.14
CA LEU F 53 -37.24 -30.20 -2.13
C LEU F 53 -38.05 -29.92 -3.40
N PRO F 54 -37.36 -29.67 -4.56
CA PRO F 54 -38.16 -29.27 -5.73
C PRO F 54 -38.79 -30.45 -6.49
N ALA F 55 -39.80 -31.07 -5.89
CA ALA F 55 -40.41 -32.27 -6.46
C ALA F 55 -41.54 -31.96 -7.41
N THR F 56 -41.48 -32.56 -8.60
CA THR F 56 -42.59 -32.51 -9.55
C THR F 56 -43.54 -33.67 -9.37
N ALA F 57 -43.06 -34.79 -8.81
CA ALA F 57 -43.92 -35.93 -8.51
C ALA F 57 -43.53 -36.52 -7.12
N ILE F 58 -44.51 -37.01 -6.39
CA ILE F 58 -44.30 -37.56 -5.02
CA ILE F 58 -44.29 -37.56 -5.06
C ILE F 58 -45.12 -38.83 -4.86
N ASP F 59 -44.48 -39.87 -4.31
CA ASP F 59 -45.19 -41.11 -4.05
C ASP F 59 -44.61 -41.69 -2.73
N TRP F 60 -45.25 -41.37 -1.62
CA TRP F 60 -44.88 -41.93 -0.31
C TRP F 60 -45.74 -43.16 -0.13
N GLU F 61 -45.13 -44.33 -0.30
CA GLU F 61 -45.87 -45.57 -0.20
C GLU F 61 -45.86 -46.11 1.25
N THR F 62 -47.04 -46.45 1.75
CA THR F 62 -47.24 -46.95 3.12
C THR F 62 -47.30 -48.48 3.03
N HIS F 63 -46.20 -49.13 3.44
CA HIS F 63 -46.11 -50.60 3.49
C HIS F 63 -46.96 -51.20 4.64
N ALA F 64 -46.99 -50.51 5.78
CA ALA F 64 -47.73 -50.96 6.97
C ALA F 64 -48.03 -49.74 7.79
N ILE F 65 -49.18 -49.77 8.43
CA ILE F 65 -49.63 -48.70 9.31
C ILE F 65 -50.43 -49.27 10.49
N ALA F 66 -50.15 -48.80 11.70
CA ALA F 66 -50.86 -49.28 12.89
C ALA F 66 -50.83 -48.20 13.96
N ALA F 67 -51.84 -48.15 14.81
CA ALA F 67 -51.96 -47.07 15.79
C ALA F 67 -52.08 -47.60 17.21
N THR F 68 -51.52 -46.83 18.13
CA THR F 68 -51.73 -47.03 19.56
C THR F 68 -52.86 -46.11 19.99
N GLY F 69 -53.32 -46.29 21.24
CA GLY F 69 -54.25 -45.39 21.89
C GLY F 69 -55.71 -45.67 21.58
N ASP F 70 -56.49 -44.59 21.51
CA ASP F 70 -57.96 -44.69 21.36
C ASP F 70 -58.48 -43.91 20.13
N ALA F 71 -59.79 -43.75 20.00
CA ALA F 71 -60.35 -43.11 18.81
C ALA F 71 -60.03 -41.61 18.71
N ALA F 72 -59.57 -41.01 19.81
CA ALA F 72 -59.27 -39.57 19.88
C ALA F 72 -57.79 -39.21 19.85
N ARG F 73 -56.97 -39.98 20.58
CA ARG F 73 -55.53 -39.71 20.63
CA ARG F 73 -55.54 -39.70 20.74
C ARG F 73 -54.72 -40.97 20.63
N GLY F 74 -53.55 -40.88 20.01
CA GLY F 74 -52.70 -42.04 19.86
C GLY F 74 -51.50 -41.75 19.00
N THR F 75 -50.62 -42.74 18.90
CA THR F 75 -49.41 -42.63 18.06
C THR F 75 -49.59 -43.58 16.91
N VAL F 76 -49.47 -43.06 15.68
CA VAL F 76 -49.61 -43.87 14.51
C VAL F 76 -48.24 -44.21 13.97
N LEU F 77 -47.96 -45.47 13.71
CA LEU F 77 -46.64 -45.93 13.25
C LEU F 77 -46.77 -46.34 11.82
N THR F 78 -45.81 -45.89 11.01
CA THR F 78 -45.82 -46.18 9.59
C THR F 78 -44.50 -46.77 9.12
N GLU F 79 -44.60 -47.63 8.11
CA GLU F 79 -43.41 -48.13 7.42
C GLU F 79 -43.60 -47.76 5.95
N ARG F 80 -42.63 -47.00 5.40
CA ARG F 80 -42.85 -46.34 4.08
C ARG F 80 -41.63 -46.44 3.17
N THR F 81 -41.84 -46.23 1.86
CA THR F 81 -40.76 -45.80 0.98
C THR F 81 -41.20 -44.47 0.37
N ASP F 82 -40.41 -43.44 0.60
CA ASP F 82 -40.79 -42.09 0.16
C ASP F 82 -40.07 -41.83 -1.18
N ARG F 83 -40.85 -41.73 -2.24
CA ARG F 83 -40.29 -41.50 -3.58
CA ARG F 83 -40.28 -41.51 -3.57
C ARG F 83 -40.60 -40.10 -4.05
N PHE F 84 -39.59 -39.50 -4.71
CA PHE F 84 -39.70 -38.16 -5.29
C PHE F 84 -39.12 -38.14 -6.72
N THR F 85 -39.78 -37.41 -7.60
CA THR F 85 -39.19 -37.02 -8.88
C THR F 85 -38.92 -35.54 -8.76
N LEU F 86 -37.68 -35.16 -9.01
CA LEU F 86 -37.24 -33.77 -8.90
C LEU F 86 -37.29 -33.04 -10.25
N ALA F 87 -37.22 -31.70 -10.16
CA ALA F 87 -37.23 -30.78 -11.31
C ALA F 87 -36.16 -31.09 -12.35
N ASP F 88 -34.99 -31.54 -11.91
CA ASP F 88 -33.89 -31.93 -12.81
C ASP F 88 -33.98 -33.39 -13.28
N GLY F 89 -35.14 -34.03 -13.11
CA GLY F 89 -35.39 -35.39 -13.62
C GLY F 89 -35.03 -36.55 -12.68
N ARG F 90 -34.11 -36.27 -11.75
CA ARG F 90 -33.62 -37.29 -10.82
CA ARG F 90 -33.62 -37.29 -10.82
C ARG F 90 -34.68 -37.79 -9.84
N THR F 91 -34.58 -39.06 -9.53
CA THR F 91 -35.51 -39.71 -8.64
C THR F 91 -34.86 -39.83 -7.25
N LEU F 92 -35.71 -39.78 -6.24
CA LEU F 92 -35.32 -40.15 -4.89
C LEU F 92 -36.22 -41.29 -4.42
N ALA F 93 -35.63 -42.19 -3.64
CA ALA F 93 -36.41 -43.20 -2.95
C ALA F 93 -35.71 -43.50 -1.63
N ILE F 94 -36.36 -43.07 -0.56
CA ILE F 94 -35.79 -43.25 0.76
CA ILE F 94 -35.83 -43.13 0.80
C ILE F 94 -36.72 -44.09 1.62
N ARG F 95 -36.14 -45.18 2.16
CA ARG F 95 -36.92 -46.04 3.07
C ARG F 95 -36.92 -45.39 4.47
N VAL F 96 -38.13 -45.34 5.05
CA VAL F 96 -38.39 -44.50 6.22
C VAL F 96 -39.54 -45.10 7.04
N MET F 97 -39.34 -45.10 8.37
CA MET F 97 -40.49 -45.38 9.27
C MET F 97 -40.79 -44.09 10.01
N GLY F 98 -42.07 -43.81 10.19
CA GLY F 98 -42.47 -42.58 10.87
C GLY F 98 -43.49 -42.79 11.94
N ALA F 99 -43.32 -42.07 13.01
CA ALA F 99 -44.29 -42.05 14.13
C ALA F 99 -44.99 -40.73 14.16
N PHE F 100 -46.32 -40.75 14.19
CA PHE F 100 -47.12 -39.52 14.23
C PHE F 100 -47.97 -39.53 15.49
N ASP F 101 -47.79 -38.53 16.36
CA ASP F 101 -48.67 -38.38 17.52
C ASP F 101 -49.86 -37.51 17.08
N VAL F 102 -51.09 -37.95 17.38
CA VAL F 102 -52.28 -37.26 16.94
C VAL F 102 -53.17 -37.06 18.16
N ALA F 103 -53.78 -35.89 18.27
CA ALA F 103 -54.77 -35.63 19.32
C ALA F 103 -55.87 -34.85 18.64
N ASP F 104 -57.09 -35.39 18.74
CA ASP F 104 -58.28 -34.71 18.18
C ASP F 104 -58.13 -34.28 16.73
N GLY F 105 -57.64 -35.20 15.91
CA GLY F 105 -57.46 -34.94 14.49
C GLY F 105 -56.35 -33.97 14.05
N SER F 106 -55.38 -33.71 14.94
CA SER F 106 -54.25 -32.83 14.61
C SER F 106 -52.96 -33.57 14.95
N ILE F 107 -52.00 -33.58 14.03
CA ILE F 107 -50.67 -34.21 14.22
C ILE F 107 -49.81 -33.27 15.07
N THR F 108 -49.54 -33.66 16.30
CA THR F 108 -48.80 -32.80 17.26
C THR F 108 -47.29 -33.04 17.13
N ALA F 109 -46.93 -34.20 16.61
CA ALA F 109 -45.52 -34.56 16.39
C ALA F 109 -45.38 -35.57 15.29
N TRP F 110 -44.35 -35.41 14.48
CA TRP F 110 -44.04 -36.30 13.37
C TRP F 110 -42.54 -36.60 13.41
N ARG F 111 -42.21 -37.87 13.62
CA ARG F 111 -40.82 -38.30 13.81
C ARG F 111 -40.49 -39.31 12.75
N ASP F 112 -39.58 -38.96 11.83
CA ASP F 112 -39.24 -39.84 10.74
C ASP F 112 -37.84 -40.37 10.91
N TYR F 113 -37.73 -41.70 10.72
CA TYR F 113 -36.51 -42.46 10.98
C TYR F 113 -36.00 -43.02 9.67
N PHE F 114 -34.78 -42.58 9.34
CA PHE F 114 -34.14 -42.96 8.06
C PHE F 114 -32.64 -42.72 8.18
N ASP F 115 -31.91 -43.16 7.16
CA ASP F 115 -30.48 -42.93 7.13
C ASP F 115 -30.16 -41.69 6.28
N LEU F 116 -29.55 -40.71 6.94
CA LEU F 116 -29.16 -39.45 6.27
C LEU F 116 -28.19 -39.69 5.09
N GLY F 117 -27.23 -40.60 5.26
CA GLY F 117 -26.28 -40.94 4.16
C GLY F 117 -26.98 -41.40 2.90
N GLN F 118 -27.97 -42.27 3.03
CA GLN F 118 -28.79 -42.73 1.91
C GLN F 118 -29.50 -41.58 1.20
N PHE F 119 -30.09 -40.68 1.98
CA PHE F 119 -30.76 -39.49 1.45
C PHE F 119 -29.78 -38.56 0.73
N MET F 120 -28.72 -38.14 1.44
CA MET F 120 -27.66 -37.28 0.91
CA MET F 120 -27.70 -37.28 0.87
C MET F 120 -27.04 -37.85 -0.38
N ALA F 121 -26.82 -39.17 -0.40
CA ALA F 121 -26.23 -39.84 -1.57
C ALA F 121 -27.11 -39.69 -2.82
N GLN F 122 -28.42 -39.72 -2.62
CA GLN F 122 -29.35 -39.55 -3.72
C GLN F 122 -29.47 -38.09 -4.14
N MET F 123 -29.14 -37.18 -3.22
CA MET F 123 -29.12 -35.74 -3.47
C MET F 123 -27.77 -35.22 -4.01
N ALA F 124 -26.80 -36.13 -4.16
CA ALA F 124 -25.44 -35.77 -4.57
C ALA F 124 -25.35 -35.39 -6.04
N MET G 1 1.03 -51.95 7.51
CA MET G 1 0.88 -50.56 7.99
CA MET G 1 0.90 -50.55 8.00
C MET G 1 -0.33 -49.93 7.36
N THR G 2 -1.18 -49.28 8.17
CA THR G 2 -2.37 -48.64 7.68
C THR G 2 -2.04 -47.29 6.98
N PRO G 3 -3.02 -46.76 6.22
CA PRO G 3 -2.76 -45.42 5.62
C PRO G 3 -2.40 -44.34 6.67
N LEU G 4 -3.15 -44.32 7.78
CA LEU G 4 -2.92 -43.36 8.87
C LEU G 4 -1.51 -43.57 9.44
N GLU G 5 -1.13 -44.83 9.73
CA GLU G 5 0.22 -45.07 10.25
C GLU G 5 1.36 -44.67 9.30
N THR G 6 1.15 -44.95 7.99
CA THR G 6 2.14 -44.58 6.99
C THR G 6 2.40 -43.06 7.00
N VAL G 7 1.30 -42.29 7.04
CA VAL G 7 1.41 -40.83 7.02
C VAL G 7 2.01 -40.31 8.33
N GLN G 8 1.55 -40.87 9.47
CA GLN G 8 2.20 -40.52 10.75
C GLN G 8 3.70 -40.80 10.73
N LEU G 9 4.11 -41.95 10.16
CA LEU G 9 5.51 -42.29 10.10
C LEU G 9 6.26 -41.29 9.18
N PHE G 10 5.64 -40.98 8.02
CA PHE G 10 6.21 -40.01 7.09
C PHE G 10 6.47 -38.65 7.78
N LEU G 11 5.44 -38.16 8.47
CA LEU G 11 5.55 -36.87 9.12
C LEU G 11 6.59 -36.91 10.22
N ALA G 12 6.62 -38.02 10.98
CA ALA G 12 7.69 -38.18 12.00
C ALA G 12 9.10 -38.13 11.40
N ARG G 13 9.29 -38.80 10.24
CA ARG G 13 10.59 -38.77 9.63
C ARG G 13 10.94 -37.37 9.09
N VAL G 14 9.97 -36.68 8.49
CA VAL G 14 10.22 -35.32 8.06
C VAL G 14 10.66 -34.46 9.26
N ASN G 15 9.95 -34.63 10.38
CA ASN G 15 10.24 -33.83 11.60
C ASN G 15 11.61 -34.20 12.20
N ALA G 16 12.14 -35.36 11.86
CA ALA G 16 13.53 -35.72 12.30
C ALA G 16 14.63 -35.30 11.30
N LEU G 17 14.25 -34.57 10.24
CA LEU G 17 15.15 -34.16 9.13
C LEU G 17 15.72 -35.38 8.39
N ASP G 18 14.96 -36.47 8.46
CA ASP G 18 15.30 -37.71 7.78
C ASP G 18 14.57 -37.73 6.42
N LEU G 19 15.13 -36.96 5.49
CA LEU G 19 14.40 -36.79 4.24
CA LEU G 19 14.54 -36.75 4.15
C LEU G 19 14.49 -38.03 3.36
N ASP G 20 15.61 -38.78 3.42
CA ASP G 20 15.69 -40.06 2.70
C ASP G 20 14.69 -41.09 3.21
N GLY G 21 14.58 -41.22 4.53
CA GLY G 21 13.63 -42.14 5.13
C GLY G 21 12.19 -41.73 4.84
N ALA G 22 11.89 -40.43 4.92
CA ALA G 22 10.57 -39.96 4.59
C ALA G 22 10.22 -40.27 3.12
N CYS G 23 11.16 -39.95 2.23
CA CYS G 23 10.95 -40.22 0.82
C CYS G 23 10.84 -41.71 0.44
N ALA G 24 11.47 -42.58 1.25
CA ALA G 24 11.31 -44.03 1.07
C ALA G 24 9.84 -44.48 1.15
N LEU G 25 9.01 -43.74 1.89
CA LEU G 25 7.59 -44.04 2.01
C LEU G 25 6.71 -43.54 0.86
N LEU G 26 7.30 -42.65 0.03
CA LEU G 26 6.67 -42.24 -1.19
C LEU G 26 6.85 -43.30 -2.29
N ALA G 27 5.80 -43.53 -3.02
CA ALA G 27 5.92 -44.43 -4.21
C ALA G 27 7.04 -43.95 -5.16
N GLU G 28 7.65 -44.90 -5.87
CA GLU G 28 8.61 -44.56 -6.94
C GLU G 28 8.05 -43.54 -7.92
N ASP G 29 6.77 -43.63 -8.21
CA ASP G 29 6.07 -42.72 -9.12
C ASP G 29 5.01 -41.82 -8.45
N VAL G 30 5.31 -41.44 -7.20
CA VAL G 30 4.41 -40.55 -6.43
C VAL G 30 4.06 -39.28 -7.26
N VAL G 31 2.81 -38.86 -7.15
CA VAL G 31 2.38 -37.56 -7.64
C VAL G 31 2.46 -36.58 -6.44
N TYR G 32 3.42 -35.67 -6.46
CA TYR G 32 3.61 -34.70 -5.33
C TYR G 32 3.13 -33.32 -5.83
N ASP G 33 1.91 -33.00 -5.46
CA ASP G 33 1.16 -31.84 -5.93
C ASP G 33 1.08 -30.75 -4.82
N ASN G 34 2.03 -29.82 -4.78
CA ASN G 34 1.86 -28.55 -4.03
C ASN G 34 0.91 -27.76 -4.92
N VAL G 35 -0.34 -27.63 -4.49
CA VAL G 35 -1.42 -27.17 -5.38
C VAL G 35 -1.08 -25.89 -6.20
N PRO G 36 -0.50 -24.84 -5.59
CA PRO G 36 -0.27 -23.62 -6.39
C PRO G 36 1.12 -23.60 -7.03
N MET G 37 1.81 -24.75 -7.10
CA MET G 37 3.21 -24.83 -7.59
C MET G 37 3.27 -25.91 -8.69
N PRO G 38 4.41 -25.96 -9.45
CA PRO G 38 4.48 -27.03 -10.42
C PRO G 38 4.44 -28.42 -9.75
N THR G 39 3.78 -29.36 -10.39
CA THR G 39 3.70 -30.76 -9.90
C THR G 39 5.02 -31.48 -10.02
N VAL G 40 5.31 -32.34 -9.06
CA VAL G 40 6.58 -33.07 -8.98
C VAL G 40 6.21 -34.55 -9.12
N HIS G 41 6.95 -35.27 -9.98
CA HIS G 41 6.63 -36.68 -10.21
C HIS G 41 7.78 -37.59 -9.86
N GLY G 42 7.51 -38.54 -8.97
CA GLY G 42 8.47 -39.55 -8.59
C GLY G 42 9.23 -39.29 -7.32
N ARG G 43 9.71 -40.36 -6.69
CA ARG G 43 10.36 -40.26 -5.39
C ARG G 43 11.64 -39.42 -5.45
N ALA G 44 12.48 -39.66 -6.48
CA ALA G 44 13.72 -38.90 -6.65
C ALA G 44 13.47 -37.42 -6.81
N ALA G 45 12.52 -37.06 -7.67
CA ALA G 45 12.18 -35.64 -7.84
C ALA G 45 11.58 -35.04 -6.55
N ALA G 46 10.79 -35.81 -5.81
CA ALA G 46 10.23 -35.28 -4.54
C ALA G 46 11.33 -35.02 -3.53
N ARG G 47 12.31 -35.95 -3.45
CA ARG G 47 13.44 -35.78 -2.55
CA ARG G 47 13.46 -35.80 -2.57
C ARG G 47 14.23 -34.54 -2.93
N ALA G 48 14.49 -34.35 -4.23
CA ALA G 48 15.24 -33.16 -4.69
C ALA G 48 14.48 -31.88 -4.39
N PHE G 49 13.17 -31.90 -4.57
CA PHE G 49 12.37 -30.70 -4.33
C PHE G 49 12.40 -30.29 -2.87
N LEU G 50 12.24 -31.26 -1.99
CA LEU G 50 12.29 -31.02 -0.52
C LEU G 50 13.66 -30.47 -0.10
N SER G 51 14.72 -30.91 -0.77
CA SER G 51 16.07 -30.42 -0.51
CA SER G 51 16.07 -30.42 -0.49
C SER G 51 16.30 -28.97 -0.94
N GLN G 52 15.38 -28.40 -1.74
CA GLN G 52 15.51 -27.00 -2.19
CA GLN G 52 15.54 -27.00 -2.18
C GLN G 52 15.38 -26.01 -1.04
N LEU G 53 14.78 -26.44 0.06
CA LEU G 53 14.65 -25.59 1.23
C LEU G 53 15.83 -25.90 2.14
N PRO G 54 16.71 -24.89 2.38
CA PRO G 54 17.88 -25.17 3.21
C PRO G 54 17.56 -25.21 4.72
N ALA G 55 16.73 -26.18 5.11
CA ALA G 55 16.25 -26.33 6.49
C ALA G 55 17.22 -27.08 7.40
N THR G 56 17.44 -26.50 8.57
CA THR G 56 18.28 -27.08 9.62
C THR G 56 17.44 -27.61 10.77
N ALA G 57 16.17 -27.20 10.83
CA ALA G 57 15.22 -27.76 11.78
C ALA G 57 13.82 -27.70 11.12
N ILE G 58 12.98 -28.71 11.38
CA ILE G 58 11.65 -28.80 10.79
C ILE G 58 10.64 -29.16 11.89
N ASP G 59 9.52 -28.46 11.98
CA ASP G 59 8.47 -28.80 12.93
C ASP G 59 7.14 -28.70 12.20
N TRP G 60 6.72 -29.79 11.58
CA TRP G 60 5.39 -29.84 10.99
C TRP G 60 4.42 -30.36 12.04
N GLU G 61 3.55 -29.46 12.52
CA GLU G 61 2.62 -29.80 13.57
C GLU G 61 1.29 -30.21 12.97
N THR G 62 0.81 -31.39 13.29
CA THR G 62 -0.44 -31.89 12.77
C THR G 62 -1.51 -31.56 13.83
N HIS G 63 -2.43 -30.65 13.47
CA HIS G 63 -3.50 -30.23 14.36
C HIS G 63 -4.64 -31.22 14.33
N ALA G 64 -4.90 -31.86 13.18
CA ALA G 64 -5.98 -32.76 12.98
C ALA G 64 -5.61 -33.71 11.86
N ILE G 65 -6.01 -34.96 12.03
CA ILE G 65 -5.72 -36.00 11.03
C ILE G 65 -6.85 -37.00 11.05
N ALA G 66 -7.26 -37.45 9.87
CA ALA G 66 -8.37 -38.40 9.78
C ALA G 66 -8.27 -39.12 8.43
N ALA G 67 -8.67 -40.36 8.37
CA ALA G 67 -8.51 -41.17 7.14
C ALA G 67 -9.80 -41.74 6.61
N THR G 68 -9.84 -41.90 5.29
CA THR G 68 -10.92 -42.62 4.61
C THR G 68 -10.38 -44.02 4.32
N GLY G 69 -11.24 -44.91 3.85
CA GLY G 69 -10.78 -46.21 3.34
C GLY G 69 -10.65 -47.32 4.39
N ASP G 70 -9.70 -48.22 4.19
CA ASP G 70 -9.59 -49.39 5.09
C ASP G 70 -8.19 -49.55 5.63
N ALA G 71 -7.87 -50.71 6.19
CA ALA G 71 -6.57 -50.88 6.79
C ALA G 71 -5.43 -50.93 5.78
N ALA G 72 -5.79 -51.12 4.51
CA ALA G 72 -4.78 -51.26 3.47
C ALA G 72 -4.60 -50.01 2.62
N ARG G 73 -5.73 -49.41 2.31
CA ARG G 73 -5.77 -48.33 1.32
CA ARG G 73 -5.86 -48.41 1.24
C ARG G 73 -6.74 -47.27 1.72
N GLY G 74 -6.32 -46.03 1.45
CA GLY G 74 -7.20 -44.92 1.72
C GLY G 74 -6.52 -43.57 1.54
N THR G 75 -7.28 -42.50 1.78
CA THR G 75 -6.75 -41.12 1.77
C THR G 75 -6.72 -40.55 3.20
N VAL G 76 -5.55 -40.07 3.61
CA VAL G 76 -5.38 -39.46 4.93
C VAL G 76 -5.41 -37.96 4.73
N LEU G 77 -6.29 -37.31 5.47
CA LEU G 77 -6.39 -35.84 5.44
C LEU G 77 -5.76 -35.23 6.65
N THR G 78 -5.05 -34.13 6.46
CA THR G 78 -4.28 -33.50 7.55
C THR G 78 -4.51 -31.98 7.58
N GLU G 79 -4.53 -31.37 8.78
CA GLU G 79 -4.49 -29.93 8.93
C GLU G 79 -3.26 -29.61 9.77
N ARG G 80 -2.36 -28.79 9.21
CA ARG G 80 -1.05 -28.60 9.76
C ARG G 80 -0.58 -27.16 9.79
N THR G 81 0.45 -26.92 10.60
CA THR G 81 1.28 -25.77 10.43
C THR G 81 2.69 -26.27 10.22
N ASP G 82 3.24 -25.98 9.05
CA ASP G 82 4.58 -26.47 8.69
C ASP G 82 5.63 -25.42 9.01
N ARG G 83 6.43 -25.72 10.04
CA ARG G 83 7.46 -24.77 10.52
C ARG G 83 8.83 -25.24 10.11
N PHE G 84 9.69 -24.32 9.69
CA PHE G 84 11.04 -24.63 9.26
C PHE G 84 11.97 -23.58 9.84
N THR G 85 13.18 -23.99 10.20
CA THR G 85 14.31 -23.04 10.38
C THR G 85 15.31 -23.25 9.25
N LEU G 86 15.73 -22.17 8.57
CA LEU G 86 16.67 -22.27 7.46
C LEU G 86 18.13 -21.99 7.86
N ALA G 87 19.10 -22.37 7.02
CA ALA G 87 20.56 -22.20 7.31
C ALA G 87 20.99 -20.78 7.68
N ASP G 88 20.31 -19.78 7.11
CA ASP G 88 20.62 -18.38 7.41
C ASP G 88 19.89 -17.83 8.65
N GLY G 89 19.21 -18.71 9.38
CA GLY G 89 18.46 -18.31 10.57
C GLY G 89 17.03 -17.81 10.32
N ARG G 90 16.66 -17.56 9.06
CA ARG G 90 15.24 -17.30 8.69
C ARG G 90 14.35 -18.48 9.11
N THR G 91 13.18 -18.19 9.63
CA THR G 91 12.19 -19.23 9.94
CA THR G 91 12.20 -19.25 9.90
C THR G 91 10.95 -19.06 9.06
N LEU G 92 10.16 -20.14 8.94
CA LEU G 92 8.87 -20.17 8.24
C LEU G 92 7.84 -20.89 9.07
N ALA G 93 6.57 -20.48 8.93
CA ALA G 93 5.44 -21.22 9.47
C ALA G 93 4.30 -21.09 8.50
N ILE G 94 4.06 -22.15 7.72
CA ILE G 94 3.07 -22.11 6.65
C ILE G 94 1.86 -22.95 7.05
N ARG G 95 0.68 -22.33 7.08
CA ARG G 95 -0.56 -23.05 7.37
C ARG G 95 -0.94 -23.86 6.13
N VAL G 96 -1.17 -25.16 6.28
CA VAL G 96 -1.38 -26.06 5.10
C VAL G 96 -2.31 -27.19 5.45
N MET G 97 -3.19 -27.60 4.52
CA MET G 97 -3.90 -28.88 4.61
C MET G 97 -3.41 -29.81 3.55
N GLY G 98 -3.23 -31.09 3.88
CA GLY G 98 -2.70 -32.06 2.89
C GLY G 98 -3.47 -33.33 2.86
N ALA G 99 -3.61 -33.87 1.66
CA ALA G 99 -4.26 -35.15 1.44
C ALA G 99 -3.18 -36.13 0.92
N PHE G 100 -3.15 -37.32 1.51
CA PHE G 100 -2.15 -38.34 1.17
C PHE G 100 -2.89 -39.60 0.78
N ASP G 101 -2.71 -40.06 -0.45
CA ASP G 101 -3.27 -41.38 -0.86
C ASP G 101 -2.26 -42.44 -0.55
N VAL G 102 -2.71 -43.51 0.13
CA VAL G 102 -1.81 -44.60 0.53
C VAL G 102 -2.35 -45.94 0.07
N ALA G 103 -1.44 -46.78 -0.40
CA ALA G 103 -1.79 -48.16 -0.75
C ALA G 103 -0.68 -49.02 -0.24
N ASP G 104 -1.04 -49.99 0.65
CA ASP G 104 -0.07 -50.96 1.17
C ASP G 104 1.22 -50.34 1.70
N GLY G 105 1.08 -49.28 2.49
CA GLY G 105 2.18 -48.64 3.19
C GLY G 105 3.08 -47.73 2.35
N SER G 106 2.59 -47.39 1.16
CA SER G 106 3.28 -46.44 0.23
C SER G 106 2.35 -45.30 -0.16
N ILE G 107 2.85 -44.05 -0.02
CA ILE G 107 2.11 -42.88 -0.40
C ILE G 107 2.24 -42.70 -1.91
N THR G 108 1.10 -42.84 -2.57
CA THR G 108 1.06 -42.84 -4.04
C THR G 108 0.81 -41.44 -4.55
N ALA G 109 0.23 -40.56 -3.70
CA ALA G 109 -0.05 -39.17 -4.08
C ALA G 109 -0.10 -38.32 -2.82
N TRP G 110 0.42 -37.10 -2.94
CA TRP G 110 0.44 -36.15 -1.80
C TRP G 110 0.07 -34.81 -2.36
N ARG G 111 -1.02 -34.24 -1.84
CA ARG G 111 -1.57 -32.97 -2.34
C ARG G 111 -1.61 -31.99 -1.19
N ASP G 112 -0.78 -30.95 -1.26
CA ASP G 112 -0.74 -29.94 -0.19
C ASP G 112 -1.36 -28.64 -0.64
N TYR G 113 -2.23 -28.07 0.19
CA TYR G 113 -3.07 -26.90 -0.12
C TYR G 113 -2.69 -25.76 0.78
N PHE G 114 -2.12 -24.72 0.19
CA PHE G 114 -1.67 -23.55 0.97
C PHE G 114 -1.64 -22.37 0.02
N ASP G 115 -1.34 -21.18 0.56
CA ASP G 115 -1.29 -19.98 -0.25
C ASP G 115 0.17 -19.73 -0.64
N LEU G 116 0.39 -19.63 -1.95
CA LEU G 116 1.74 -19.36 -2.42
C LEU G 116 2.27 -17.95 -2.02
N GLY G 117 1.37 -16.97 -2.00
CA GLY G 117 1.77 -15.63 -1.51
C GLY G 117 2.36 -15.62 -0.12
N GLN G 118 1.72 -16.33 0.80
CA GLN G 118 2.21 -16.43 2.18
C GLN G 118 3.58 -17.08 2.20
N PHE G 119 3.76 -18.16 1.41
CA PHE G 119 5.05 -18.80 1.35
C PHE G 119 6.15 -17.87 0.82
N MET G 120 5.86 -17.21 -0.31
CA MET G 120 6.82 -16.29 -0.89
C MET G 120 7.13 -15.13 0.08
N ALA G 121 6.14 -14.62 0.78
CA ALA G 121 6.38 -13.52 1.76
C ALA G 121 7.34 -13.94 2.87
N GLN G 122 7.31 -15.22 3.25
CA GLN G 122 8.18 -15.65 4.35
C GLN G 122 9.57 -15.96 3.92
N MET G 123 9.72 -16.28 2.65
CA MET G 123 11.02 -16.56 2.08
C MET G 123 11.76 -15.27 1.70
N ALA G 124 11.11 -14.12 1.92
CA ALA G 124 11.68 -12.81 1.64
C ALA G 124 12.98 -12.60 2.44
N PRO G 125 14.07 -12.13 1.76
CA PRO G 125 15.37 -12.08 2.43
C PRO G 125 15.64 -10.74 3.14
N MET H 1 -27.41 -34.98 14.80
CA MET H 1 -26.47 -34.94 13.63
CA MET H 1 -26.46 -35.11 13.66
C MET H 1 -24.99 -34.98 14.07
N THR H 2 -24.19 -35.85 13.45
CA THR H 2 -22.78 -35.99 13.78
C THR H 2 -22.00 -34.83 13.13
N PRO H 3 -20.74 -34.64 13.56
CA PRO H 3 -19.93 -33.63 12.87
C PRO H 3 -19.88 -33.88 11.34
N LEU H 4 -19.61 -35.11 10.92
CA LEU H 4 -19.51 -35.46 9.49
C LEU H 4 -20.82 -35.09 8.74
N GLU H 5 -21.96 -35.51 9.32
CA GLU H 5 -23.25 -35.20 8.76
C GLU H 5 -23.53 -33.70 8.70
N THR H 6 -23.13 -32.95 9.73
CA THR H 6 -23.33 -31.50 9.78
C THR H 6 -22.64 -30.84 8.60
N VAL H 7 -21.41 -31.25 8.35
CA VAL H 7 -20.65 -30.66 7.25
C VAL H 7 -21.21 -31.13 5.91
N GLN H 8 -21.57 -32.40 5.80
CA GLN H 8 -22.20 -32.92 4.59
C GLN H 8 -23.49 -32.15 4.26
N LEU H 9 -24.31 -31.87 5.29
CA LEU H 9 -25.51 -31.05 5.12
C LEU H 9 -25.18 -29.61 4.72
N PHE H 10 -24.22 -28.99 5.43
CA PHE H 10 -23.75 -27.66 5.05
C PHE H 10 -23.38 -27.59 3.56
N LEU H 11 -22.61 -28.56 3.10
CA LEU H 11 -22.12 -28.53 1.70
C LEU H 11 -23.26 -28.76 0.72
N ALA H 12 -24.18 -29.66 1.08
CA ALA H 12 -25.39 -29.87 0.28
C ALA H 12 -26.25 -28.60 0.15
N ARG H 13 -26.40 -27.82 1.22
CA ARG H 13 -27.21 -26.62 1.21
C ARG H 13 -26.54 -25.51 0.37
N VAL H 14 -25.23 -25.31 0.55
CA VAL H 14 -24.46 -24.45 -0.35
C VAL H 14 -24.69 -24.85 -1.83
N ASN H 15 -24.61 -26.13 -2.16
CA ASN H 15 -24.77 -26.62 -3.54
C ASN H 15 -26.21 -26.44 -4.07
N ALA H 16 -27.16 -26.21 -3.18
CA ALA H 16 -28.54 -25.90 -3.60
C ALA H 16 -28.82 -24.39 -3.63
N LEU H 17 -27.75 -23.61 -3.56
CA LEU H 17 -27.81 -22.14 -3.48
CA LEU H 17 -27.81 -22.14 -3.48
C LEU H 17 -28.60 -21.65 -2.27
N ASP H 18 -28.67 -22.49 -1.23
CA ASP H 18 -29.38 -22.14 0.00
C ASP H 18 -28.41 -21.58 1.04
N LEU H 19 -28.01 -20.34 0.82
CA LEU H 19 -26.99 -19.75 1.66
CA LEU H 19 -27.02 -19.65 1.64
C LEU H 19 -27.49 -19.48 3.08
N ASP H 20 -28.76 -19.09 3.23
CA ASP H 20 -29.35 -18.88 4.57
C ASP H 20 -29.41 -20.15 5.39
N GLY H 21 -29.84 -21.24 4.74
CA GLY H 21 -29.91 -22.56 5.34
C GLY H 21 -28.53 -23.09 5.70
N ALA H 22 -27.57 -22.93 4.80
CA ALA H 22 -26.18 -23.34 5.12
C ALA H 22 -25.65 -22.55 6.32
N CYS H 23 -25.83 -21.23 6.31
CA CYS H 23 -25.23 -20.44 7.38
C CYS H 23 -25.90 -20.66 8.72
N ALA H 24 -27.11 -21.20 8.69
CA ALA H 24 -27.85 -21.57 9.90
C ALA H 24 -27.08 -22.61 10.69
N LEU H 25 -26.28 -23.40 9.98
CA LEU H 25 -25.45 -24.41 10.60
C LEU H 25 -24.14 -23.89 11.19
N LEU H 26 -23.77 -22.63 10.91
CA LEU H 26 -22.63 -21.99 11.54
C LEU H 26 -23.06 -21.44 12.88
N ALA H 27 -22.17 -21.52 13.87
CA ALA H 27 -22.40 -20.92 15.18
C ALA H 27 -22.56 -19.41 15.06
N GLU H 28 -23.23 -18.80 16.04
CA GLU H 28 -23.47 -17.36 16.00
CA GLU H 28 -23.47 -17.36 16.07
C GLU H 28 -22.16 -16.58 15.95
N ASP H 29 -21.14 -17.07 16.65
CA ASP H 29 -19.84 -16.38 16.71
C ASP H 29 -18.75 -17.24 16.05
N VAL H 30 -19.16 -17.98 15.04
CA VAL H 30 -18.23 -18.74 14.15
C VAL H 30 -17.00 -17.93 13.73
N VAL H 31 -15.86 -18.60 13.75
CA VAL H 31 -14.63 -18.08 13.14
C VAL H 31 -14.59 -18.68 11.71
N TYR H 32 -14.68 -17.79 10.71
CA TYR H 32 -14.65 -18.22 9.31
C TYR H 32 -13.33 -17.66 8.74
N ASP H 33 -12.40 -18.60 8.58
CA ASP H 33 -11.01 -18.29 8.29
C ASP H 33 -10.63 -18.84 6.91
N ASN H 34 -10.79 -17.99 5.89
CA ASN H 34 -10.18 -18.27 4.55
C ASN H 34 -8.76 -17.89 4.78
N VAL H 35 -7.86 -18.90 4.80
CA VAL H 35 -6.52 -18.71 5.36
C VAL H 35 -5.76 -17.49 4.78
N PRO H 36 -5.84 -17.25 3.44
CA PRO H 36 -5.12 -16.08 2.96
C PRO H 36 -5.94 -14.78 2.86
N MET H 37 -7.09 -14.73 3.53
CA MET H 37 -7.95 -13.55 3.50
C MET H 37 -8.20 -13.08 4.93
N PRO H 38 -8.70 -11.84 5.11
CA PRO H 38 -9.05 -11.47 6.49
C PRO H 38 -10.04 -12.42 7.10
N THR H 39 -9.88 -12.64 8.41
CA THR H 39 -10.79 -13.54 9.13
C THR H 39 -12.17 -12.87 9.36
N VAL H 40 -13.22 -13.65 9.25
CA VAL H 40 -14.62 -13.22 9.42
C VAL H 40 -15.12 -13.80 10.74
N HIS H 41 -15.85 -13.00 11.51
CA HIS H 41 -16.47 -13.47 12.76
C HIS H 41 -17.96 -13.39 12.76
N GLY H 42 -18.58 -14.54 13.03
CA GLY H 42 -20.03 -14.63 13.20
C GLY H 42 -20.83 -14.99 11.95
N ARG H 43 -21.99 -15.58 12.18
CA ARG H 43 -22.86 -16.09 11.14
C ARG H 43 -23.28 -15.02 10.11
N ALA H 44 -23.70 -13.85 10.60
CA ALA H 44 -24.16 -12.79 9.73
C ALA H 44 -23.03 -12.32 8.80
N ALA H 45 -21.83 -12.11 9.36
CA ALA H 45 -20.67 -11.67 8.58
C ALA H 45 -20.28 -12.74 7.58
N ALA H 46 -20.38 -14.01 7.97
CA ALA H 46 -20.09 -15.13 7.05
C ALA H 46 -21.08 -15.17 5.88
N ARG H 47 -22.36 -15.04 6.20
CA ARG H 47 -23.42 -14.91 5.21
CA ARG H 47 -23.39 -14.94 5.17
C ARG H 47 -23.16 -13.74 4.25
N ALA H 48 -22.81 -12.57 4.80
CA ALA H 48 -22.57 -11.39 3.97
C ALA H 48 -21.35 -11.59 3.06
N PHE H 49 -20.28 -12.20 3.60
CA PHE H 49 -19.08 -12.43 2.81
CA PHE H 49 -19.07 -12.47 2.83
C PHE H 49 -19.36 -13.34 1.62
N LEU H 50 -20.11 -14.41 1.84
CA LEU H 50 -20.40 -15.37 0.81
C LEU H 50 -21.26 -14.77 -0.28
N SER H 51 -22.11 -13.81 0.09
CA SER H 51 -22.97 -13.15 -0.89
CA SER H 51 -22.99 -13.09 -0.84
C SER H 51 -22.22 -12.19 -1.81
N GLN H 52 -20.98 -11.84 -1.45
CA GLN H 52 -20.13 -10.97 -2.30
C GLN H 52 -19.80 -11.61 -3.65
N LEU H 53 -19.96 -12.94 -3.73
CA LEU H 53 -19.78 -13.65 -4.97
CA LEU H 53 -19.77 -13.67 -4.97
C LEU H 53 -21.14 -13.82 -5.65
N PRO H 54 -21.34 -13.12 -6.78
CA PRO H 54 -22.69 -13.16 -7.33
C PRO H 54 -22.95 -14.47 -8.12
N ALA H 55 -23.23 -15.55 -7.40
CA ALA H 55 -23.30 -16.88 -8.00
C ALA H 55 -24.72 -17.28 -8.42
N THR H 56 -24.82 -17.89 -9.60
CA THR H 56 -26.09 -18.43 -10.12
C THR H 56 -26.15 -19.97 -10.17
N ALA H 57 -25.00 -20.61 -10.08
CA ALA H 57 -24.91 -22.04 -9.83
C ALA H 57 -23.67 -22.26 -8.97
N ILE H 58 -23.70 -23.26 -8.08
CA ILE H 58 -22.55 -23.56 -7.21
C ILE H 58 -22.41 -25.07 -7.24
N ASP H 59 -21.19 -25.56 -7.39
CA ASP H 59 -20.96 -26.99 -7.35
C ASP H 59 -19.64 -27.20 -6.62
N TRP H 60 -19.72 -27.35 -5.30
CA TRP H 60 -18.54 -27.67 -4.51
C TRP H 60 -18.47 -29.16 -4.40
N GLU H 61 -17.49 -29.73 -5.11
CA GLU H 61 -17.33 -31.16 -5.21
C GLU H 61 -16.45 -31.67 -4.05
N THR H 62 -16.92 -32.71 -3.33
CA THR H 62 -16.12 -33.28 -2.26
C THR H 62 -15.39 -34.50 -2.77
N HIS H 63 -14.06 -34.43 -2.85
CA HIS H 63 -13.27 -35.58 -3.27
C HIS H 63 -13.02 -36.56 -2.12
N ALA H 64 -12.85 -36.02 -0.92
CA ALA H 64 -12.59 -36.85 0.26
C ALA H 64 -13.08 -36.09 1.49
N ILE H 65 -13.59 -36.87 2.45
CA ILE H 65 -14.08 -36.29 3.70
C ILE H 65 -13.88 -37.33 4.81
N ALA H 66 -13.41 -36.85 5.97
CA ALA H 66 -13.21 -37.70 7.15
C ALA H 66 -13.24 -36.85 8.41
N ALA H 67 -13.64 -37.48 9.53
CA ALA H 67 -13.80 -36.72 10.78
C ALA H 67 -13.05 -37.33 11.97
N THR H 68 -12.61 -36.44 12.86
CA THR H 68 -12.09 -36.81 14.19
C THR H 68 -13.27 -36.76 15.17
N GLY H 69 -13.06 -37.29 16.38
CA GLY H 69 -14.01 -37.09 17.49
C GLY H 69 -15.09 -38.12 17.57
N ASP H 70 -16.28 -37.70 17.99
CA ASP H 70 -17.39 -38.63 18.26
C ASP H 70 -18.68 -38.12 17.65
N ALA H 71 -19.82 -38.71 18.02
CA ALA H 71 -21.13 -38.33 17.53
C ALA H 71 -21.54 -36.91 17.79
N ALA H 72 -20.99 -36.28 18.82
CA ALA H 72 -21.38 -34.93 19.18
C ALA H 72 -20.43 -33.83 18.73
N ARG H 73 -19.11 -34.07 18.87
CA ARG H 73 -18.10 -33.04 18.62
CA ARG H 73 -18.11 -33.03 18.61
C ARG H 73 -16.89 -33.60 17.87
N GLY H 74 -16.32 -32.80 16.96
CA GLY H 74 -15.12 -33.24 16.27
C GLY H 74 -14.77 -32.27 15.16
N THR H 75 -13.67 -32.58 14.47
CA THR H 75 -13.19 -31.77 13.34
C THR H 75 -13.35 -32.59 12.10
N VAL H 76 -13.99 -32.00 11.10
CA VAL H 76 -14.25 -32.67 9.83
C VAL H 76 -13.27 -32.05 8.79
N LEU H 77 -12.53 -32.95 8.13
CA LEU H 77 -11.55 -32.50 7.10
C LEU H 77 -12.11 -32.87 5.74
N THR H 78 -11.92 -31.94 4.79
CA THR H 78 -12.49 -32.05 3.46
C THR H 78 -11.42 -31.69 2.39
N GLU H 79 -11.47 -32.45 1.30
CA GLU H 79 -10.70 -32.09 0.08
C GLU H 79 -11.73 -31.85 -1.05
N ARG H 80 -11.67 -30.64 -1.64
CA ARG H 80 -12.78 -30.20 -2.50
C ARG H 80 -12.28 -29.47 -3.74
N THR H 81 -13.19 -29.34 -4.72
CA THR H 81 -13.02 -28.37 -5.78
C THR H 81 -14.30 -27.53 -5.79
N ASP H 82 -14.15 -26.25 -5.47
CA ASP H 82 -15.30 -25.35 -5.31
C ASP H 82 -15.58 -24.61 -6.63
N ARG H 83 -16.61 -25.07 -7.32
CA ARG H 83 -17.00 -24.46 -8.61
CA ARG H 83 -16.99 -24.46 -8.60
C ARG H 83 -18.16 -23.49 -8.42
N PHE H 84 -18.06 -22.36 -9.12
CA PHE H 84 -19.11 -21.31 -9.16
C PHE H 84 -19.32 -20.86 -10.60
N THR H 85 -20.59 -20.63 -10.94
CA THR H 85 -20.95 -19.84 -12.14
C THR H 85 -21.49 -18.54 -11.60
N LEU H 86 -20.88 -17.46 -12.06
CA LEU H 86 -21.28 -16.12 -11.67
C LEU H 86 -22.34 -15.51 -12.60
N ALA H 87 -23.07 -14.52 -12.06
CA ALA H 87 -24.19 -13.87 -12.77
C ALA H 87 -23.78 -13.29 -14.12
N ASP H 88 -22.52 -12.90 -14.23
CA ASP H 88 -21.95 -12.40 -15.48
C ASP H 88 -21.45 -13.52 -16.38
N GLY H 89 -21.63 -14.78 -15.97
CA GLY H 89 -21.20 -15.92 -16.80
C GLY H 89 -19.81 -16.49 -16.54
N ARG H 90 -19.02 -15.78 -15.72
CA ARG H 90 -17.70 -16.24 -15.26
C ARG H 90 -17.85 -17.58 -14.50
N THR H 91 -16.95 -18.52 -14.80
CA THR H 91 -16.88 -19.81 -14.11
CA THR H 91 -16.88 -19.81 -14.10
C THR H 91 -15.58 -19.86 -13.30
N LEU H 92 -15.70 -20.28 -12.05
CA LEU H 92 -14.57 -20.48 -11.17
C LEU H 92 -14.47 -21.95 -10.77
N ALA H 93 -13.24 -22.40 -10.54
CA ALA H 93 -13.01 -23.77 -10.05
C ALA H 93 -11.77 -23.68 -9.17
N ILE H 94 -12.00 -23.63 -7.84
CA ILE H 94 -10.91 -23.40 -6.88
C ILE H 94 -10.72 -24.66 -6.06
N ARG H 95 -9.53 -25.26 -6.19
CA ARG H 95 -9.13 -26.41 -5.35
C ARG H 95 -8.88 -25.92 -3.91
N VAL H 96 -9.47 -26.65 -2.94
CA VAL H 96 -9.43 -26.13 -1.56
C VAL H 96 -9.55 -27.33 -0.62
N MET H 97 -8.82 -27.26 0.50
CA MET H 97 -9.10 -28.18 1.61
C MET H 97 -9.64 -27.37 2.76
N GLY H 98 -10.60 -27.96 3.51
CA GLY H 98 -11.22 -27.17 4.59
C GLY H 98 -11.42 -28.03 5.82
N ALA H 99 -11.20 -27.37 6.95
CA ALA H 99 -11.43 -28.04 8.24
C ALA H 99 -12.61 -27.31 8.91
N PHE H 100 -13.52 -28.14 9.45
CA PHE H 100 -14.71 -27.66 10.13
C PHE H 100 -14.79 -28.22 11.55
N ASP H 101 -14.78 -27.34 12.55
CA ASP H 101 -15.00 -27.80 13.97
C ASP H 101 -16.48 -27.77 14.20
N VAL H 102 -17.05 -28.89 14.67
CA VAL H 102 -18.50 -29.00 14.91
C VAL H 102 -18.68 -29.38 16.40
N ALA H 103 -19.60 -28.66 17.07
CA ALA H 103 -20.12 -29.07 18.39
C ALA H 103 -21.64 -29.12 18.31
N ASP H 104 -22.21 -30.32 18.50
CA ASP H 104 -23.68 -30.54 18.53
C ASP H 104 -24.44 -30.00 17.33
N GLY H 105 -24.05 -30.41 16.14
CA GLY H 105 -24.69 -29.99 14.90
C GLY H 105 -24.52 -28.53 14.49
N SER H 106 -23.58 -27.83 15.15
CA SER H 106 -23.20 -26.43 14.84
C SER H 106 -21.68 -26.32 14.52
N ILE H 107 -21.40 -25.61 13.44
CA ILE H 107 -20.01 -25.37 12.99
C ILE H 107 -19.47 -24.16 13.72
N THR H 108 -18.53 -24.38 14.61
CA THR H 108 -18.02 -23.33 15.42
C THR H 108 -16.83 -22.61 14.78
N ALA H 109 -16.16 -23.33 13.86
CA ALA H 109 -15.05 -22.75 13.09
C ALA H 109 -14.93 -23.45 11.76
N TRP H 110 -14.49 -22.68 10.76
CA TRP H 110 -14.41 -23.19 9.37
C TRP H 110 -13.18 -22.54 8.76
N ARG H 111 -12.18 -23.39 8.45
CA ARG H 111 -10.90 -22.91 7.94
C ARG H 111 -10.65 -23.50 6.55
N ASP H 112 -10.58 -22.62 5.52
CA ASP H 112 -10.41 -23.11 4.12
C ASP H 112 -9.05 -22.66 3.63
N TYR H 113 -8.36 -23.64 3.05
CA TYR H 113 -6.98 -23.51 2.63
C TYR H 113 -6.93 -23.60 1.09
N PHE H 114 -6.50 -22.50 0.49
CA PHE H 114 -6.47 -22.43 -1.00
C PHE H 114 -5.51 -21.30 -1.32
N ASP H 115 -5.23 -21.21 -2.62
CA ASP H 115 -4.34 -20.18 -3.10
C ASP H 115 -5.10 -18.93 -3.56
N LEU H 116 -4.79 -17.79 -2.92
CA LEU H 116 -5.50 -16.53 -3.24
C LEU H 116 -5.19 -16.04 -4.65
N GLY H 117 -3.94 -16.16 -5.09
CA GLY H 117 -3.59 -15.66 -6.44
C GLY H 117 -4.42 -16.38 -7.50
N GLN H 118 -4.62 -17.69 -7.37
CA GLN H 118 -5.46 -18.43 -8.29
C GLN H 118 -6.89 -17.92 -8.30
N PHE H 119 -7.44 -17.69 -7.10
CA PHE H 119 -8.75 -17.11 -6.97
C PHE H 119 -8.84 -15.74 -7.66
N MET H 120 -7.87 -14.86 -7.40
CA MET H 120 -7.91 -13.51 -7.96
CA MET H 120 -7.94 -13.52 -7.96
C MET H 120 -7.80 -13.55 -9.49
N ALA H 121 -6.98 -14.44 -10.00
CA ALA H 121 -6.82 -14.56 -11.48
C ALA H 121 -8.07 -15.07 -12.15
N GLN H 122 -8.80 -15.98 -11.50
CA GLN H 122 -10.06 -16.48 -12.03
C GLN H 122 -11.18 -15.46 -11.96
N MET H 123 -11.03 -14.47 -11.09
CA MET H 123 -11.99 -13.38 -10.92
C MET H 123 -11.75 -12.22 -11.90
N ALA H 124 -10.55 -12.15 -12.48
CA ALA H 124 -10.18 -11.14 -13.51
C ALA H 124 -11.03 -11.28 -14.78
N PRO H 125 -11.35 -10.13 -15.45
CA PRO H 125 -12.09 -10.12 -16.72
C PRO H 125 -11.39 -10.93 -17.80
N HIS H 130 -5.51 -6.58 -29.03
CA HIS H 130 -5.16 -7.82 -28.35
C HIS H 130 -5.10 -7.74 -26.82
N HIS H 131 -4.50 -6.64 -26.33
CA HIS H 131 -4.02 -6.51 -24.92
CA HIS H 131 -3.95 -6.45 -24.98
C HIS H 131 -2.79 -7.39 -24.59
N HIS H 132 -2.59 -8.48 -25.36
CA HIS H 132 -1.44 -9.45 -25.26
C HIS H 132 -1.51 -10.45 -26.44
N HIS H 133 -0.43 -11.21 -26.66
CA HIS H 133 -0.48 -12.36 -27.61
C HIS H 133 -0.67 -13.70 -26.86
N HIS H 134 -0.69 -14.75 -27.49
N MET I 1 46.01 23.53 -5.05
CA MET I 1 45.75 24.94 -4.64
CA MET I 1 45.80 24.95 -4.72
C MET I 1 44.51 25.45 -5.35
N THR I 2 43.69 26.15 -4.58
CA THR I 2 42.47 26.75 -5.16
C THR I 2 42.85 28.02 -5.95
N PRO I 3 41.92 28.51 -6.80
CA PRO I 3 42.21 29.83 -7.45
C PRO I 3 42.57 30.92 -6.44
N LEU I 4 41.77 31.02 -5.34
CA LEU I 4 42.02 32.06 -4.33
C LEU I 4 43.39 31.87 -3.70
N GLU I 5 43.73 30.63 -3.30
CA GLU I 5 45.08 30.36 -2.75
C GLU I 5 46.24 30.72 -3.71
N THR I 6 46.09 30.36 -4.99
CA THR I 6 47.10 30.68 -5.97
C THR I 6 47.40 32.19 -6.07
N VAL I 7 46.34 32.99 -6.11
CA VAL I 7 46.47 34.46 -6.18
C VAL I 7 47.04 35.00 -4.87
N GLN I 8 46.60 34.45 -3.73
CA GLN I 8 47.18 34.88 -2.43
C GLN I 8 48.69 34.58 -2.40
N LEU I 9 49.09 33.43 -2.92
CA LEU I 9 50.51 33.06 -2.95
C LEU I 9 51.29 33.97 -3.91
N PHE I 10 50.69 34.28 -5.07
CA PHE I 10 51.30 35.19 -6.02
C PHE I 10 51.57 36.55 -5.37
N LEU I 11 50.57 37.10 -4.71
CA LEU I 11 50.68 38.43 -4.11
C LEU I 11 51.69 38.38 -2.96
N ALA I 12 51.73 37.30 -2.19
CA ALA I 12 52.74 37.18 -1.12
C ALA I 12 54.15 37.19 -1.66
N ARG I 13 54.37 36.50 -2.79
CA ARG I 13 55.71 36.43 -3.40
C ARG I 13 56.10 37.78 -3.97
N VAL I 14 55.17 38.46 -4.64
CA VAL I 14 55.39 39.85 -5.10
C VAL I 14 55.80 40.72 -3.94
N ASN I 15 55.09 40.61 -2.83
CA ASN I 15 55.35 41.41 -1.63
C ASN I 15 56.71 41.09 -0.97
N ALA I 16 57.29 39.94 -1.28
CA ALA I 16 58.62 39.58 -0.78
C ALA I 16 59.69 39.98 -1.78
N LEU I 17 59.31 40.71 -2.84
CA LEU I 17 60.17 41.07 -3.96
CA LEU I 17 60.22 41.07 -3.93
C LEU I 17 60.77 39.83 -4.65
N ASP I 18 60.03 38.73 -4.55
CA ASP I 18 60.41 37.46 -5.16
C ASP I 18 59.74 37.38 -6.53
N LEU I 19 60.27 38.12 -7.47
CA LEU I 19 59.58 38.25 -8.74
CA LEU I 19 59.62 38.26 -8.76
C LEU I 19 59.70 36.96 -9.56
N ASP I 20 60.80 36.23 -9.43
CA ASP I 20 60.94 34.94 -10.11
C ASP I 20 59.92 33.88 -9.58
N GLY I 21 59.75 33.83 -8.26
CA GLY I 21 58.77 32.94 -7.62
C GLY I 21 57.35 33.35 -7.98
N ALA I 22 57.07 34.64 -8.00
CA ALA I 22 55.74 35.11 -8.39
C ALA I 22 55.43 34.72 -9.85
N CYS I 23 56.40 34.94 -10.75
CA CYS I 23 56.19 34.65 -12.16
C CYS I 23 56.10 33.15 -12.42
N ALA I 24 56.68 32.31 -11.56
CA ALA I 24 56.51 30.84 -11.74
C ALA I 24 55.03 30.42 -11.66
N LEU I 25 54.20 31.24 -10.98
CA LEU I 25 52.78 30.95 -10.83
C LEU I 25 51.95 31.38 -12.03
N LEU I 26 52.55 32.17 -12.92
CA LEU I 26 51.94 32.58 -14.17
C LEU I 26 52.16 31.49 -15.20
N ALA I 27 51.12 31.21 -15.99
CA ALA I 27 51.20 30.27 -17.10
C ALA I 27 52.35 30.66 -18.06
N GLU I 28 52.91 29.65 -18.73
CA GLU I 28 53.94 29.87 -19.75
C GLU I 28 53.50 30.88 -20.79
N ASP I 29 52.20 30.84 -21.11
CA ASP I 29 51.56 31.68 -22.11
C ASP I 29 50.53 32.64 -21.48
N VAL I 30 50.83 33.07 -20.25
CA VAL I 30 49.90 34.01 -19.56
C VAL I 30 49.54 35.24 -20.41
N VAL I 31 48.30 35.67 -20.35
CA VAL I 31 47.91 36.98 -20.94
C VAL I 31 47.93 37.99 -19.83
N TYR I 32 48.90 38.91 -19.86
CA TYR I 32 49.08 39.89 -18.79
C TYR I 32 48.67 41.25 -19.35
N ASP I 33 47.46 41.64 -18.98
CA ASP I 33 46.74 42.74 -19.54
C ASP I 33 46.63 43.89 -18.51
N ASN I 34 47.58 44.83 -18.53
CA ASN I 34 47.42 46.10 -17.83
C ASN I 34 46.52 46.88 -18.75
N VAL I 35 45.26 47.02 -18.40
CA VAL I 35 44.21 47.51 -19.29
C VAL I 35 44.62 48.75 -20.12
N PRO I 36 45.25 49.79 -19.52
CA PRO I 36 45.56 50.97 -20.37
C PRO I 36 46.96 50.96 -20.96
N MET I 37 47.62 49.80 -20.93
CA MET I 37 48.98 49.68 -21.47
CA MET I 37 49.00 49.64 -21.41
C MET I 37 49.04 48.56 -22.49
N PRO I 38 50.18 48.45 -23.25
CA PRO I 38 50.22 47.33 -24.18
C PRO I 38 50.19 45.96 -23.44
N THR I 39 49.60 44.97 -24.09
CA THR I 39 49.41 43.64 -23.51
C THR I 39 50.73 42.88 -23.57
N VAL I 40 50.97 42.05 -22.55
CA VAL I 40 52.20 41.30 -22.42
C VAL I 40 51.79 39.83 -22.56
N HIS I 41 52.57 39.05 -23.29
CA HIS I 41 52.25 37.65 -23.50
C HIS I 41 53.37 36.78 -23.04
N GLY I 42 53.05 35.87 -22.13
CA GLY I 42 54.03 34.87 -21.67
C GLY I 42 54.77 35.20 -20.39
N ARG I 43 55.15 34.15 -19.68
CA ARG I 43 55.82 34.30 -18.39
C ARG I 43 57.12 35.12 -18.44
N ALA I 44 58.00 34.82 -19.40
CA ALA I 44 59.24 35.57 -19.57
C ALA I 44 59.01 37.07 -19.80
N ALA I 45 58.06 37.40 -20.68
CA ALA I 45 57.75 38.78 -21.00
C ALA I 45 57.14 39.49 -19.79
N ALA I 46 56.27 38.79 -19.03
CA ALA I 46 55.71 39.37 -17.80
C ALA I 46 56.81 39.64 -16.75
N ARG I 47 57.73 38.70 -16.61
CA ARG I 47 58.85 38.88 -15.69
CA ARG I 47 58.89 38.86 -15.71
C ARG I 47 59.69 40.09 -16.15
N ALA I 48 59.95 40.18 -17.44
CA ALA I 48 60.69 41.35 -17.96
C ALA I 48 59.95 42.66 -17.73
N PHE I 49 58.65 42.69 -17.98
CA PHE I 49 57.85 43.89 -17.79
C PHE I 49 57.91 44.36 -16.34
N LEU I 50 57.76 43.41 -15.41
CA LEU I 50 57.80 43.73 -13.97
C LEU I 50 59.17 44.30 -13.52
N SER I 51 60.22 43.83 -14.19
CA SER I 51 61.59 44.25 -13.87
CA SER I 51 61.61 44.24 -13.94
C SER I 51 61.88 45.68 -14.34
N GLN I 52 61.02 46.24 -15.21
CA GLN I 52 61.19 47.59 -15.79
CA GLN I 52 61.25 47.57 -15.77
C GLN I 52 61.02 48.70 -14.76
N LEU I 53 60.23 48.43 -13.71
CA LEU I 53 60.07 49.36 -12.59
CA LEU I 53 60.09 49.38 -12.62
C LEU I 53 61.20 49.12 -11.60
N PRO I 54 62.07 50.15 -11.35
CA PRO I 54 63.22 49.97 -10.44
C PRO I 54 62.85 49.91 -8.95
N ALA I 55 62.09 48.89 -8.57
CA ALA I 55 61.52 48.82 -7.25
C ALA I 55 62.43 48.08 -6.27
N THR I 56 62.64 48.70 -5.12
CA THR I 56 63.40 48.11 -4.02
C THR I 56 62.52 47.65 -2.84
N ALA I 57 61.31 48.20 -2.78
CA ALA I 57 60.26 47.73 -1.86
C ALA I 57 58.94 47.67 -2.63
N ILE I 58 58.11 46.71 -2.26
CA ILE I 58 56.79 46.50 -2.89
CA ILE I 58 56.81 46.53 -2.88
C ILE I 58 55.79 46.13 -1.80
N ASP I 59 54.65 46.80 -1.78
CA ASP I 59 53.60 46.48 -0.82
C ASP I 59 52.27 46.58 -1.57
N TRP I 60 51.82 45.46 -2.15
CA TRP I 60 50.51 45.43 -2.80
C TRP I 60 49.51 45.00 -1.73
N GLU I 61 48.68 45.95 -1.29
CA GLU I 61 47.71 45.73 -0.22
CA GLU I 61 47.72 45.71 -0.22
C GLU I 61 46.38 45.28 -0.83
N THR I 62 45.86 44.15 -0.38
CA THR I 62 44.56 43.68 -0.83
C THR I 62 43.45 44.11 0.11
N HIS I 63 42.59 44.99 -0.36
CA HIS I 63 41.45 45.50 0.41
C HIS I 63 40.29 44.52 0.40
N ALA I 64 40.09 43.82 -0.70
CA ALA I 64 38.98 42.86 -0.85
C ALA I 64 39.38 41.85 -1.90
N ILE I 65 38.96 40.61 -1.71
CA ILE I 65 39.31 39.52 -2.61
C ILE I 65 38.17 38.51 -2.61
N ALA I 66 37.78 38.03 -3.80
CA ALA I 66 36.66 37.04 -3.88
C ALA I 66 36.79 36.29 -5.18
N ALA I 67 36.39 35.01 -5.19
CA ALA I 67 36.61 34.18 -6.38
C ALA I 67 35.29 33.66 -6.92
N THR I 68 35.25 33.51 -8.23
CA THR I 68 34.21 32.71 -8.93
C THR I 68 34.72 31.29 -9.13
N GLY I 69 33.85 30.38 -9.58
CA GLY I 69 34.29 29.06 -10.04
C GLY I 69 34.29 28.03 -8.92
N ASP I 70 35.23 27.12 -8.96
CA ASP I 70 35.30 26.04 -8.00
C ASP I 70 36.69 25.87 -7.40
N ALA I 71 36.95 24.74 -6.75
CA ALA I 71 38.25 24.54 -6.10
C ALA I 71 39.43 24.38 -7.04
N ALA I 72 39.15 24.06 -8.31
CA ALA I 72 40.20 23.90 -9.31
C ALA I 72 40.42 25.10 -10.23
N ARG I 73 39.32 25.76 -10.61
CA ARG I 73 39.32 26.75 -11.69
CA ARG I 73 39.38 26.80 -11.65
C ARG I 73 38.38 27.90 -11.38
N GLY I 74 38.78 29.13 -11.72
CA GLY I 74 37.90 30.24 -11.49
C GLY I 74 38.61 31.56 -11.72
N THR I 75 37.90 32.65 -11.52
CA THR I 75 38.46 33.98 -11.66
C THR I 75 38.46 34.64 -10.29
N VAL I 76 39.64 35.08 -9.85
CA VAL I 76 39.78 35.76 -8.58
C VAL I 76 39.76 37.26 -8.82
N LEU I 77 38.88 37.97 -8.13
CA LEU I 77 38.78 39.44 -8.25
C LEU I 77 39.41 40.07 -7.02
N THR I 78 40.13 41.15 -7.25
CA THR I 78 40.92 41.84 -6.19
C THR I 78 40.69 43.33 -6.25
N GLU I 79 40.64 43.97 -5.09
CA GLU I 79 40.69 45.42 -4.99
C GLU I 79 41.92 45.78 -4.15
N ARG I 80 42.84 46.58 -4.74
CA ARG I 80 44.17 46.73 -4.14
C ARG I 80 44.65 48.17 -4.13
N THR I 81 45.68 48.42 -3.32
CA THR I 81 46.52 49.61 -3.52
C THR I 81 47.95 49.09 -3.66
N ASP I 82 48.56 49.31 -4.85
CA ASP I 82 49.90 48.77 -5.13
C ASP I 82 50.95 49.86 -4.82
N ARG I 83 51.68 49.65 -3.72
CA ARG I 83 52.74 50.59 -3.30
CA ARG I 83 52.73 50.59 -3.30
C ARG I 83 54.10 50.05 -3.71
N PHE I 84 54.95 50.95 -4.21
CA PHE I 84 56.32 50.60 -4.62
C PHE I 84 57.21 51.68 -4.02
N THR I 85 58.40 51.26 -3.58
CA THR I 85 59.48 52.23 -3.31
C THR I 85 60.54 52.01 -4.39
N LEU I 86 60.95 53.10 -5.03
CA LEU I 86 61.96 52.99 -6.07
C LEU I 86 63.36 53.28 -5.51
N ALA I 87 64.37 52.84 -6.25
CA ALA I 87 65.78 52.99 -5.89
C ALA I 87 66.20 54.43 -5.56
N ASP I 88 65.58 55.41 -6.18
CA ASP I 88 65.86 56.83 -5.86
C ASP I 88 65.11 57.37 -4.63
N GLY I 89 64.32 56.52 -3.96
CA GLY I 89 63.55 56.93 -2.79
C GLY I 89 62.10 57.32 -3.03
N ARG I 90 61.71 57.51 -4.31
CA ARG I 90 60.30 57.75 -4.71
C ARG I 90 59.38 56.62 -4.22
N THR I 91 58.22 57.05 -3.73
CA THR I 91 57.19 56.16 -3.23
CA THR I 91 57.19 56.13 -3.24
C THR I 91 55.91 56.28 -4.07
N LEU I 92 55.47 55.15 -4.63
CA LEU I 92 54.22 55.12 -5.41
C LEU I 92 53.13 54.35 -4.68
N ALA I 93 51.87 54.75 -4.97
CA ALA I 93 50.70 54.04 -4.48
C ALA I 93 49.63 54.10 -5.56
N ILE I 94 49.49 53.02 -6.34
CA ILE I 94 48.54 53.00 -7.45
C ILE I 94 47.28 52.19 -7.04
N ARG I 95 46.11 52.85 -7.10
CA ARG I 95 44.85 52.12 -6.78
C ARG I 95 44.49 51.28 -8.00
N VAL I 96 44.17 50.01 -7.78
CA VAL I 96 44.03 49.06 -8.90
C VAL I 96 43.07 47.95 -8.52
N MET I 97 42.19 47.57 -9.45
CA MET I 97 41.49 46.27 -9.31
C MET I 97 42.00 45.28 -10.33
N GLY I 98 42.12 44.02 -9.93
CA GLY I 98 42.64 43.02 -10.85
C GLY I 98 41.83 41.77 -10.85
N ALA I 99 41.73 41.17 -12.03
CA ALA I 99 41.09 39.87 -12.22
C ALA I 99 42.15 38.87 -12.65
N PHE I 100 42.14 37.72 -12.00
CA PHE I 100 43.12 36.64 -12.26
C PHE I 100 42.35 35.38 -12.63
N ASP I 101 42.56 34.85 -13.84
CA ASP I 101 41.96 33.54 -14.18
C ASP I 101 42.96 32.50 -13.78
N VAL I 102 42.49 31.49 -13.06
CA VAL I 102 43.35 30.44 -12.56
C VAL I 102 42.80 29.06 -12.95
N ALA I 103 43.70 28.21 -13.41
CA ALA I 103 43.39 26.79 -13.67
C ALA I 103 44.47 25.95 -13.04
N ASP I 104 44.06 25.07 -12.11
CA ASP I 104 44.98 24.11 -11.50
C ASP I 104 46.27 24.75 -11.00
N GLY I 105 46.10 25.83 -10.24
CA GLY I 105 47.21 26.47 -9.54
C GLY I 105 48.11 27.32 -10.43
N SER I 106 47.68 27.63 -11.66
CA SER I 106 48.44 28.47 -12.60
C SER I 106 47.55 29.62 -13.08
N ILE I 107 48.10 30.85 -13.01
CA ILE I 107 47.38 32.05 -13.47
C ILE I 107 47.50 32.12 -15.00
N THR I 108 46.38 31.92 -15.67
CA THR I 108 46.41 31.88 -17.15
C THR I 108 46.19 33.27 -17.77
N ALA I 109 45.63 34.20 -16.98
CA ALA I 109 45.41 35.55 -17.44
C ALA I 109 45.30 36.47 -16.25
N TRP I 110 45.80 37.67 -16.39
CA TRP I 110 45.82 38.64 -15.29
C TRP I 110 45.50 39.99 -15.90
N ARG I 111 44.41 40.59 -15.45
CA ARG I 111 43.89 41.85 -16.00
C ARG I 111 43.83 42.90 -14.91
N ASP I 112 44.68 43.92 -14.99
CA ASP I 112 44.73 44.96 -13.96
C ASP I 112 44.16 46.25 -14.49
N TYR I 113 43.24 46.85 -13.73
CA TYR I 113 42.46 48.03 -14.11
C TYR I 113 42.84 49.20 -13.23
N PHE I 114 43.37 50.24 -13.85
CA PHE I 114 43.86 51.39 -13.11
C PHE I 114 43.94 52.55 -14.11
N ASP I 115 44.26 53.71 -13.56
CA ASP I 115 44.41 54.91 -14.41
C ASP I 115 45.85 55.21 -14.73
N LEU I 116 46.14 55.24 -16.04
CA LEU I 116 47.51 55.43 -16.48
C LEU I 116 48.00 56.84 -16.14
N GLY I 117 47.13 57.83 -16.28
CA GLY I 117 47.48 59.23 -15.86
C GLY I 117 47.97 59.29 -14.42
N GLN I 118 47.25 58.65 -13.50
CA GLN I 118 47.72 58.59 -12.11
C GLN I 118 49.09 57.96 -11.96
N PHE I 119 49.37 56.88 -12.69
CA PHE I 119 50.68 56.24 -12.65
C PHE I 119 51.78 57.20 -13.15
N MET I 120 51.52 57.81 -14.30
CA MET I 120 52.49 58.74 -14.92
C MET I 120 52.77 59.96 -14.01
N ALA I 121 51.74 60.50 -13.38
CA ALA I 121 51.89 61.61 -12.43
C ALA I 121 52.78 61.23 -11.21
N GLN I 122 52.67 60.00 -10.71
CA GLN I 122 53.44 59.57 -9.54
C GLN I 122 54.88 59.27 -9.89
N MET I 123 55.13 58.98 -11.16
CA MET I 123 56.45 58.64 -11.64
C MET I 123 57.25 59.89 -11.98
N ALA I 124 56.56 61.02 -12.11
CA ALA I 124 57.19 62.33 -12.36
C ALA I 124 58.24 62.69 -11.28
N PRO I 125 59.46 63.12 -11.72
CA PRO I 125 60.58 63.34 -10.78
C PRO I 125 60.46 64.59 -9.88
N MET J 1 17.47 40.59 0.28
CA MET J 1 18.46 40.91 -0.79
CA MET J 1 18.46 40.89 -0.81
C MET J 1 19.89 40.86 -0.30
N THR J 2 20.67 39.95 -0.88
CA THR J 2 22.08 39.82 -0.50
C THR J 2 22.90 40.97 -1.15
N PRO J 3 24.13 41.15 -0.68
CA PRO J 3 25.05 42.10 -1.41
C PRO J 3 25.11 41.84 -2.91
N LEU J 4 25.36 40.57 -3.29
CA LEU J 4 25.48 40.20 -4.71
CA LEU J 4 25.49 40.19 -4.70
C LEU J 4 24.18 40.56 -5.44
N GLU J 5 23.02 40.19 -4.86
CA GLU J 5 21.78 40.48 -5.55
C GLU J 5 21.50 41.95 -5.73
N THR J 6 21.88 42.74 -4.72
CA THR J 6 21.69 44.19 -4.75
C THR J 6 22.43 44.79 -5.93
N VAL J 7 23.68 44.35 -6.10
CA VAL J 7 24.49 44.87 -7.20
C VAL J 7 23.98 44.33 -8.56
N GLN J 8 23.59 43.05 -8.62
CA GLN J 8 22.95 42.54 -9.84
C GLN J 8 21.71 43.31 -10.21
N LEU J 9 20.89 43.67 -9.20
CA LEU J 9 19.68 44.44 -9.49
C LEU J 9 20.01 45.87 -9.98
N PHE J 10 20.99 46.48 -9.31
CA PHE J 10 21.51 47.78 -9.71
C PHE J 10 21.95 47.81 -11.18
N LEU J 11 22.82 46.88 -11.55
CA LEU J 11 23.30 46.78 -12.95
C LEU J 11 22.15 46.54 -13.93
N ALA J 12 21.18 45.69 -13.55
CA ALA J 12 20.04 45.42 -14.42
C ALA J 12 19.20 46.68 -14.65
N ARG J 13 19.00 47.47 -13.60
CA ARG J 13 18.31 48.75 -13.72
C ARG J 13 19.03 49.78 -14.57
N VAL J 14 20.36 49.88 -14.43
CA VAL J 14 21.18 50.70 -15.33
C VAL J 14 20.96 50.26 -16.77
N ASN J 15 20.96 48.95 -17.02
CA ASN J 15 20.87 48.45 -18.40
C ASN J 15 19.47 48.64 -18.99
N ALA J 16 18.50 48.88 -18.13
CA ALA J 16 17.13 49.24 -18.57
C ALA J 16 16.92 50.76 -18.72
N LEU J 17 18.01 51.52 -18.61
CA LEU J 17 17.96 53.00 -18.57
CA LEU J 17 17.97 52.99 -18.58
C LEU J 17 17.08 53.51 -17.43
N ASP J 18 16.88 52.68 -16.41
CA ASP J 18 16.09 53.01 -15.23
C ASP J 18 17.03 53.61 -14.17
N LEU J 19 17.52 54.81 -14.49
CA LEU J 19 18.49 55.46 -13.62
CA LEU J 19 18.48 55.52 -13.63
C LEU J 19 17.92 55.81 -12.24
N ASP J 20 16.64 56.21 -12.17
CA ASP J 20 15.97 56.43 -10.87
C ASP J 20 15.87 55.17 -10.01
N GLY J 21 15.46 54.07 -10.63
CA GLY J 21 15.43 52.77 -9.97
C GLY J 21 16.81 52.31 -9.53
N ALA J 22 17.81 52.53 -10.36
CA ALA J 22 19.18 52.12 -10.01
C ALA J 22 19.69 52.95 -8.83
N CYS J 23 19.54 54.27 -8.93
CA CYS J 23 19.99 55.15 -7.85
C CYS J 23 19.25 54.96 -6.52
N ALA J 24 18.01 54.48 -6.58
CA ALA J 24 17.25 54.04 -5.41
C ALA J 24 18.01 53.03 -4.54
N LEU J 25 18.81 52.18 -5.19
CA LEU J 25 19.62 51.17 -4.49
C LEU J 25 20.88 51.73 -3.85
N LEU J 26 21.22 52.98 -4.16
CA LEU J 26 22.37 53.63 -3.52
C LEU J 26 21.92 54.24 -2.21
N ALA J 27 22.75 54.12 -1.17
CA ALA J 27 22.53 54.83 0.10
C ALA J 27 22.40 56.34 -0.11
N GLU J 28 21.62 56.97 0.77
CA GLU J 28 21.42 58.41 0.68
CA GLU J 28 21.41 58.41 0.68
C GLU J 28 22.73 59.17 0.68
N ASP J 29 23.72 58.67 1.43
CA ASP J 29 25.05 59.29 1.48
C ASP J 29 26.15 58.41 0.89
N VAL J 30 25.78 57.63 -0.13
CA VAL J 30 26.74 56.82 -0.89
C VAL J 30 28.00 57.59 -1.26
N VAL J 31 29.15 56.93 -1.13
CA VAL J 31 30.41 57.45 -1.63
C VAL J 31 30.63 56.81 -2.98
N TYR J 32 30.56 57.62 -4.03
CA TYR J 32 30.64 57.13 -5.41
C TYR J 32 31.94 57.64 -6.00
N ASP J 33 32.91 56.74 -6.03
CA ASP J 33 34.29 57.05 -6.32
C ASP J 33 34.68 56.45 -7.67
N ASN J 34 34.57 57.25 -8.74
CA ASN J 34 35.25 56.92 -10.01
C ASN J 34 36.69 57.30 -9.79
N VAL J 35 37.59 56.30 -9.67
CA VAL J 35 38.93 56.52 -9.13
C VAL J 35 39.70 57.73 -9.73
N PRO J 36 39.66 57.91 -11.09
CA PRO J 36 40.43 59.05 -11.63
C PRO J 36 39.60 60.32 -11.78
N MET J 37 38.41 60.37 -11.19
CA MET J 37 37.53 61.54 -11.28
C MET J 37 37.20 62.09 -9.91
N PRO J 38 36.62 63.32 -9.82
CA PRO J 38 36.27 63.78 -8.47
C PRO J 38 35.20 62.88 -7.84
N THR J 39 35.31 62.71 -6.52
CA THR J 39 34.37 61.86 -5.75
C THR J 39 32.99 62.52 -5.69
N VAL J 40 31.95 61.71 -5.83
CA VAL J 40 30.55 62.13 -5.77
C VAL J 40 29.99 61.63 -4.45
N HIS J 41 29.28 62.51 -3.71
CA HIS J 41 28.72 62.15 -2.41
C HIS J 41 27.22 62.25 -2.41
N GLY J 42 26.56 61.13 -2.12
CA GLY J 42 25.12 61.09 -2.04
C GLY J 42 24.37 60.62 -3.29
N ARG J 43 23.18 60.08 -3.07
CA ARG J 43 22.34 59.52 -4.12
C ARG J 43 21.96 60.54 -5.20
N ALA J 44 21.44 61.69 -4.77
CA ALA J 44 21.03 62.74 -5.69
C ALA J 44 22.21 63.22 -6.53
N ALA J 45 23.37 63.39 -5.90
CA ALA J 45 24.58 63.75 -6.63
C ALA J 45 25.00 62.65 -7.63
N ALA J 46 24.81 61.39 -7.22
CA ALA J 46 25.14 60.26 -8.11
C ALA J 46 24.23 60.23 -9.32
N ARG J 47 22.93 60.39 -9.07
CA ARG J 47 21.92 60.46 -10.14
CA ARG J 47 21.90 60.48 -10.12
C ARG J 47 22.27 61.60 -11.13
N ALA J 48 22.60 62.77 -10.59
CA ALA J 48 22.98 63.93 -11.40
C ALA J 48 24.23 63.67 -12.24
N PHE J 49 25.24 63.04 -11.64
CA PHE J 49 26.50 62.77 -12.32
C PHE J 49 26.28 61.84 -13.51
N LEU J 50 25.52 60.77 -13.27
CA LEU J 50 25.22 59.77 -14.28
C LEU J 50 24.44 60.36 -15.44
N SER J 51 23.57 61.34 -15.16
CA SER J 51 22.75 62.03 -16.18
CA SER J 51 22.76 61.97 -16.21
C SER J 51 23.56 62.87 -17.16
N GLN J 52 24.77 63.24 -16.75
CA GLN J 52 25.68 64.05 -17.59
C GLN J 52 26.08 63.35 -18.87
N LEU J 53 25.89 62.04 -18.92
CA LEU J 53 26.16 61.27 -20.11
C LEU J 53 24.84 61.03 -20.84
N PRO J 54 24.67 61.69 -22.01
CA PRO J 54 23.40 61.65 -22.74
C PRO J 54 23.22 60.32 -23.47
N ALA J 55 22.72 59.32 -22.73
CA ALA J 55 22.68 57.95 -23.19
C ALA J 55 21.29 57.53 -23.67
N THR J 56 21.26 56.94 -24.86
CA THR J 56 20.02 56.44 -25.47
C THR J 56 19.90 54.91 -25.38
N ALA J 57 21.03 54.23 -25.19
CA ALA J 57 21.06 52.81 -24.81
C ALA J 57 22.28 52.61 -23.89
N ILE J 58 22.15 51.71 -22.92
CA ILE J 58 23.26 51.36 -22.02
C ILE J 58 23.42 49.83 -21.99
N ASP J 59 24.65 49.34 -22.06
CA ASP J 59 24.87 47.91 -21.91
C ASP J 59 26.15 47.71 -21.09
N TRP J 60 26.00 47.59 -19.77
CA TRP J 60 27.16 47.30 -18.91
C TRP J 60 27.20 45.78 -18.80
N GLU J 61 28.20 45.16 -19.40
CA GLU J 61 28.30 43.71 -19.46
CA GLU J 61 28.32 43.70 -19.47
C GLU J 61 29.14 43.25 -18.26
N THR J 62 28.59 42.35 -17.45
CA THR J 62 29.33 41.76 -16.34
C THR J 62 30.05 40.50 -16.78
N HIS J 63 31.38 40.57 -16.84
CA HIS J 63 32.19 39.41 -17.16
C HIS J 63 32.38 38.46 -15.99
N ALA J 64 32.52 39.03 -14.80
CA ALA J 64 32.77 38.22 -13.57
C ALA J 64 32.24 39.02 -12.39
N ILE J 65 31.68 38.30 -11.41
CA ILE J 65 31.11 38.97 -10.23
C ILE J 65 31.27 38.01 -9.05
N ALA J 66 31.68 38.54 -7.89
CA ALA J 66 31.88 37.72 -6.67
C ALA J 66 31.83 38.61 -5.46
N ALA J 67 31.36 38.08 -4.33
CA ALA J 67 31.18 38.90 -3.12
C ALA J 67 31.92 38.30 -1.94
N THR J 68 32.36 39.21 -1.09
CA THR J 68 32.83 38.91 0.25
C THR J 68 31.63 39.05 1.19
N GLY J 69 31.80 38.61 2.43
CA GLY J 69 30.78 38.85 3.45
C GLY J 69 29.72 37.77 3.54
N ASP J 70 28.54 38.22 3.90
CA ASP J 70 27.44 37.30 4.25
C ASP J 70 26.14 37.78 3.61
N ALA J 71 24.98 37.26 4.03
CA ALA J 71 23.77 37.60 3.30
C ALA J 71 23.29 39.00 3.57
N ALA J 72 23.80 39.65 4.60
CA ALA J 72 23.38 41.04 4.92
C ALA J 72 24.36 42.13 4.43
N ARG J 73 25.67 41.87 4.60
CA ARG J 73 26.69 42.89 4.34
CA ARG J 73 26.73 42.88 4.41
C ARG J 73 27.88 42.26 3.65
N GLY J 74 28.48 43.01 2.73
CA GLY J 74 29.66 42.46 2.01
C GLY J 74 30.11 43.45 0.96
N THR J 75 31.24 43.12 0.32
CA THR J 75 31.73 43.91 -0.79
C THR J 75 31.63 43.03 -2.03
N VAL J 76 30.99 43.58 -3.05
CA VAL J 76 30.81 42.87 -4.31
C VAL J 76 31.84 43.40 -5.31
N LEU J 77 32.62 42.48 -5.90
CA LEU J 77 33.66 42.87 -6.91
C LEU J 77 33.12 42.48 -8.27
N THR J 78 33.39 43.33 -9.26
CA THR J 78 32.83 43.15 -10.60
C THR J 78 33.93 43.42 -11.62
N GLU J 79 33.85 42.69 -12.74
CA GLU J 79 34.72 42.97 -13.92
C GLU J 79 33.73 43.18 -15.06
N ARG J 80 33.83 44.31 -15.76
CA ARG J 80 32.78 44.77 -16.66
C ARG J 80 33.37 45.42 -17.91
N THR J 81 32.51 45.49 -18.93
CA THR J 81 32.69 46.47 -20.01
C THR J 81 31.42 47.29 -20.07
N ASP J 82 31.56 48.59 -19.80
CA ASP J 82 30.43 49.50 -19.75
C ASP J 82 30.24 50.17 -21.14
N ARG J 83 29.22 49.73 -21.85
CA ARG J 83 28.90 50.30 -23.16
CA ARG J 83 28.90 50.30 -23.16
C ARG J 83 27.76 51.30 -23.07
N PHE J 84 27.89 52.40 -23.82
CA PHE J 84 26.88 53.46 -23.88
C PHE J 84 26.72 53.82 -25.33
N THR J 85 25.47 53.95 -25.80
CA THR J 85 25.19 54.64 -27.06
C THR J 85 24.69 56.03 -26.71
N LEU J 86 25.34 57.04 -27.28
CA LEU J 86 24.96 58.41 -26.98
C LEU J 86 24.03 58.99 -28.07
N ALA J 87 23.32 60.07 -27.72
CA ALA J 87 22.45 60.79 -28.67
C ALA J 87 23.21 61.25 -29.92
N ASP J 88 24.50 61.54 -29.72
CA ASP J 88 25.42 61.94 -30.79
CA ASP J 88 25.42 61.93 -30.80
C ASP J 88 25.70 60.76 -31.75
N GLY J 89 25.12 59.60 -31.43
CA GLY J 89 25.36 58.38 -32.19
C GLY J 89 26.64 57.67 -31.81
N ARG J 90 27.49 58.37 -31.05
CA ARG J 90 28.76 57.79 -30.58
CA ARG J 90 28.76 57.86 -30.49
C ARG J 90 28.54 56.61 -29.63
N THR J 91 29.41 55.60 -29.78
CA THR J 91 29.38 54.38 -28.94
CA THR J 91 29.39 54.37 -28.98
C THR J 91 30.62 54.25 -28.03
N LEU J 92 30.37 54.26 -26.72
CA LEU J 92 31.45 54.09 -25.75
C LEU J 92 31.50 52.65 -25.30
N ALA J 93 32.70 52.15 -25.02
CA ALA J 93 32.90 50.83 -24.41
C ALA J 93 34.11 50.92 -23.49
N ILE J 94 33.85 51.08 -22.19
CA ILE J 94 34.89 51.34 -21.21
C ILE J 94 35.02 50.13 -20.31
N ARG J 95 36.19 49.51 -20.39
CA ARG J 95 36.57 48.39 -19.49
C ARG J 95 36.80 48.93 -18.09
N VAL J 96 36.15 48.28 -17.12
CA VAL J 96 36.12 48.79 -15.74
C VAL J 96 35.94 47.63 -14.77
N MET J 97 36.67 47.69 -13.65
CA MET J 97 36.33 46.87 -12.50
C MET J 97 35.75 47.75 -11.40
N GLY J 98 34.75 47.21 -10.69
CA GLY J 98 34.10 48.01 -9.67
C GLY J 98 33.87 47.24 -8.39
N ALA J 99 34.09 47.94 -7.26
CA ALA J 99 33.76 47.38 -5.94
C ALA J 99 32.59 48.12 -5.34
N PHE J 100 31.61 47.34 -4.82
CA PHE J 100 30.42 47.89 -4.21
C PHE J 100 30.32 47.37 -2.78
N ASP J 101 30.28 48.29 -1.81
CA ASP J 101 29.99 47.89 -0.40
C ASP J 101 28.48 47.96 -0.21
N VAL J 102 27.93 46.89 0.36
CA VAL J 102 26.49 46.76 0.49
C VAL J 102 26.16 46.40 1.92
N ALA J 103 25.14 47.07 2.45
CA ALA J 103 24.57 46.69 3.75
C ALA J 103 23.07 46.71 3.66
N ASP J 104 22.46 45.56 3.98
CA ASP J 104 20.99 45.45 4.02
C ASP J 104 20.31 46.00 2.76
N GLY J 105 20.85 45.63 1.60
CA GLY J 105 20.23 45.92 0.34
C GLY J 105 20.43 47.34 -0.14
N SER J 106 21.39 48.06 0.47
CA SER J 106 21.75 49.41 0.06
C SER J 106 23.27 49.50 -0.20
N ILE J 107 23.62 50.09 -1.36
CA ILE J 107 25.03 50.27 -1.75
C ILE J 107 25.55 51.51 -1.03
N THR J 108 26.44 51.30 -0.07
CA THR J 108 26.98 52.41 0.73
C THR J 108 28.20 53.06 0.09
N ALA J 109 28.87 52.34 -0.80
CA ALA J 109 30.08 52.90 -1.46
C ALA J 109 30.27 52.14 -2.75
N TRP J 110 30.74 52.86 -3.76
CA TRP J 110 30.87 52.28 -5.09
C TRP J 110 32.14 52.87 -5.69
N ARG J 111 33.11 52.01 -5.92
CA ARG J 111 34.43 52.43 -6.43
C ARG J 111 34.67 51.79 -7.78
N ASP J 112 34.76 52.62 -8.83
CA ASP J 112 35.01 52.12 -10.20
C ASP J 112 36.41 52.47 -10.68
N TYR J 113 37.10 51.49 -11.24
CA TYR J 113 38.51 51.58 -11.61
C TYR J 113 38.60 51.43 -13.14
N PHE J 114 39.00 52.50 -13.82
CA PHE J 114 39.08 52.48 -15.29
C PHE J 114 40.09 53.58 -15.65
N ASP J 115 40.42 53.65 -16.94
CA ASP J 115 41.38 54.65 -17.42
C ASP J 115 40.67 55.89 -17.94
N LEU J 116 40.96 57.04 -17.33
CA LEU J 116 40.32 58.29 -17.73
C LEU J 116 40.69 58.72 -19.17
N GLY J 117 41.95 58.52 -19.55
CA GLY J 117 42.41 58.86 -20.92
C GLY J 117 41.57 58.18 -22.00
N GLN J 118 41.35 56.88 -21.83
CA GLN J 118 40.49 56.12 -22.72
C GLN J 118 39.05 56.66 -22.80
N PHE J 119 38.44 56.94 -21.63
CA PHE J 119 37.12 57.53 -21.57
C PHE J 119 37.07 58.87 -22.32
N MET J 120 38.08 59.72 -22.09
CA MET J 120 38.13 61.07 -22.71
CA MET J 120 38.10 61.05 -22.70
C MET J 120 38.25 60.95 -24.22
N ALA J 121 39.12 60.03 -24.65
CA ALA J 121 39.38 59.81 -26.08
C ALA J 121 38.16 59.26 -26.80
N GLN J 122 37.37 58.41 -26.12
CA GLN J 122 36.15 57.85 -26.72
C GLN J 122 35.04 58.86 -26.91
N MET J 123 35.11 59.93 -26.12
CA MET J 123 34.12 60.99 -26.09
C MET J 123 34.42 62.08 -27.15
N ALA J 124 35.67 62.11 -27.63
CA ALA J 124 36.20 63.21 -28.44
C ALA J 124 35.55 63.27 -29.82
N PRO J 125 35.27 64.50 -30.33
CA PRO J 125 34.63 64.66 -31.64
C PRO J 125 35.63 64.73 -32.79
N MET K 1 51.05 -6.05 -23.98
CA MET K 1 50.73 -4.68 -23.55
C MET K 1 49.46 -4.22 -24.27
N THR K 2 48.53 -3.64 -23.52
CA THR K 2 47.31 -3.03 -24.14
C THR K 2 47.68 -1.77 -24.90
N PRO K 3 46.76 -1.32 -25.78
CA PRO K 3 47.00 0.01 -26.39
C PRO K 3 47.23 1.09 -25.32
N LEU K 4 46.40 1.16 -24.29
CA LEU K 4 46.50 2.22 -23.25
C LEU K 4 47.86 2.14 -22.58
N GLU K 5 48.27 0.93 -22.21
CA GLU K 5 49.58 0.73 -21.59
C GLU K 5 50.73 1.18 -22.50
N THR K 6 50.65 0.88 -23.80
CA THR K 6 51.68 1.20 -24.79
C THR K 6 51.90 2.74 -24.80
N VAL K 7 50.79 3.44 -24.81
CA VAL K 7 50.86 4.92 -24.84
C VAL K 7 51.34 5.48 -23.52
N GLN K 8 50.86 4.93 -22.41
CA GLN K 8 51.34 5.37 -21.09
C GLN K 8 52.87 5.20 -21.01
N LEU K 9 53.37 4.07 -21.50
CA LEU K 9 54.81 3.83 -21.52
C LEU K 9 55.56 4.82 -22.43
N PHE K 10 55.02 5.05 -23.63
CA PHE K 10 55.59 6.03 -24.54
C PHE K 10 55.72 7.40 -23.87
N LEU K 11 54.63 7.88 -23.29
CA LEU K 11 54.63 9.17 -22.58
C LEU K 11 55.60 9.20 -21.40
N ALA K 12 55.69 8.09 -20.66
CA ALA K 12 56.67 8.02 -19.56
C ALA K 12 58.10 8.12 -20.07
N ARG K 13 58.40 7.46 -21.20
CA ARG K 13 59.74 7.55 -21.81
C ARG K 13 60.04 8.96 -22.32
N VAL K 14 59.09 9.59 -22.99
CA VAL K 14 59.27 11.00 -23.41
C VAL K 14 59.57 11.88 -22.20
N ASN K 15 58.83 11.68 -21.10
CA ASN K 15 58.94 12.49 -19.90
C ASN K 15 60.28 12.27 -19.17
N ALA K 16 60.94 11.15 -19.44
CA ALA K 16 62.31 10.89 -18.97
C ALA K 16 63.42 11.39 -19.93
N LEU K 17 63.05 12.11 -21.00
CA LEU K 17 63.97 12.52 -22.09
CA LEU K 17 64.00 12.53 -22.06
C LEU K 17 64.63 11.33 -22.76
N ASP K 18 63.96 10.18 -22.72
CA ASP K 18 64.49 8.97 -23.33
C ASP K 18 63.88 8.90 -24.72
N LEU K 19 64.44 9.68 -25.66
CA LEU K 19 63.80 9.74 -26.95
CA LEU K 19 63.97 9.80 -27.05
C LEU K 19 64.02 8.47 -27.79
N ASP K 20 65.16 7.78 -27.65
CA ASP K 20 65.38 6.52 -28.35
C ASP K 20 64.41 5.43 -27.86
N GLY K 21 64.22 5.39 -26.54
CA GLY K 21 63.27 4.46 -25.89
C GLY K 21 61.84 4.74 -26.31
N ALA K 22 61.47 6.03 -26.31
CA ALA K 22 60.14 6.44 -26.79
C ALA K 22 59.94 6.02 -28.26
N CYS K 23 60.92 6.31 -29.12
CA CYS K 23 60.76 6.01 -30.53
C CYS K 23 60.73 4.51 -30.85
N ALA K 24 61.33 3.70 -29.97
CA ALA K 24 61.30 2.22 -30.13
C ALA K 24 59.87 1.66 -30.14
N LEU K 25 58.96 2.36 -29.43
CA LEU K 25 57.52 2.03 -29.39
C LEU K 25 56.72 2.44 -30.64
N LEU K 26 57.33 3.28 -31.49
CA LEU K 26 56.75 3.66 -32.76
C LEU K 26 57.05 2.59 -33.80
N ALA K 27 56.04 2.29 -34.63
CA ALA K 27 56.21 1.32 -35.74
C ALA K 27 57.31 1.80 -36.69
N GLU K 28 57.94 0.84 -37.37
CA GLU K 28 58.95 1.14 -38.40
C GLU K 28 58.47 2.16 -39.43
N ASP K 29 57.22 2.03 -39.84
CA ASP K 29 56.55 2.93 -40.78
C ASP K 29 55.49 3.84 -40.13
N VAL K 30 55.74 4.24 -38.87
CA VAL K 30 54.79 5.10 -38.12
C VAL K 30 54.38 6.31 -38.97
N VAL K 31 53.10 6.62 -38.97
CA VAL K 31 52.63 7.87 -39.53
C VAL K 31 52.59 8.85 -38.35
N TYR K 32 53.51 9.82 -38.36
CA TYR K 32 53.58 10.86 -37.31
C TYR K 32 53.08 12.23 -37.85
N ASP K 33 51.83 12.49 -37.52
CA ASP K 33 51.03 13.57 -38.10
C ASP K 33 50.75 14.65 -37.03
N ASN K 34 51.63 15.66 -36.96
CA ASN K 34 51.30 16.92 -36.28
C ASN K 34 50.40 17.63 -37.24
N VAL K 35 49.13 17.71 -36.90
CA VAL K 35 48.07 18.07 -37.83
C VAL K 35 48.38 19.37 -38.61
N PRO K 36 48.86 20.44 -37.94
CA PRO K 36 49.11 21.65 -38.80
C PRO K 36 50.55 21.78 -39.29
N MET K 37 51.30 20.67 -39.31
CA MET K 37 52.69 20.64 -39.77
C MET K 37 52.90 19.55 -40.83
N PRO K 38 54.08 19.54 -41.49
CA PRO K 38 54.33 18.46 -42.45
C PRO K 38 54.29 17.11 -41.76
N THR K 39 53.77 16.10 -42.45
CA THR K 39 53.72 14.72 -41.94
C THR K 39 55.11 14.09 -41.94
N VAL K 40 55.40 13.28 -40.94
CA VAL K 40 56.68 12.60 -40.80
C VAL K 40 56.38 11.09 -40.97
N HIS K 41 57.21 10.39 -41.73
CA HIS K 41 57.01 8.96 -41.95
C HIS K 41 58.20 8.10 -41.48
N GLY K 42 57.92 7.13 -40.60
CA GLY K 42 58.95 6.23 -40.16
C GLY K 42 59.58 6.58 -38.83
N ARG K 43 60.05 5.55 -38.13
CA ARG K 43 60.64 5.70 -36.80
C ARG K 43 61.83 6.65 -36.80
N ALA K 44 62.71 6.51 -37.79
CA ALA K 44 63.96 7.28 -37.84
C ALA K 44 63.67 8.76 -38.02
N ALA K 45 62.77 9.06 -38.96
CA ALA K 45 62.33 10.42 -39.21
C ALA K 45 61.60 11.02 -37.99
N ALA K 46 60.81 10.21 -37.29
CA ALA K 46 60.12 10.66 -36.07
C ALA K 46 61.15 11.04 -35.01
N ARG K 47 62.19 10.20 -34.84
CA ARG K 47 63.26 10.46 -33.89
CA ARG K 47 63.29 10.44 -33.89
C ARG K 47 63.99 11.78 -34.18
N ALA K 48 64.35 11.98 -35.44
CA ALA K 48 64.99 13.22 -35.90
C ALA K 48 64.10 14.46 -35.69
N PHE K 49 62.81 14.36 -36.00
CA PHE K 49 61.85 15.45 -35.76
C PHE K 49 61.81 15.85 -34.29
N LEU K 50 61.78 14.88 -33.38
CA LEU K 50 61.74 15.19 -31.94
C LEU K 50 63.01 15.88 -31.41
N SER K 51 64.16 15.48 -31.96
CA SER K 51 65.44 16.12 -31.70
CA SER K 51 65.42 16.12 -31.63
C SER K 51 65.53 17.58 -32.13
N GLN K 52 64.56 18.04 -32.94
CA GLN K 52 64.57 19.42 -33.50
C GLN K 52 64.36 20.54 -32.48
N LEU K 53 63.60 20.24 -31.42
CA LEU K 53 63.48 21.17 -30.29
CA LEU K 53 63.47 21.16 -30.29
C LEU K 53 64.59 20.88 -29.28
N PRO K 54 65.39 21.92 -28.92
CA PRO K 54 66.48 21.67 -27.97
C PRO K 54 66.02 21.68 -26.51
N ALA K 55 65.26 20.65 -26.14
CA ALA K 55 64.67 20.59 -24.80
C ALA K 55 65.63 19.99 -23.78
N THR K 56 65.84 20.71 -22.68
CA THR K 56 66.63 20.17 -21.58
C THR K 56 65.76 19.48 -20.55
N ALA K 57 64.46 19.79 -20.57
CA ALA K 57 63.45 19.08 -19.78
C ALA K 57 62.15 19.07 -20.57
N ILE K 58 61.39 17.99 -20.40
CA ILE K 58 60.12 17.77 -21.07
C ILE K 58 59.16 17.33 -19.95
N ASP K 59 57.96 17.95 -19.88
CA ASP K 59 56.88 17.51 -18.97
C ASP K 59 55.59 17.52 -19.80
N TRP K 60 55.22 16.36 -20.30
CA TRP K 60 53.93 16.22 -21.04
C TRP K 60 52.93 15.66 -20.05
N GLU K 61 52.02 16.52 -19.63
CA GLU K 61 51.06 16.21 -18.61
C GLU K 61 49.81 15.63 -19.27
N THR K 62 49.37 14.44 -18.83
CA THR K 62 48.16 13.81 -19.35
C THR K 62 46.98 14.21 -18.48
N HIS K 63 46.11 15.05 -19.01
CA HIS K 63 44.87 15.41 -18.32
C HIS K 63 43.82 14.30 -18.37
N ALA K 64 43.73 13.58 -19.50
CA ALA K 64 42.72 12.53 -19.70
C ALA K 64 43.25 11.60 -20.74
N ILE K 65 42.90 10.32 -20.59
CA ILE K 65 43.39 9.28 -21.51
C ILE K 65 42.35 8.17 -21.52
N ALA K 66 42.00 7.74 -22.73
CA ALA K 66 40.99 6.68 -22.90
C ALA K 66 41.17 6.00 -24.24
N ALA K 67 40.84 4.72 -24.35
CA ALA K 67 41.12 3.96 -25.56
C ALA K 67 39.86 3.33 -26.13
N THR K 68 39.87 3.25 -27.47
CA THR K 68 38.91 2.43 -28.23
C THR K 68 39.57 1.03 -28.37
N GLY K 69 38.77 0.08 -28.89
CA GLY K 69 39.31 -1.18 -29.37
C GLY K 69 39.30 -2.22 -28.26
N ASP K 70 40.34 -3.03 -28.24
CA ASP K 70 40.39 -4.20 -27.39
C ASP K 70 41.76 -4.31 -26.74
N ALA K 71 42.05 -5.43 -26.11
CA ALA K 71 43.31 -5.57 -25.41
C ALA K 71 44.55 -5.62 -26.30
N ALA K 72 44.36 -5.86 -27.59
CA ALA K 72 45.45 -5.96 -28.54
C ALA K 72 45.64 -4.71 -29.41
N ARG K 73 44.54 -4.19 -29.94
CA ARG K 73 44.58 -3.06 -30.88
C ARG K 73 43.55 -2.03 -30.53
N GLY K 74 43.88 -0.76 -30.72
CA GLY K 74 42.85 0.26 -30.49
C GLY K 74 43.49 1.62 -30.69
N THR K 75 42.68 2.64 -30.64
CA THR K 75 43.18 4.01 -30.74
C THR K 75 43.05 4.66 -29.35
N VAL K 76 44.18 5.18 -28.86
CA VAL K 76 44.24 5.81 -27.53
C VAL K 76 44.15 7.29 -27.75
N LEU K 77 43.20 7.91 -27.06
CA LEU K 77 42.97 9.36 -27.18
C LEU K 77 43.55 10.02 -25.91
N THR K 78 44.21 11.16 -26.06
CA THR K 78 44.87 11.83 -24.93
C THR K 78 44.53 13.33 -24.98
N GLU K 79 44.45 13.96 -23.81
CA GLU K 79 44.32 15.42 -23.68
C GLU K 79 45.52 15.82 -22.83
N ARG K 80 46.40 16.70 -23.35
CA ARG K 80 47.67 16.94 -22.66
C ARG K 80 47.99 18.44 -22.63
N THR K 81 48.95 18.77 -21.79
CA THR K 81 49.71 20.03 -21.97
C THR K 81 51.15 19.61 -22.07
N ASP K 82 51.80 19.95 -23.18
CA ASP K 82 53.18 19.51 -23.45
C ASP K 82 54.12 20.68 -23.11
N ARG K 83 54.84 20.50 -22.02
CA ARG K 83 55.80 21.53 -21.57
C ARG K 83 57.22 21.13 -21.92
N PHE K 84 58.01 22.12 -22.35
CA PHE K 84 59.42 21.94 -22.76
C PHE K 84 60.18 23.08 -22.12
N THR K 85 61.31 22.75 -21.50
CA THR K 85 62.27 23.76 -21.06
C THR K 85 63.40 23.72 -22.03
N LEU K 86 63.74 24.88 -22.59
CA LEU K 86 64.77 24.94 -23.62
C LEU K 86 66.10 25.32 -22.99
N ALA K 87 67.19 25.02 -23.71
CA ALA K 87 68.57 25.23 -23.26
C ALA K 87 68.87 26.69 -22.92
N ASP K 88 68.26 27.61 -23.67
CA ASP K 88 68.33 29.05 -23.41
C ASP K 88 67.53 29.51 -22.18
N GLY K 89 66.70 28.64 -21.62
CA GLY K 89 66.09 28.91 -20.31
C GLY K 89 64.57 28.87 -20.22
N ARG K 90 63.89 29.33 -21.26
CA ARG K 90 62.42 29.46 -21.19
C ARG K 90 61.67 28.13 -21.33
N THR K 91 60.43 28.13 -20.84
CA THR K 91 59.52 26.99 -20.92
C THR K 91 58.37 27.31 -21.91
N LEU K 92 58.11 26.36 -22.78
CA LEU K 92 56.97 26.40 -23.66
C LEU K 92 55.93 25.49 -23.05
N ALA K 93 54.66 25.80 -23.31
CA ALA K 93 53.59 24.88 -22.95
C ALA K 93 52.54 24.96 -24.05
N ILE K 94 52.30 23.83 -24.70
CA ILE K 94 51.40 23.72 -25.81
CA ILE K 94 51.33 23.79 -25.78
C ILE K 94 50.26 22.78 -25.41
N ARG K 95 49.04 23.26 -25.45
CA ARG K 95 47.87 22.41 -25.20
C ARG K 95 47.64 21.58 -26.46
N VAL K 96 47.47 20.27 -26.30
CA VAL K 96 47.42 19.33 -27.43
C VAL K 96 46.54 18.13 -27.08
N MET K 97 45.73 17.69 -28.04
CA MET K 97 45.11 16.34 -27.94
C MET K 97 45.74 15.47 -28.99
N GLY K 98 45.99 14.21 -28.63
CA GLY K 98 46.63 13.28 -29.53
C GLY K 98 45.96 11.94 -29.58
N ALA K 99 45.86 11.41 -30.80
CA ALA K 99 45.30 10.06 -31.04
C ALA K 99 46.46 9.14 -31.44
N PHE K 100 46.54 7.98 -30.80
CA PHE K 100 47.61 7.04 -31.06
C PHE K 100 47.00 5.70 -31.46
N ASP K 101 47.28 5.23 -32.66
CA ASP K 101 46.82 3.88 -33.07
C ASP K 101 47.86 2.91 -32.64
N VAL K 102 47.43 1.87 -31.90
CA VAL K 102 48.35 0.85 -31.37
C VAL K 102 47.90 -0.52 -31.83
N ALA K 103 48.85 -1.34 -32.27
CA ALA K 103 48.54 -2.77 -32.54
C ALA K 103 49.69 -3.53 -31.92
N ASP K 104 49.33 -4.42 -30.99
CA ASP K 104 50.29 -5.35 -30.34
C ASP K 104 51.54 -4.63 -29.82
N GLY K 105 51.30 -3.56 -29.08
CA GLY K 105 52.34 -2.87 -28.35
C GLY K 105 53.19 -1.97 -29.22
N SER K 106 52.76 -1.72 -30.46
CA SER K 106 53.45 -0.80 -31.35
C SER K 106 52.53 0.33 -31.82
N ILE K 107 53.00 1.57 -31.74
CA ILE K 107 52.21 2.73 -32.19
C ILE K 107 52.38 2.91 -33.70
N THR K 108 51.31 2.65 -34.44
CA THR K 108 51.39 2.61 -35.91
C THR K 108 51.13 3.99 -36.52
N ALA K 109 50.45 4.85 -35.75
CA ALA K 109 50.13 6.21 -36.22
C ALA K 109 49.92 7.08 -34.99
N TRP K 110 50.36 8.34 -35.08
CA TRP K 110 50.25 9.27 -33.95
C TRP K 110 49.85 10.62 -34.54
N ARG K 111 48.69 11.12 -34.15
CA ARG K 111 48.12 12.36 -34.68
C ARG K 111 47.94 13.34 -33.55
N ASP K 112 48.69 14.44 -33.59
CA ASP K 112 48.61 15.45 -32.53
C ASP K 112 47.94 16.71 -33.06
N TYR K 113 46.95 17.22 -32.31
CA TYR K 113 46.08 18.31 -32.68
C TYR K 113 46.32 19.50 -31.77
N PHE K 114 46.77 20.60 -32.38
CA PHE K 114 47.15 21.79 -31.60
C PHE K 114 47.17 22.97 -32.54
N ASP K 115 47.32 24.16 -31.96
CA ASP K 115 47.34 25.34 -32.80
C ASP K 115 48.77 25.75 -33.07
N LEU K 116 49.11 25.82 -34.36
CA LEU K 116 50.46 26.18 -34.74
C LEU K 116 50.86 27.61 -34.33
N GLY K 117 49.91 28.54 -34.46
CA GLY K 117 50.16 29.93 -33.98
C GLY K 117 50.62 30.01 -32.52
N GLN K 118 49.93 29.29 -31.63
CA GLN K 118 50.31 29.23 -30.22
C GLN K 118 51.72 28.69 -30.06
N PHE K 119 52.06 27.64 -30.80
CA PHE K 119 53.38 27.08 -30.74
C PHE K 119 54.43 28.11 -31.24
N MET K 120 54.15 28.75 -32.38
CA MET K 120 55.12 29.69 -32.94
C MET K 120 55.29 30.90 -32.03
N ALA K 121 54.22 31.34 -31.35
CA ALA K 121 54.34 32.50 -30.42
C ALA K 121 55.27 32.24 -29.26
N GLN K 122 55.22 31.02 -28.78
CA GLN K 122 56.02 30.58 -27.64
C GLN K 122 57.47 30.31 -27.99
N MET K 123 57.75 29.94 -29.25
CA MET K 123 59.14 29.68 -29.68
CA MET K 123 59.13 29.68 -29.70
C MET K 123 59.90 30.98 -29.97
N ALA K 124 59.15 32.10 -30.07
CA ALA K 124 59.71 33.42 -30.35
C ALA K 124 60.74 33.88 -29.29
N PRO K 125 61.90 34.45 -29.73
CA PRO K 125 62.99 34.78 -28.79
C PRO K 125 62.63 35.88 -27.78
N MET L 1 22.05 8.76 -18.24
CA MET L 1 22.73 8.79 -19.56
C MET L 1 24.21 8.84 -19.28
N THR L 2 24.97 7.95 -19.91
CA THR L 2 26.40 7.87 -19.64
C THR L 2 27.14 9.07 -20.28
N PRO L 3 28.34 9.34 -19.77
CA PRO L 3 29.14 10.38 -20.48
C PRO L 3 29.28 10.10 -21.98
N LEU L 4 29.63 8.87 -22.37
CA LEU L 4 29.78 8.54 -23.79
C LEU L 4 28.50 8.80 -24.58
N GLU L 5 27.36 8.31 -24.05
CA GLU L 5 26.06 8.50 -24.70
C GLU L 5 25.73 9.98 -24.86
N THR L 6 26.07 10.81 -23.85
CA THR L 6 25.69 12.23 -23.83
C THR L 6 26.39 12.90 -25.01
N VAL L 7 27.68 12.55 -25.18
CA VAL L 7 28.47 13.13 -26.29
C VAL L 7 28.03 12.60 -27.65
N GLN L 8 27.76 11.29 -27.73
CA GLN L 8 27.19 10.71 -28.96
C GLN L 8 25.91 11.40 -29.41
N LEU L 9 25.04 11.70 -28.42
CA LEU L 9 23.76 12.34 -28.65
C LEU L 9 23.98 13.77 -29.10
N PHE L 10 24.88 14.48 -28.41
CA PHE L 10 25.31 15.82 -28.83
C PHE L 10 25.77 15.86 -30.28
N LEU L 11 26.69 14.99 -30.66
CA LEU L 11 27.23 15.02 -32.00
C LEU L 11 26.17 14.65 -33.06
N ALA L 12 25.28 13.70 -32.72
CA ALA L 12 24.18 13.34 -33.65
C ALA L 12 23.27 14.54 -33.92
N ARG L 13 22.96 15.28 -32.86
CA ARG L 13 22.11 16.44 -32.98
C ARG L 13 22.74 17.57 -33.79
N VAL L 14 24.03 17.82 -33.56
CA VAL L 14 24.73 18.78 -34.41
C VAL L 14 24.62 18.37 -35.88
N ASN L 15 24.75 17.08 -36.16
CA ASN L 15 24.70 16.56 -37.53
C ASN L 15 23.32 16.65 -38.17
N ALA L 16 22.29 16.81 -37.33
CA ALA L 16 20.92 17.01 -37.78
C ALA L 16 20.57 18.49 -37.78
N LEU L 17 21.61 19.34 -37.85
CA LEU L 17 21.50 20.80 -37.87
C LEU L 17 20.64 21.35 -36.74
N ASP L 18 20.42 20.52 -35.72
CA ASP L 18 19.58 20.86 -34.57
C ASP L 18 20.44 21.47 -33.48
N LEU L 19 20.81 22.73 -33.72
CA LEU L 19 21.70 23.46 -32.82
CA LEU L 19 21.67 23.53 -32.84
C LEU L 19 21.06 23.66 -31.44
N ASP L 20 19.75 23.90 -31.40
CA ASP L 20 19.08 24.06 -30.09
C ASP L 20 19.02 22.79 -29.26
N GLY L 21 18.74 21.65 -29.87
CA GLY L 21 18.74 20.34 -29.18
C GLY L 21 20.14 19.96 -28.68
N ALA L 22 21.15 20.18 -29.52
CA ALA L 22 22.56 20.01 -29.15
C ALA L 22 22.91 20.88 -27.96
N CYS L 23 22.58 22.17 -28.03
CA CYS L 23 22.94 23.09 -26.94
C CYS L 23 22.21 22.79 -25.64
N ALA L 24 21.05 22.13 -25.73
CA ALA L 24 20.35 21.62 -24.56
C ALA L 24 21.17 20.67 -23.68
N LEU L 25 22.06 19.91 -24.31
CA LEU L 25 22.94 18.96 -23.60
C LEU L 25 24.15 19.63 -22.93
N LEU L 26 24.39 20.90 -23.26
CA LEU L 26 25.42 21.69 -22.57
C LEU L 26 24.87 22.27 -21.27
N ALA L 27 25.67 22.27 -20.20
CA ALA L 27 25.33 22.91 -18.92
C ALA L 27 25.01 24.39 -19.11
N GLU L 28 24.13 24.94 -18.26
CA GLU L 28 23.78 26.36 -18.36
CA GLU L 28 23.77 26.36 -18.33
C GLU L 28 25.03 27.23 -18.31
N ASP L 29 26.01 26.82 -17.53
CA ASP L 29 27.30 27.51 -17.37
C ASP L 29 28.46 26.72 -18.01
N VAL L 30 28.21 26.09 -19.15
CA VAL L 30 29.24 25.33 -19.85
C VAL L 30 30.47 26.22 -20.12
N VAL L 31 31.65 25.66 -19.93
CA VAL L 31 32.87 26.29 -20.43
C VAL L 31 33.14 25.70 -21.82
N TYR L 32 33.06 26.54 -22.85
CA TYR L 32 33.27 26.14 -24.22
C TYR L 32 34.56 26.79 -24.71
N ASP L 33 35.61 25.97 -24.74
CA ASP L 33 36.98 26.41 -24.96
C ASP L 33 37.44 25.86 -26.32
N ASN L 34 37.28 26.66 -27.38
CA ASN L 34 38.01 26.42 -28.63
C ASN L 34 39.40 26.90 -28.33
N VAL L 35 40.38 26.00 -28.25
CA VAL L 35 41.66 26.31 -27.62
C VAL L 35 42.35 27.60 -28.20
N PRO L 36 42.31 27.82 -29.53
CA PRO L 36 42.97 29.06 -30.01
C PRO L 36 42.02 30.23 -30.21
N MET L 37 40.83 30.19 -29.63
CA MET L 37 39.87 31.28 -29.72
C MET L 37 39.49 31.75 -28.33
N PRO L 38 38.85 32.94 -28.21
CA PRO L 38 38.39 33.28 -26.85
C PRO L 38 37.35 32.30 -26.32
N THR L 39 37.42 32.06 -25.02
CA THR L 39 36.54 31.11 -24.33
C THR L 39 35.15 31.68 -24.27
N VAL L 40 34.19 30.79 -24.43
CA VAL L 40 32.79 31.15 -24.43
C VAL L 40 32.18 30.56 -23.18
N HIS L 41 31.35 31.33 -22.49
CA HIS L 41 30.79 30.83 -21.24
C HIS L 41 29.26 30.83 -21.33
N GLY L 42 28.69 29.65 -21.03
CA GLY L 42 27.23 29.52 -20.90
C GLY L 42 26.55 28.94 -22.12
N ARG L 43 25.42 28.24 -21.92
CA ARG L 43 24.64 27.68 -23.04
C ARG L 43 24.24 28.72 -24.12
N ALA L 44 23.70 29.87 -23.69
CA ALA L 44 23.25 30.93 -24.62
C ALA L 44 24.39 31.43 -25.50
N ALA L 45 25.53 31.71 -24.86
CA ALA L 45 26.72 32.16 -25.58
C ALA L 45 27.28 31.12 -26.56
N ALA L 46 27.28 29.85 -26.14
CA ALA L 46 27.69 28.77 -27.06
C ALA L 46 26.78 28.66 -28.30
N ARG L 47 25.47 28.72 -28.05
CA ARG L 47 24.46 28.74 -29.12
CA ARG L 47 24.43 28.77 -29.09
C ARG L 47 24.70 29.92 -30.07
N ALA L 48 24.93 31.10 -29.52
CA ALA L 48 25.20 32.30 -30.31
C ALA L 48 26.50 32.19 -31.11
N PHE L 49 27.56 31.72 -30.46
CA PHE L 49 28.86 31.57 -31.10
C PHE L 49 28.78 30.64 -32.32
N LEU L 50 28.08 29.51 -32.16
CA LEU L 50 27.95 28.55 -33.24
C LEU L 50 27.13 29.11 -34.40
N SER L 51 26.11 29.92 -34.09
CA SER L 51 25.23 30.50 -35.10
CA SER L 51 25.22 30.52 -35.08
C SER L 51 25.95 31.50 -36.01
N GLN L 52 27.15 31.91 -35.58
CA GLN L 52 27.99 32.81 -36.36
C GLN L 52 28.50 32.20 -37.66
N LEU L 53 28.54 30.88 -37.72
CA LEU L 53 28.76 30.19 -39.00
C LEU L 53 27.42 29.96 -39.73
N PRO L 54 27.18 30.68 -40.83
CA PRO L 54 25.90 30.52 -41.53
C PRO L 54 25.87 29.22 -42.33
N ALA L 55 25.68 28.10 -41.63
CA ALA L 55 25.80 26.77 -42.23
C ALA L 55 24.47 26.22 -42.69
N THR L 56 24.49 25.59 -43.86
CA THR L 56 23.29 24.97 -44.45
C THR L 56 23.34 23.45 -44.42
N ALA L 57 24.53 22.89 -44.27
CA ALA L 57 24.74 21.46 -44.04
C ALA L 57 25.93 21.29 -43.10
N ILE L 58 25.77 20.43 -42.10
CA ILE L 58 26.84 20.15 -41.11
CA ILE L 58 26.83 20.15 -41.13
C ILE L 58 27.10 18.64 -41.10
N ASP L 59 28.39 18.27 -41.11
CA ASP L 59 28.80 16.88 -41.08
C ASP L 59 30.06 16.74 -40.22
N TRP L 60 29.88 16.48 -38.93
CA TRP L 60 31.00 16.27 -38.03
C TRP L 60 31.25 14.76 -37.94
N GLU L 61 32.33 14.31 -38.56
CA GLU L 61 32.60 12.90 -38.61
C GLU L 61 33.43 12.49 -37.38
N THR L 62 32.93 11.49 -36.63
CA THR L 62 33.70 10.90 -35.51
C THR L 62 34.54 9.73 -35.98
N HIS L 63 35.84 9.90 -35.90
CA HIS L 63 36.78 8.87 -36.23
C HIS L 63 37.01 7.93 -35.04
N ALA L 64 37.08 8.50 -33.82
CA ALA L 64 37.32 7.72 -32.62
C ALA L 64 36.69 8.46 -31.45
N ILE L 65 36.17 7.69 -30.48
CA ILE L 65 35.53 8.25 -29.30
C ILE L 65 35.72 7.25 -28.15
N ALA L 66 36.08 7.77 -26.96
CA ALA L 66 36.35 6.94 -25.77
C ALA L 66 36.22 7.78 -24.53
N ALA L 67 35.84 7.17 -23.43
CA ALA L 67 35.50 7.92 -22.23
C ALA L 67 36.30 7.42 -21.06
N THR L 68 36.64 8.36 -20.18
CA THR L 68 37.12 8.08 -18.82
C THR L 68 35.91 8.06 -17.89
N GLY L 69 36.15 7.65 -16.64
CA GLY L 69 35.12 7.77 -15.61
C GLY L 69 34.21 6.58 -15.47
N ASP L 70 33.00 6.88 -15.02
CA ASP L 70 32.01 5.84 -14.76
C ASP L 70 30.69 6.16 -15.48
N ALA L 71 29.60 5.53 -15.06
CA ALA L 71 28.34 5.68 -15.77
C ALA L 71 27.72 7.05 -15.57
N ALA L 72 28.15 7.76 -14.53
CA ALA L 72 27.58 9.06 -14.15
C ALA L 72 28.45 10.23 -14.59
N ARG L 73 29.77 10.10 -14.43
CA ARG L 73 30.70 11.24 -14.61
CA ARG L 73 30.68 11.24 -14.65
C ARG L 73 31.93 10.77 -15.36
N GLY L 74 32.44 11.61 -16.27
CA GLY L 74 33.65 11.26 -16.98
C GLY L 74 34.01 12.29 -18.03
N THR L 75 35.16 12.10 -18.68
CA THR L 75 35.61 12.97 -19.79
C THR L 75 35.60 12.11 -21.02
N VAL L 76 34.92 12.59 -22.06
CA VAL L 76 34.84 11.87 -23.32
C VAL L 76 35.77 12.53 -24.30
N LEU L 77 36.62 11.74 -24.89
CA LEU L 77 37.59 12.26 -25.87
C LEU L 77 37.15 11.87 -27.25
N THR L 78 37.31 12.79 -28.20
CA THR L 78 36.87 12.53 -29.58
C THR L 78 37.95 12.91 -30.55
N GLU L 79 37.97 12.21 -31.70
CA GLU L 79 38.78 12.60 -32.82
C GLU L 79 37.85 12.76 -33.99
N ARG L 80 37.86 13.93 -34.66
CA ARG L 80 36.80 14.29 -35.63
C ARG L 80 37.35 15.03 -36.82
N THR L 81 36.53 15.04 -37.89
CA THR L 81 36.68 16.03 -38.97
C THR L 81 35.35 16.77 -39.04
N ASP L 82 35.38 18.08 -38.77
CA ASP L 82 34.16 18.85 -38.65
C ASP L 82 33.92 19.57 -39.97
N ARG L 83 32.93 19.07 -40.73
CA ARG L 83 32.60 19.62 -42.06
CA ARG L 83 32.62 19.63 -42.05
C ARG L 83 31.38 20.51 -42.01
N PHE L 84 31.49 21.67 -42.68
CA PHE L 84 30.39 22.64 -42.78
C PHE L 84 30.26 23.05 -44.25
N THR L 85 29.02 23.08 -44.75
CA THR L 85 28.72 23.81 -45.99
C THR L 85 28.02 25.10 -45.58
N LEU L 86 28.55 26.23 -46.02
CA LEU L 86 28.02 27.51 -45.60
C LEU L 86 27.02 28.08 -46.63
N ALA L 87 26.20 29.04 -46.18
CA ALA L 87 25.17 29.72 -47.00
C ALA L 87 25.70 30.30 -48.32
N ASP L 88 26.95 30.76 -48.31
CA ASP L 88 27.67 31.21 -49.50
C ASP L 88 28.19 30.07 -50.40
N GLY L 89 27.80 28.84 -50.08
CA GLY L 89 28.15 27.67 -50.88
C GLY L 89 29.45 26.98 -50.53
N ARG L 90 30.35 27.69 -49.84
CA ARG L 90 31.68 27.17 -49.53
CA ARG L 90 31.68 27.17 -49.53
C ARG L 90 31.65 26.05 -48.49
N THR L 91 32.61 25.13 -48.62
CA THR L 91 32.79 23.99 -47.73
C THR L 91 34.04 24.10 -46.86
N LEU L 92 33.83 23.75 -45.58
CA LEU L 92 34.88 23.77 -44.56
CA LEU L 92 34.86 23.78 -44.54
C LEU L 92 35.10 22.34 -44.08
N ALA L 93 36.35 21.96 -43.88
CA ALA L 93 36.69 20.68 -43.25
C ALA L 93 37.85 20.87 -42.28
N ILE L 94 37.50 20.81 -41.00
CA ILE L 94 38.49 21.14 -39.96
C ILE L 94 38.73 19.89 -39.12
N ARG L 95 39.96 19.40 -39.17
CA ARG L 95 40.40 18.28 -38.28
C ARG L 95 40.51 18.81 -36.85
N VAL L 96 39.90 18.09 -35.91
CA VAL L 96 39.72 18.58 -34.52
C VAL L 96 39.67 17.39 -33.57
N MET L 97 40.34 17.50 -32.42
CA MET L 97 40.01 16.63 -31.29
C MET L 97 39.32 17.41 -30.22
N GLY L 98 38.38 16.79 -29.53
CA GLY L 98 37.66 17.45 -28.50
C GLY L 98 37.48 16.62 -27.27
N ALA L 99 37.59 17.28 -26.12
CA ALA L 99 37.32 16.66 -24.82
C ALA L 99 36.07 17.26 -24.23
N PHE L 100 35.19 16.42 -23.68
CA PHE L 100 33.93 16.84 -23.13
C PHE L 100 33.82 16.30 -21.70
N ASP L 101 33.67 17.18 -20.69
CA ASP L 101 33.46 16.72 -19.32
C ASP L 101 31.96 16.64 -19.15
N VAL L 102 31.51 15.50 -18.63
CA VAL L 102 30.10 15.23 -18.48
C VAL L 102 29.80 14.82 -17.06
N ALA L 103 28.72 15.40 -16.52
CA ALA L 103 28.20 14.96 -15.22
C ALA L 103 26.67 14.82 -15.34
N ASP L 104 26.19 13.61 -15.10
CA ASP L 104 24.76 13.32 -15.11
C ASP L 104 24.06 13.77 -16.41
N GLY L 105 24.66 13.44 -17.54
CA GLY L 105 24.03 13.69 -18.83
C GLY L 105 24.07 15.15 -19.32
N SER L 106 24.94 15.94 -18.68
CA SER L 106 25.12 17.34 -19.05
C SER L 106 26.62 17.61 -19.25
N ILE L 107 26.93 18.24 -20.37
CA ILE L 107 28.30 18.61 -20.72
CA ILE L 107 28.29 18.65 -20.79
C ILE L 107 28.69 19.90 -19.99
N THR L 108 29.58 19.74 -19.03
CA THR L 108 30.00 20.88 -18.15
C THR L 108 31.17 21.68 -18.75
N ALA L 109 31.91 21.06 -19.66
CA ALA L 109 33.02 21.73 -20.36
C ALA L 109 33.27 21.02 -21.66
N TRP L 110 33.61 21.79 -22.69
CA TRP L 110 33.89 21.29 -24.03
C TRP L 110 35.10 22.00 -24.55
N ARG L 111 36.16 21.24 -24.78
CA ARG L 111 37.46 21.84 -25.19
C ARG L 111 37.87 21.28 -26.53
N ASP L 112 37.86 22.11 -27.60
CA ASP L 112 38.18 21.62 -28.95
C ASP L 112 39.55 22.13 -29.41
N TYR L 113 40.35 21.22 -29.97
CA TYR L 113 41.76 21.46 -30.28
C TYR L 113 41.90 21.37 -31.78
N PHE L 114 42.26 22.46 -32.46
CA PHE L 114 42.41 22.52 -33.90
C PHE L 114 43.32 23.73 -34.23
N ASP L 115 43.64 23.87 -35.48
CA ASP L 115 44.55 24.94 -35.92
C ASP L 115 43.75 26.11 -36.44
N LEU L 116 43.89 27.26 -35.78
CA LEU L 116 43.16 28.46 -36.16
C LEU L 116 43.55 28.97 -37.55
N GLY L 117 44.84 28.87 -37.89
CA GLY L 117 45.30 29.30 -39.23
C GLY L 117 44.58 28.59 -40.36
N GLN L 118 44.45 27.27 -40.23
CA GLN L 118 43.69 26.47 -41.17
C GLN L 118 42.23 26.93 -41.30
N PHE L 119 41.53 27.10 -40.16
CA PHE L 119 40.17 27.54 -40.08
C PHE L 119 40.00 28.90 -40.78
N MET L 120 40.85 29.88 -40.41
CA MET L 120 40.80 31.22 -41.01
CA MET L 120 40.73 31.19 -41.01
C MET L 120 41.01 31.17 -42.52
N ALA L 121 41.99 30.36 -42.97
CA ALA L 121 42.32 30.25 -44.41
C ALA L 121 41.18 29.63 -45.22
N GLN L 122 40.51 28.62 -44.67
CA GLN L 122 39.33 28.03 -45.31
C GLN L 122 38.13 28.98 -45.38
N MET L 123 38.10 29.98 -44.49
CA MET L 123 37.04 31.02 -44.47
CA MET L 123 37.04 31.01 -44.48
C MET L 123 37.31 32.13 -45.49
N ALA L 124 38.59 32.30 -45.88
CA ALA L 124 39.03 33.38 -46.80
C ALA L 124 38.44 33.30 -48.22
N PRO L 125 38.11 34.46 -48.82
CA PRO L 125 37.60 34.60 -50.20
C PRO L 125 38.41 33.85 -51.27
N MET M 1 -30.59 -7.73 30.19
CA MET M 1 -29.82 -7.58 28.94
C MET M 1 -28.36 -7.54 29.34
N THR M 2 -27.54 -8.39 28.71
CA THR M 2 -26.11 -8.50 29.07
C THR M 2 -25.37 -7.31 28.47
N PRO M 3 -24.14 -7.05 28.96
CA PRO M 3 -23.32 -6.02 28.29
C PRO M 3 -23.19 -6.25 26.78
N LEU M 4 -22.85 -7.47 26.36
CA LEU M 4 -22.78 -7.81 24.94
C LEU M 4 -24.06 -7.49 24.16
N GLU M 5 -25.18 -8.01 24.67
CA GLU M 5 -26.48 -7.77 24.04
C GLU M 5 -26.80 -6.28 23.90
N THR M 6 -26.46 -5.48 24.92
CA THR M 6 -26.74 -4.05 24.94
C THR M 6 -26.03 -3.38 23.80
N VAL M 7 -24.74 -3.70 23.68
CA VAL M 7 -23.94 -3.14 22.58
C VAL M 7 -24.42 -3.65 21.19
N GLN M 8 -24.80 -4.95 21.08
CA GLN M 8 -25.34 -5.45 19.79
C GLN M 8 -26.59 -4.70 19.38
N LEU M 9 -27.48 -4.50 20.36
CA LEU M 9 -28.73 -3.78 20.15
C LEU M 9 -28.46 -2.32 19.75
N PHE M 10 -27.56 -1.67 20.47
CA PHE M 10 -27.16 -0.31 20.15
C PHE M 10 -26.67 -0.21 18.69
N LEU M 11 -25.74 -1.08 18.30
CA LEU M 11 -25.21 -1.06 16.95
C LEU M 11 -26.28 -1.39 15.89
N ALA M 12 -27.23 -2.26 16.24
CA ALA M 12 -28.32 -2.56 15.29
C ALA M 12 -29.22 -1.34 15.15
N ARG M 13 -29.47 -0.62 16.23
CA ARG M 13 -30.30 0.60 16.15
C ARG M 13 -29.61 1.68 15.33
N VAL M 14 -28.29 1.87 15.53
CA VAL M 14 -27.55 2.84 14.70
C VAL M 14 -27.67 2.48 13.22
N ASN M 15 -27.53 1.21 12.89
CA ASN M 15 -27.59 0.72 11.52
C ASN M 15 -28.99 0.85 10.88
N ALA M 16 -30.00 0.96 11.71
CA ALA M 16 -31.36 1.19 11.21
C ALA M 16 -31.68 2.70 11.16
N LEU M 17 -30.66 3.55 11.35
CA LEU M 17 -30.82 5.02 11.37
CA LEU M 17 -30.80 5.01 11.38
C LEU M 17 -31.72 5.46 12.52
N ASP M 18 -31.82 4.65 13.57
CA ASP M 18 -32.69 4.96 14.69
C ASP M 18 -31.85 5.59 15.80
N LEU M 19 -31.55 6.88 15.61
CA LEU M 19 -30.67 7.63 16.53
CA LEU M 19 -30.63 7.50 16.54
C LEU M 19 -31.24 7.70 17.95
N ASP M 20 -32.54 8.00 18.03
CA ASP M 20 -33.16 8.10 19.36
C ASP M 20 -33.18 6.77 20.10
N GLY M 21 -33.46 5.69 19.37
CA GLY M 21 -33.49 4.36 19.96
C GLY M 21 -32.09 3.93 20.41
N ALA M 22 -31.09 4.25 19.59
CA ALA M 22 -29.68 3.99 19.95
C ALA M 22 -29.32 4.76 21.21
N CYS M 23 -29.63 6.05 21.23
CA CYS M 23 -29.24 6.90 22.35
C CYS M 23 -30.00 6.56 23.62
N ALA M 24 -31.19 5.94 23.51
CA ALA M 24 -31.91 5.48 24.71
C ALA M 24 -31.11 4.44 25.49
N LEU M 25 -30.24 3.70 24.82
CA LEU M 25 -29.37 2.73 25.48
C LEU M 25 -28.14 3.33 26.16
N LEU M 26 -27.87 4.61 25.89
CA LEU M 26 -26.85 5.34 26.61
C LEU M 26 -27.40 5.84 27.94
N ALA M 27 -26.58 5.78 28.99
CA ALA M 27 -26.94 6.33 30.29
C ALA M 27 -27.21 7.81 30.16
N GLU M 28 -28.08 8.33 31.03
CA GLU M 28 -28.40 9.75 30.96
C GLU M 28 -27.13 10.61 31.11
N ASP M 29 -26.20 10.14 31.94
CA ASP M 29 -24.87 10.78 32.15
C ASP M 29 -23.71 10.05 31.46
N VAL M 30 -24.00 9.38 30.35
CA VAL M 30 -22.93 8.68 29.59
C VAL M 30 -21.71 9.59 29.32
N VAL M 31 -20.52 8.99 29.46
CA VAL M 31 -19.29 9.63 29.01
C VAL M 31 -19.00 9.10 27.61
N TYR M 32 -19.12 9.98 26.63
CA TYR M 32 -18.91 9.62 25.22
C TYR M 32 -17.60 10.25 24.75
N ASP M 33 -16.55 9.41 24.75
CA ASP M 33 -15.17 9.82 24.52
C ASP M 33 -14.71 9.35 23.11
N ASN M 34 -14.90 10.17 22.08
CA ASN M 34 -14.15 10.04 20.80
C ASN M 34 -12.75 10.50 21.13
N VAL M 35 -11.80 9.59 21.20
CA VAL M 35 -10.51 9.86 21.85
C VAL M 35 -9.82 11.16 21.32
N PRO M 36 -9.86 11.44 20.02
CA PRO M 36 -9.14 12.66 19.61
C PRO M 36 -10.05 13.89 19.48
N MET M 37 -11.24 13.82 20.04
CA MET M 37 -12.22 14.92 20.01
C MET M 37 -12.64 15.30 21.43
N PRO M 38 -13.24 16.51 21.60
CA PRO M 38 -13.70 16.82 22.97
C PRO M 38 -14.75 15.83 23.44
N THR M 39 -14.67 15.51 24.71
CA THR M 39 -15.57 14.56 25.38
C THR M 39 -16.98 15.13 25.44
N VAL M 40 -17.94 14.25 25.17
CA VAL M 40 -19.37 14.60 25.16
C VAL M 40 -19.97 13.97 26.39
N HIS M 41 -20.78 14.76 27.16
CA HIS M 41 -21.32 14.30 28.43
C HIS M 41 -22.84 14.25 28.42
N GLY M 42 -23.38 13.05 28.61
CA GLY M 42 -24.82 12.86 28.72
C GLY M 42 -25.50 12.44 27.43
N ARG M 43 -26.67 11.81 27.59
CA ARG M 43 -27.43 11.31 26.47
C ARG M 43 -27.86 12.37 25.46
N ALA M 44 -28.40 13.50 25.96
CA ALA M 44 -28.88 14.51 25.03
C ALA M 44 -27.73 15.10 24.20
N ALA M 45 -26.59 15.31 24.83
CA ALA M 45 -25.43 15.86 24.12
C ALA M 45 -24.86 14.84 23.13
N ALA M 46 -24.85 13.55 23.50
CA ALA M 46 -24.47 12.49 22.53
C ALA M 46 -25.36 12.48 21.28
N ARG M 47 -26.67 12.55 21.53
CA ARG M 47 -27.66 12.63 20.45
CA ARG M 47 -27.69 12.66 20.48
C ARG M 47 -27.40 13.85 19.54
N ALA M 48 -27.20 15.02 20.13
CA ALA M 48 -26.92 16.22 19.37
C ALA M 48 -25.63 16.16 18.56
N PHE M 49 -24.57 15.62 19.15
CA PHE M 49 -23.30 15.47 18.50
C PHE M 49 -23.43 14.54 17.28
N LEU M 50 -24.08 13.39 17.47
CA LEU M 50 -24.29 12.45 16.35
C LEU M 50 -25.11 13.05 15.21
N SER M 51 -26.08 13.90 15.57
CA SER M 51 -26.95 14.57 14.61
C SER M 51 -26.20 15.59 13.72
N GLN M 52 -24.98 15.99 14.12
CA GLN M 52 -24.15 16.92 13.33
CA GLN M 52 -24.17 16.93 13.33
C GLN M 52 -23.72 16.32 12.00
N LEU M 53 -23.73 14.99 11.92
CA LEU M 53 -23.50 14.29 10.66
C LEU M 53 -24.81 14.09 9.90
N PRO M 54 -24.97 14.79 8.77
CA PRO M 54 -26.21 14.59 8.00
C PRO M 54 -26.20 13.26 7.24
N ALA M 55 -26.49 12.18 7.96
CA ALA M 55 -26.41 10.84 7.37
C ALA M 55 -27.77 10.37 6.85
N THR M 56 -27.75 9.91 5.62
CA THR M 56 -28.91 9.31 4.96
C THR M 56 -28.86 7.78 4.93
N ALA M 57 -27.67 7.18 5.10
CA ALA M 57 -27.55 5.72 5.24
C ALA M 57 -26.35 5.52 6.19
N ILE M 58 -26.40 4.45 6.98
CA ILE M 58 -25.32 4.14 7.95
CA ILE M 58 -25.34 4.15 7.94
C ILE M 58 -25.06 2.65 7.96
N ASP M 59 -23.79 2.26 7.90
CA ASP M 59 -23.43 0.85 7.98
C ASP M 59 -22.16 0.78 8.83
N TRP M 60 -22.35 0.57 10.13
CA TRP M 60 -21.20 0.29 11.02
C TRP M 60 -21.05 -1.20 11.03
N GLU M 61 -19.97 -1.63 10.43
CA GLU M 61 -19.70 -3.04 10.28
C GLU M 61 -18.88 -3.47 11.52
N THR M 62 -19.38 -4.45 12.26
CA THR M 62 -18.66 -5.01 13.41
C THR M 62 -17.84 -6.21 12.93
N HIS M 63 -16.54 -6.05 12.81
CA HIS M 63 -15.62 -7.13 12.39
C HIS M 63 -15.43 -8.14 13.51
N ALA M 64 -15.37 -7.65 14.73
CA ALA M 64 -15.15 -8.50 15.91
C ALA M 64 -15.69 -7.82 17.14
N ILE M 65 -16.20 -8.64 18.03
CA ILE M 65 -16.77 -8.17 19.27
C ILE M 65 -16.54 -9.19 20.41
N ALA M 66 -16.20 -8.73 21.62
CA ALA M 66 -15.91 -9.65 22.73
C ALA M 66 -16.10 -8.85 24.00
N ALA M 67 -16.65 -9.48 25.05
CA ALA M 67 -16.95 -8.77 26.27
C ALA M 67 -16.18 -9.30 27.48
N THR M 68 -15.92 -8.42 28.43
CA THR M 68 -15.42 -8.80 29.77
C THR M 68 -16.62 -8.81 30.72
N GLY M 69 -16.43 -9.32 31.94
CA GLY M 69 -17.44 -9.15 32.99
C GLY M 69 -18.47 -10.25 33.10
N ASP M 70 -19.66 -9.88 33.53
CA ASP M 70 -20.70 -10.85 33.80
C ASP M 70 -22.01 -10.44 33.15
N ALA M 71 -23.14 -11.02 33.58
CA ALA M 71 -24.39 -10.73 32.89
C ALA M 71 -24.92 -9.35 33.15
N ALA M 72 -24.41 -8.72 34.21
CA ALA M 72 -24.91 -7.46 34.70
C ALA M 72 -24.03 -6.28 34.26
N ARG M 73 -22.71 -6.47 34.38
CA ARG M 73 -21.70 -5.41 34.20
CA ARG M 73 -21.73 -5.39 34.14
C ARG M 73 -20.50 -5.90 33.40
N GLY M 74 -19.96 -5.04 32.53
CA GLY M 74 -18.79 -5.43 31.78
C GLY M 74 -18.43 -4.38 30.77
N THR M 75 -17.28 -4.62 30.13
CA THR M 75 -16.76 -3.80 29.02
C THR M 75 -16.80 -4.65 27.73
N VAL M 76 -17.47 -4.10 26.72
CA VAL M 76 -17.56 -4.71 25.43
C VAL M 76 -16.58 -4.01 24.48
N LEU M 77 -15.73 -4.80 23.85
CA LEU M 77 -14.72 -4.28 22.91
C LEU M 77 -15.12 -4.62 21.51
N THR M 78 -14.92 -3.67 20.60
CA THR M 78 -15.38 -3.82 19.23
C THR M 78 -14.30 -3.39 18.28
N GLU M 79 -14.28 -4.05 17.10
CA GLU M 79 -13.45 -3.64 16.00
C GLU M 79 -14.38 -3.41 14.82
N ARG M 80 -14.38 -2.17 14.30
CA ARG M 80 -15.41 -1.74 13.33
C ARG M 80 -14.85 -0.97 12.17
N THR M 81 -15.67 -0.88 11.10
CA THR M 81 -15.55 0.17 10.11
C THR M 81 -16.87 0.89 10.04
N ASP M 82 -16.87 2.17 10.41
CA ASP M 82 -18.11 2.90 10.48
C ASP M 82 -18.33 3.65 9.16
N ARG M 83 -19.34 3.22 8.40
CA ARG M 83 -19.60 3.83 7.09
CA ARG M 83 -19.62 3.82 7.09
C ARG M 83 -20.84 4.69 7.20
N PHE M 84 -20.80 5.83 6.51
CA PHE M 84 -21.92 6.77 6.52
C PHE M 84 -22.06 7.23 5.09
N THR M 85 -23.29 7.35 4.58
CA THR M 85 -23.54 8.05 3.32
C THR M 85 -24.13 9.36 3.76
N LEU M 86 -23.52 10.44 3.28
CA LEU M 86 -23.91 11.78 3.65
C LEU M 86 -24.85 12.42 2.59
N ALA M 87 -25.44 13.54 2.98
CA ALA M 87 -26.16 14.47 2.09
C ALA M 87 -25.58 14.70 0.67
N ASP M 88 -24.25 14.74 0.53
CA ASP M 88 -23.58 15.05 -0.74
CA ASP M 88 -23.59 15.05 -0.75
C ASP M 88 -23.23 13.76 -1.51
N GLY M 89 -23.78 12.65 -1.02
CA GLY M 89 -23.59 11.35 -1.64
C GLY M 89 -22.23 10.70 -1.41
N ARG M 90 -21.29 11.42 -0.79
CA ARG M 90 -19.98 10.85 -0.44
C ARG M 90 -20.15 9.78 0.64
N THR M 91 -19.29 8.78 0.62
CA THR M 91 -19.27 7.82 1.68
C THR M 91 -18.10 8.18 2.62
N LEU M 92 -18.38 8.12 3.91
CA LEU M 92 -17.29 8.04 4.90
C LEU M 92 -17.12 6.59 5.24
N ALA M 93 -15.88 6.19 5.51
CA ALA M 93 -15.61 4.85 6.01
C ALA M 93 -14.44 5.00 7.00
N ILE M 94 -14.78 5.00 8.29
CA ILE M 94 -13.79 5.26 9.37
CA ILE M 94 -13.74 5.23 9.29
C ILE M 94 -13.55 3.99 10.14
N ARG M 95 -12.30 3.51 10.08
CA ARG M 95 -11.90 2.31 10.85
C ARG M 95 -11.73 2.76 12.31
N VAL M 96 -12.37 2.02 13.20
CA VAL M 96 -12.44 2.45 14.60
C VAL M 96 -12.52 1.21 15.48
N MET M 97 -11.89 1.27 16.64
CA MET M 97 -12.21 0.31 17.72
C MET M 97 -12.89 1.05 18.82
N GLY M 98 -13.84 0.38 19.47
CA GLY M 98 -14.52 1.04 20.57
C GLY M 98 -14.75 0.16 21.76
N ALA M 99 -14.68 0.76 22.95
CA ALA M 99 -14.99 0.11 24.21
C ALA M 99 -16.22 0.70 24.81
N PHE M 100 -17.13 -0.17 25.27
CA PHE M 100 -18.41 0.29 25.84
C PHE M 100 -18.50 -0.32 27.23
N ASP M 101 -18.59 0.52 28.26
CA ASP M 101 -18.89 0.00 29.62
C ASP M 101 -20.39 -0.09 29.73
N VAL M 102 -20.89 -1.21 30.26
CA VAL M 102 -22.35 -1.38 30.37
C VAL M 102 -22.64 -1.78 31.80
N ALA M 103 -23.69 -1.17 32.36
CA ALA M 103 -24.23 -1.63 33.65
C ALA M 103 -25.74 -1.75 33.57
N ASP M 104 -26.25 -2.96 33.82
CA ASP M 104 -27.71 -3.22 33.86
C ASP M 104 -28.38 -2.76 32.58
N GLY M 105 -27.80 -3.10 31.42
CA GLY M 105 -28.40 -2.78 30.10
C GLY M 105 -28.33 -1.31 29.66
N SER M 106 -27.41 -0.57 30.27
CA SER M 106 -27.20 0.83 29.96
C SER M 106 -25.70 1.07 29.75
N ILE M 107 -25.37 1.70 28.63
CA ILE M 107 -23.97 2.09 28.30
C ILE M 107 -23.61 3.32 29.11
N THR M 108 -22.71 3.13 30.08
CA THR M 108 -22.29 4.21 30.96
C THR M 108 -21.10 4.99 30.36
N ALA M 109 -20.32 4.34 29.49
CA ALA M 109 -19.20 5.04 28.83
C ALA M 109 -18.95 4.38 27.50
N TRP M 110 -18.52 5.18 26.55
CA TRP M 110 -18.32 4.73 25.16
C TRP M 110 -17.09 5.48 24.70
N ARG M 111 -16.02 4.69 24.46
CA ARG M 111 -14.69 5.21 24.07
C ARG M 111 -14.32 4.70 22.69
N ASP M 112 -14.31 5.60 21.69
CA ASP M 112 -13.97 5.22 20.31
C ASP M 112 -12.58 5.73 19.96
N TYR M 113 -11.80 4.82 19.35
CA TYR M 113 -10.41 5.06 19.00
C TYR M 113 -10.24 5.04 17.49
N PHE M 114 -9.95 6.21 16.90
CA PHE M 114 -9.77 6.33 15.46
C PHE M 114 -8.85 7.54 15.22
N ASP M 115 -8.49 7.71 13.95
CA ASP M 115 -7.62 8.82 13.59
C ASP M 115 -8.43 10.04 13.12
N LEU M 116 -8.24 11.16 13.80
CA LEU M 116 -9.01 12.38 13.47
C LEU M 116 -8.62 12.96 12.12
N GLY M 117 -7.35 12.91 11.77
CA GLY M 117 -6.90 13.40 10.46
C GLY M 117 -7.62 12.70 9.32
N GLN M 118 -7.77 11.38 9.44
CA GLN M 118 -8.49 10.61 8.42
C GLN M 118 -9.94 11.04 8.32
N PHE M 119 -10.59 11.21 9.47
CA PHE M 119 -11.97 11.70 9.52
C PHE M 119 -12.09 13.05 8.88
N MET M 120 -11.20 13.99 9.23
CA MET M 120 -11.28 15.35 8.66
CA MET M 120 -11.33 15.34 8.66
C MET M 120 -11.09 15.35 7.14
N ALA M 121 -10.14 14.54 6.68
CA ALA M 121 -9.83 14.48 5.24
C ALA M 121 -10.97 13.85 4.47
N GLN M 122 -11.65 12.86 5.05
CA GLN M 122 -12.83 12.27 4.37
C GLN M 122 -14.00 13.22 4.35
N MET M 123 -13.97 14.22 5.24
CA MET M 123 -14.98 15.29 5.29
CA MET M 123 -14.99 15.28 5.29
C MET M 123 -14.57 16.53 4.52
N ALA M 124 -13.48 16.46 3.76
CA ALA M 124 -12.96 17.68 3.08
C ALA M 124 -13.87 18.06 1.91
N PRO M 125 -14.01 19.38 1.63
CA PRO M 125 -14.77 19.88 0.46
C PRO M 125 -14.29 19.27 -0.86
N MET N 1 -0.61 -22.43 23.87
CA MET N 1 -1.11 -21.15 24.46
C MET N 1 -2.38 -20.78 23.70
N THR N 2 -3.31 -20.24 24.44
CA THR N 2 -4.55 -19.69 23.85
C THR N 2 -4.27 -18.36 23.18
N PRO N 3 -5.20 -17.93 22.30
CA PRO N 3 -5.03 -16.59 21.71
C PRO N 3 -4.81 -15.50 22.79
N LEU N 4 -5.67 -15.52 23.82
CA LEU N 4 -5.58 -14.52 24.91
CA LEU N 4 -5.58 -14.53 24.91
C LEU N 4 -4.21 -14.62 25.58
N GLU N 5 -3.78 -15.84 25.92
CA GLU N 5 -2.45 -16.02 26.56
C GLU N 5 -1.31 -15.51 25.70
N THR N 6 -1.38 -15.75 24.38
CA THR N 6 -0.34 -15.34 23.50
C THR N 6 -0.16 -13.82 23.54
N VAL N 7 -1.31 -13.13 23.43
CA VAL N 7 -1.30 -11.66 23.46
C VAL N 7 -0.84 -11.13 24.84
N GLN N 8 -1.30 -11.79 25.92
CA GLN N 8 -0.84 -11.41 27.28
C GLN N 8 0.68 -11.57 27.36
N LEU N 9 1.23 -12.68 26.83
CA LEU N 9 2.66 -12.85 26.84
C LEU N 9 3.42 -11.83 25.99
N PHE N 10 2.87 -11.53 24.79
CA PHE N 10 3.42 -10.48 23.97
C PHE N 10 3.52 -9.15 24.72
N LEU N 11 2.42 -8.74 25.34
CA LEU N 11 2.42 -7.46 26.07
C LEU N 11 3.35 -7.49 27.26
N ALA N 12 3.45 -8.65 27.93
CA ALA N 12 4.38 -8.74 29.09
C ALA N 12 5.81 -8.61 28.62
N ARG N 13 6.15 -9.23 27.47
CA ARG N 13 7.50 -9.11 26.94
C ARG N 13 7.81 -7.66 26.48
N VAL N 14 6.84 -6.97 25.85
CA VAL N 14 7.08 -5.59 25.44
C VAL N 14 7.33 -4.76 26.72
N ASN N 15 6.53 -4.99 27.75
CA ASN N 15 6.63 -4.26 29.03
CA ASN N 15 6.68 -4.22 29.00
C ASN N 15 7.99 -4.49 29.74
N ALA N 16 8.64 -5.61 29.38
CA ALA N 16 9.99 -5.93 29.92
C ALA N 16 11.11 -5.39 29.03
N LEU N 17 10.75 -4.58 28.02
CA LEU N 17 11.69 -4.07 27.00
CA LEU N 17 11.68 -4.07 27.00
C LEU N 17 12.39 -5.20 26.26
N ASP N 18 11.73 -6.37 26.19
CA ASP N 18 12.25 -7.51 25.46
C ASP N 18 11.61 -7.56 24.09
N LEU N 19 12.07 -6.67 23.22
CA LEU N 19 11.40 -6.54 21.94
CA LEU N 19 11.59 -6.48 21.85
C LEU N 19 11.70 -7.76 21.03
N ASP N 20 12.85 -8.39 21.15
CA ASP N 20 13.11 -9.61 20.40
C ASP N 20 12.22 -10.78 20.86
N GLY N 21 12.03 -10.91 22.17
CA GLY N 21 11.11 -11.92 22.66
C GLY N 21 9.67 -11.70 22.26
N ALA N 22 9.27 -10.43 22.28
CA ALA N 22 7.92 -10.07 21.89
C ALA N 22 7.71 -10.37 20.42
N CYS N 23 8.68 -9.95 19.60
CA CYS N 23 8.58 -10.16 18.16
C CYS N 23 8.62 -11.62 17.73
N ALA N 24 9.25 -12.47 18.55
CA ALA N 24 9.18 -13.92 18.31
C ALA N 24 7.75 -14.51 18.27
N LEU N 25 6.82 -13.85 18.97
CA LEU N 25 5.41 -14.26 18.98
C LEU N 25 4.61 -13.81 17.73
N LEU N 26 5.23 -12.94 16.94
CA LEU N 26 4.56 -12.44 15.71
C LEU N 26 4.90 -13.45 14.61
N ALA N 27 3.91 -13.75 13.76
CA ALA N 27 4.15 -14.60 12.61
C ALA N 27 5.24 -14.00 11.73
N GLU N 28 5.94 -14.89 11.01
CA GLU N 28 6.98 -14.41 10.15
C GLU N 28 6.52 -13.41 9.09
N ASP N 29 5.26 -13.58 8.67
CA ASP N 29 4.57 -12.69 7.74
C ASP N 29 3.45 -11.90 8.38
N VAL N 30 3.63 -11.51 9.66
CA VAL N 30 2.60 -10.75 10.40
C VAL N 30 2.17 -9.51 9.59
N VAL N 31 0.86 -9.24 9.55
CA VAL N 31 0.37 -7.97 9.02
C VAL N 31 0.30 -7.04 10.25
N TYR N 32 1.20 -6.06 10.30
CA TYR N 32 1.23 -5.11 11.45
C TYR N 32 0.70 -3.75 10.96
N ASP N 33 -0.56 -3.55 11.28
CA ASP N 33 -1.37 -2.41 10.74
C ASP N 33 -1.58 -1.34 11.87
N ASN N 34 -0.68 -0.38 11.97
CA ASN N 34 -0.94 0.87 12.77
C ASN N 34 -1.87 1.63 11.89
N VAL N 35 -3.13 1.65 12.26
CA VAL N 35 -4.20 2.11 11.31
C VAL N 35 -3.88 3.44 10.57
N PRO N 36 -3.38 4.47 11.24
CA PRO N 36 -3.12 5.72 10.51
C PRO N 36 -1.74 5.86 9.92
N MET N 37 -0.95 4.78 9.87
CA MET N 37 0.44 4.82 9.41
C MET N 37 0.61 3.75 8.31
N PRO N 38 1.75 3.81 7.60
CA PRO N 38 2.03 2.77 6.60
C PRO N 38 2.03 1.36 7.22
N THR N 39 1.47 0.39 6.54
CA THR N 39 1.44 -1.02 7.00
C THR N 39 2.85 -1.63 6.96
N VAL N 40 3.11 -2.48 7.95
CA VAL N 40 4.39 -3.15 8.11
C VAL N 40 4.11 -4.63 7.91
N HIS N 41 4.95 -5.28 7.11
CA HIS N 41 4.73 -6.67 6.81
C HIS N 41 5.94 -7.48 7.24
N GLY N 42 5.69 -8.48 8.09
CA GLY N 42 6.71 -9.45 8.52
C GLY N 42 7.37 -9.12 9.84
N ARG N 43 7.88 -10.15 10.50
CA ARG N 43 8.45 -9.99 11.84
C ARG N 43 9.65 -9.04 11.91
N ALA N 44 10.59 -9.18 10.98
CA ALA N 44 11.77 -8.32 11.00
C ALA N 44 11.42 -6.85 10.81
N ALA N 45 10.46 -6.58 9.91
CA ALA N 45 9.97 -5.21 9.66
C ALA N 45 9.24 -4.67 10.90
N ALA N 46 8.46 -5.51 11.57
CA ALA N 46 7.82 -5.10 12.85
C ALA N 46 8.85 -4.70 13.90
N ARG N 47 9.88 -5.53 14.01
CA ARG N 47 10.93 -5.31 14.98
CA ARG N 47 10.95 -5.32 14.98
C ARG N 47 11.65 -4.00 14.70
N ALA N 48 11.97 -3.79 13.41
CA ALA N 48 12.59 -2.56 12.97
C ALA N 48 11.73 -1.34 13.25
N PHE N 49 10.43 -1.40 12.92
CA PHE N 49 9.47 -0.32 13.20
C PHE N 49 9.47 0.01 14.70
N LEU N 50 9.40 -1.01 15.55
CA LEU N 50 9.36 -0.71 16.99
C LEU N 50 10.67 -0.07 17.51
N SER N 51 11.78 -0.37 16.84
CA SER N 51 13.08 0.16 17.25
CA SER N 51 13.10 0.14 17.22
C SER N 51 13.28 1.63 16.89
N GLN N 52 12.39 2.19 16.06
CA GLN N 52 12.45 3.60 15.60
CA GLN N 52 12.55 3.58 15.62
C GLN N 52 12.30 4.60 16.74
N LEU N 53 11.62 4.16 17.79
CA LEU N 53 11.36 5.00 18.94
C LEU N 53 12.40 4.69 19.99
N PRO N 54 13.17 5.72 20.42
CA PRO N 54 14.27 5.57 21.41
C PRO N 54 13.77 5.44 22.86
N ALA N 55 12.94 4.44 23.09
CA ALA N 55 12.32 4.22 24.40
C ALA N 55 13.24 3.48 25.37
N THR N 56 13.41 4.06 26.54
CA THR N 56 14.16 3.44 27.61
C THR N 56 13.25 2.82 28.66
N ALA N 57 12.00 3.21 28.67
CA ALA N 57 11.00 2.57 29.52
C ALA N 57 9.73 2.47 28.70
N ILE N 58 9.04 1.35 28.87
CA ILE N 58 7.76 1.09 28.19
CA ILE N 58 7.76 1.15 28.22
C ILE N 58 6.80 0.59 29.26
N ASP N 59 5.58 1.15 29.29
CA ASP N 59 4.49 0.72 30.20
C ASP N 59 3.22 0.73 29.36
N TRP N 60 2.89 -0.40 28.73
CA TRP N 60 1.64 -0.52 27.95
C TRP N 60 0.63 -1.15 28.89
N GLU N 61 -0.32 -0.35 29.38
CA GLU N 61 -1.26 -0.79 30.37
C GLU N 61 -2.49 -1.31 29.64
N THR N 62 -2.94 -2.50 30.04
CA THR N 62 -4.12 -3.11 29.47
C THR N 62 -5.28 -2.80 30.36
N HIS N 63 -6.19 -1.95 29.89
CA HIS N 63 -7.41 -1.57 30.63
C HIS N 63 -8.45 -2.69 30.54
N ALA N 64 -8.53 -3.33 29.37
CA ALA N 64 -9.50 -4.40 29.11
C ALA N 64 -8.97 -5.28 27.99
N ILE N 65 -9.31 -6.57 28.08
CA ILE N 65 -8.90 -7.54 27.08
C ILE N 65 -9.95 -8.61 27.02
N ALA N 66 -10.29 -9.03 25.80
CA ALA N 66 -11.30 -10.08 25.59
C ALA N 66 -11.06 -10.72 24.25
N ALA N 67 -11.43 -12.00 24.13
CA ALA N 67 -11.16 -12.71 22.90
C ALA N 67 -12.43 -13.39 22.36
N THR N 68 -12.41 -13.51 21.04
CA THR N 68 -13.38 -14.40 20.39
CA THR N 68 -13.31 -14.33 20.19
C THR N 68 -12.65 -15.69 19.87
N GLY N 69 -13.42 -16.70 19.43
CA GLY N 69 -12.74 -17.90 18.93
C GLY N 69 -12.68 -18.96 20.01
N ASP N 70 -11.64 -19.79 19.94
CA ASP N 70 -11.49 -20.88 20.90
CA ASP N 70 -11.47 -20.93 20.81
C ASP N 70 -10.05 -20.96 21.44
N ALA N 71 -9.71 -22.07 22.09
CA ALA N 71 -8.42 -22.17 22.72
C ALA N 71 -7.22 -22.23 21.76
N ALA N 72 -7.45 -22.45 20.47
CA ALA N 72 -6.37 -22.53 19.55
C ALA N 72 -6.24 -21.31 18.61
N ARG N 73 -7.37 -20.80 18.14
CA ARG N 73 -7.37 -19.73 17.15
CA ARG N 73 -7.37 -19.73 17.15
C ARG N 73 -8.45 -18.74 17.49
N GLY N 74 -8.11 -17.47 17.34
CA GLY N 74 -9.10 -16.46 17.71
C GLY N 74 -8.53 -15.07 17.55
N THR N 75 -9.40 -14.10 17.82
CA THR N 75 -9.02 -12.71 17.74
C THR N 75 -9.16 -12.03 19.11
N VAL N 76 -8.09 -11.40 19.54
CA VAL N 76 -8.06 -10.77 20.87
C VAL N 76 -8.17 -9.25 20.71
N LEU N 77 -9.07 -8.67 21.46
CA LEU N 77 -9.27 -7.22 21.48
C LEU N 77 -8.73 -6.63 22.76
N THR N 78 -8.08 -5.49 22.62
CA THR N 78 -7.42 -4.83 23.76
C THR N 78 -7.75 -3.34 23.78
N GLU N 79 -7.85 -2.79 25.00
CA GLU N 79 -7.93 -1.32 25.22
C GLU N 79 -6.78 -0.97 26.10
N ARG N 80 -5.93 -0.03 25.66
CA ARG N 80 -4.65 0.19 26.35
C ARG N 80 -4.31 1.67 26.46
N THR N 81 -3.36 1.96 27.36
CA THR N 81 -2.60 3.24 27.23
C THR N 81 -1.15 2.88 27.09
N ASP N 82 -0.54 3.25 25.97
CA ASP N 82 0.86 2.88 25.71
C ASP N 82 1.74 4.04 26.14
N ARG N 83 2.43 3.80 27.26
CA ARG N 83 3.39 4.82 27.81
C ARG N 83 4.79 4.45 27.45
N PHE N 84 5.55 5.48 27.14
CA PHE N 84 6.96 5.34 26.75
C PHE N 84 7.71 6.48 27.45
N THR N 85 8.91 6.15 27.94
CA THR N 85 9.88 7.20 28.28
C THR N 85 11.00 7.09 27.25
N LEU N 86 11.41 8.23 26.72
CA LEU N 86 12.43 8.26 25.69
C LEU N 86 13.73 8.63 26.34
N ALA N 87 14.84 8.33 25.65
CA ALA N 87 16.22 8.56 26.12
C ALA N 87 16.49 9.99 26.51
N ASP N 88 15.89 10.93 25.79
CA ASP N 88 16.05 12.35 26.07
C ASP N 88 15.12 12.87 27.19
N GLY N 89 14.36 11.96 27.80
CA GLY N 89 13.47 12.33 28.91
C GLY N 89 12.03 12.66 28.54
N ARG N 90 11.67 12.69 27.26
CA ARG N 90 10.24 12.83 26.86
C ARG N 90 9.39 11.67 27.45
N THR N 91 8.19 12.02 27.92
CA THR N 91 7.22 11.01 28.39
CA THR N 91 7.21 11.08 28.45
C THR N 91 5.99 11.03 27.51
N LEU N 92 5.64 9.85 27.02
CA LEU N 92 4.49 9.77 26.14
CA LEU N 92 4.51 9.71 26.08
C LEU N 92 3.43 8.82 26.68
N ALA N 93 2.17 9.10 26.33
CA ALA N 93 1.12 8.18 26.69
C ALA N 93 0.08 8.24 25.58
N ILE N 94 0.01 7.18 24.79
CA ILE N 94 -0.83 7.15 23.62
C ILE N 94 -1.95 6.15 23.91
N ARG N 95 -3.17 6.63 23.86
CA ARG N 95 -4.34 5.77 24.09
C ARG N 95 -4.61 5.00 22.78
N VAL N 96 -4.79 3.68 22.90
CA VAL N 96 -4.84 2.80 21.71
C VAL N 96 -5.71 1.63 21.99
N MET N 97 -6.48 1.19 20.98
CA MET N 97 -7.12 -0.13 21.06
C MET N 97 -6.48 -0.98 19.97
N GLY N 98 -6.25 -2.26 20.28
CA GLY N 98 -5.62 -3.17 19.31
C GLY N 98 -6.31 -4.51 19.18
N ALA N 99 -6.37 -4.99 17.94
CA ALA N 99 -6.90 -6.33 17.66
C ALA N 99 -5.76 -7.19 17.15
N PHE N 100 -5.71 -8.40 17.71
CA PHE N 100 -4.66 -9.37 17.41
C PHE N 100 -5.28 -10.71 16.96
N ASP N 101 -5.02 -11.09 15.72
CA ASP N 101 -5.41 -12.45 15.26
C ASP N 101 -4.29 -13.43 15.64
N VAL N 102 -4.72 -14.51 16.27
CA VAL N 102 -3.78 -15.57 16.70
C VAL N 102 -4.22 -16.93 16.11
N ALA N 103 -3.21 -17.62 15.59
CA ALA N 103 -3.38 -19.03 15.18
C ALA N 103 -2.26 -19.83 15.86
N ASP N 104 -2.67 -20.69 16.79
CA ASP N 104 -1.72 -21.68 17.38
C ASP N 104 -0.48 -21.03 17.97
N GLY N 105 -0.73 -19.99 18.76
CA GLY N 105 0.33 -19.35 19.52
C GLY N 105 1.18 -18.37 18.79
N SER N 106 0.75 -17.93 17.59
CA SER N 106 1.47 -17.00 16.80
C SER N 106 0.47 -15.90 16.36
N ILE N 107 0.90 -14.65 16.51
CA ILE N 107 0.07 -13.48 16.12
C ILE N 107 0.28 -13.27 14.61
N THR N 108 -0.79 -13.54 13.85
CA THR N 108 -0.70 -13.43 12.38
C THR N 108 -1.00 -12.03 11.88
N ALA N 109 -1.66 -11.24 12.73
CA ALA N 109 -2.02 -9.87 12.37
C ALA N 109 -2.27 -9.06 13.64
N TRP N 110 -1.93 -7.78 13.57
CA TRP N 110 -2.00 -6.90 14.72
C TRP N 110 -2.39 -5.52 14.19
N ARG N 111 -3.58 -5.09 14.61
CA ARG N 111 -4.17 -3.84 14.11
C ARG N 111 -4.32 -2.89 15.29
N ASP N 112 -3.58 -1.80 15.29
CA ASP N 112 -3.64 -0.79 16.41
C ASP N 112 -4.31 0.48 15.94
N TYR N 113 -5.30 0.93 16.72
CA TYR N 113 -6.18 2.07 16.41
C TYR N 113 -5.91 3.18 17.40
N PHE N 114 -5.34 4.25 16.88
CA PHE N 114 -5.00 5.43 17.71
C PHE N 114 -5.00 6.68 16.81
N ASP N 115 -4.85 7.85 17.43
CA ASP N 115 -4.79 9.07 16.67
C ASP N 115 -3.33 9.49 16.44
N LEU N 116 -2.97 9.62 15.15
CA LEU N 116 -1.61 10.01 14.79
C LEU N 116 -1.25 11.41 15.27
N GLY N 117 -2.20 12.33 15.18
CA GLY N 117 -1.98 13.74 15.64
C GLY N 117 -1.54 13.77 17.11
N GLN N 118 -2.17 12.94 17.95
CA GLN N 118 -1.78 12.88 19.39
C GLN N 118 -0.38 12.39 19.54
N PHE N 119 0.01 11.38 18.77
CA PHE N 119 1.38 10.87 18.86
CA PHE N 119 1.37 10.85 18.84
C PHE N 119 2.36 11.96 18.43
N MET N 120 2.06 12.61 17.31
CA MET N 120 2.99 13.63 16.80
CA MET N 120 2.88 13.69 16.74
C MET N 120 3.07 14.81 17.75
N ALA N 121 1.95 15.21 18.34
CA ALA N 121 1.97 16.32 19.29
C ALA N 121 2.81 16.01 20.53
N GLN N 122 2.73 14.77 21.02
CA GLN N 122 3.53 14.35 22.20
C GLN N 122 5.03 14.23 21.89
N MET N 123 5.36 13.97 20.64
CA MET N 123 6.76 13.84 20.21
CA MET N 123 6.74 13.86 20.18
C MET N 123 7.43 15.16 19.87
N ALA N 124 6.65 16.23 19.69
CA ALA N 124 7.20 17.53 19.27
C ALA N 124 7.94 18.09 20.48
N PRO N 125 9.12 18.73 20.26
CA PRO N 125 9.83 19.38 21.35
C PRO N 125 9.55 20.89 21.46
N HIS N 130 -0.27 25.12 15.90
CA HIS N 130 -0.75 26.08 14.92
CA HIS N 130 -0.77 26.06 14.92
C HIS N 130 -0.73 25.50 13.49
N HIS N 131 -1.82 25.69 12.75
CA HIS N 131 -1.85 25.41 11.31
C HIS N 131 -1.71 26.69 10.50
N HIS N 132 -1.70 27.82 11.21
CA HIS N 132 -1.59 29.19 10.67
C HIS N 132 -1.47 30.17 11.87
N HIS N 133 -1.24 31.45 11.58
CA HIS N 133 -1.31 32.50 12.62
C HIS N 133 -2.60 33.32 12.51
N HIS N 134 -2.81 34.27 13.26
N MET O 1 -17.43 36.93 2.01
CA MET O 1 -16.50 36.17 1.14
CA MET O 1 -16.48 36.20 1.15
C MET O 1 -15.47 35.46 2.03
N THR O 2 -15.21 34.19 1.73
CA THR O 2 -14.21 33.42 2.52
C THR O 2 -12.78 33.85 2.13
N PRO O 3 -11.78 33.50 2.99
CA PRO O 3 -10.40 33.75 2.60
C PRO O 3 -10.05 33.16 1.20
N LEU O 4 -10.44 31.88 0.98
CA LEU O 4 -10.19 31.27 -0.32
C LEU O 4 -10.85 32.01 -1.50
N GLU O 5 -12.13 32.35 -1.33
CA GLU O 5 -12.82 33.12 -2.39
C GLU O 5 -12.16 34.48 -2.66
N THR O 6 -11.72 35.18 -1.59
CA THR O 6 -11.08 36.44 -1.77
C THR O 6 -9.83 36.34 -2.65
N VAL O 7 -8.97 35.33 -2.34
CA VAL O 7 -7.76 35.13 -3.12
C VAL O 7 -8.05 34.64 -4.55
N GLN O 8 -9.05 33.77 -4.68
CA GLN O 8 -9.49 33.39 -6.08
C GLN O 8 -9.92 34.63 -6.88
N LEU O 9 -10.65 35.55 -6.22
CA LEU O 9 -11.12 36.76 -6.91
C LEU O 9 -9.94 37.69 -7.27
N PHE O 10 -9.00 37.83 -6.30
CA PHE O 10 -7.80 38.58 -6.53
C PHE O 10 -7.02 38.10 -7.76
N LEU O 11 -6.80 36.78 -7.81
CA LEU O 11 -6.03 36.19 -8.90
C LEU O 11 -6.80 36.32 -10.21
N ALA O 12 -8.12 36.19 -10.15
CA ALA O 12 -8.93 36.40 -11.38
C ALA O 12 -8.83 37.82 -11.88
N ARG O 13 -8.82 38.79 -10.97
CA ARG O 13 -8.68 40.18 -11.45
C ARG O 13 -7.30 40.49 -12.01
N VAL O 14 -6.23 39.97 -11.37
CA VAL O 14 -4.88 40.08 -11.92
C VAL O 14 -4.85 39.52 -13.35
N ASN O 15 -5.47 38.37 -13.52
CA ASN O 15 -5.45 37.66 -14.82
C ASN O 15 -6.23 38.38 -15.90
N ALA O 16 -7.10 39.29 -15.48
CA ALA O 16 -7.82 40.21 -16.44
C ALA O 16 -7.08 41.54 -16.67
N LEU O 17 -5.88 41.66 -16.11
CA LEU O 17 -5.10 42.91 -16.16
CA LEU O 17 -5.07 42.88 -16.11
C LEU O 17 -5.80 44.05 -15.44
N ASP O 18 -6.69 43.70 -14.51
CA ASP O 18 -7.44 44.66 -13.74
C ASP O 18 -6.65 44.95 -12.47
N LEU O 19 -5.58 45.72 -12.58
N LEU O 19 -5.61 45.77 -12.63
CA LEU O 19 -4.71 45.94 -11.42
CA LEU O 19 -4.66 46.14 -11.55
C LEU O 19 -5.39 46.79 -10.35
C LEU O 19 -5.38 46.81 -10.39
N ASP O 20 -6.23 47.78 -10.71
CA ASP O 20 -6.95 48.54 -9.66
C ASP O 20 -7.98 47.69 -8.92
N GLY O 21 -8.69 46.82 -9.65
CA GLY O 21 -9.64 45.89 -9.03
C GLY O 21 -8.96 44.87 -8.08
N ALA O 22 -7.80 44.37 -8.52
CA ALA O 22 -7.07 43.35 -7.73
C ALA O 22 -6.54 44.07 -6.47
N CYS O 23 -5.95 45.25 -6.66
CA CYS O 23 -5.43 45.99 -5.48
C CYS O 23 -6.48 46.42 -4.48
N ALA O 24 -7.73 46.62 -4.92
CA ALA O 24 -8.80 46.95 -4.03
C ALA O 24 -9.06 45.86 -2.99
N LEU O 25 -8.67 44.61 -3.29
CA LEU O 25 -8.87 43.51 -2.36
C LEU O 25 -7.71 43.42 -1.33
N LEU O 26 -6.61 44.14 -1.61
CA LEU O 26 -5.51 44.32 -0.60
C LEU O 26 -5.92 45.35 0.46
N ALA O 27 -5.56 45.06 1.70
CA ALA O 27 -5.74 46.07 2.77
C ALA O 27 -5.03 47.34 2.42
N GLU O 28 -5.56 48.45 2.96
CA GLU O 28 -4.91 49.74 2.76
C GLU O 28 -3.42 49.77 3.17
N ASP O 29 -3.15 49.05 4.27
CA ASP O 29 -1.82 48.84 4.74
C ASP O 29 -1.31 47.38 4.59
N VAL O 30 -1.64 46.80 3.43
CA VAL O 30 -1.18 45.42 3.18
C VAL O 30 0.37 45.36 3.32
N VAL O 31 0.81 44.22 3.88
CA VAL O 31 2.23 43.87 3.80
C VAL O 31 2.45 43.04 2.54
N TYR O 32 3.13 43.61 1.57
CA TYR O 32 3.37 42.93 0.30
C TYR O 32 4.84 42.54 0.26
N ASP O 33 5.08 41.27 0.63
CA ASP O 33 6.42 40.75 0.90
C ASP O 33 6.85 39.79 -0.22
N ASN O 34 7.57 40.31 -1.21
CA ASN O 34 8.29 39.46 -2.17
C ASN O 34 9.55 39.08 -1.41
N VAL O 35 9.62 37.81 -1.02
CA VAL O 35 10.62 37.36 -0.04
C VAL O 35 12.07 37.78 -0.32
N PRO O 36 12.53 37.76 -1.58
CA PRO O 36 13.90 38.20 -1.83
C PRO O 36 14.12 39.69 -1.91
N MET O 37 13.06 40.48 -1.81
CA MET O 37 13.16 41.92 -2.04
CA MET O 37 13.09 41.93 -2.05
C MET O 37 12.70 42.70 -0.78
N PRO O 38 12.97 44.01 -0.72
CA PRO O 38 12.37 44.78 0.38
C PRO O 38 10.83 44.71 0.36
N THR O 39 10.23 44.75 1.55
CA THR O 39 8.76 44.79 1.69
C THR O 39 8.17 46.07 1.08
N VAL O 40 7.08 45.90 0.35
CA VAL O 40 6.25 46.99 -0.16
C VAL O 40 5.13 47.20 0.84
N HIS O 41 4.95 48.45 1.29
CA HIS O 41 3.98 48.73 2.29
C HIS O 41 2.77 49.47 1.74
N GLY O 42 1.61 48.81 1.83
CA GLY O 42 0.34 49.41 1.51
C GLY O 42 -0.16 49.20 0.08
N ARG O 43 -1.45 49.41 -0.09
CA ARG O 43 -2.12 49.19 -1.37
C ARG O 43 -1.55 50.09 -2.46
N ALA O 44 -1.42 51.40 -2.17
CA ALA O 44 -0.95 52.32 -3.19
C ALA O 44 0.45 51.96 -3.66
N ALA O 45 1.32 51.60 -2.71
CA ALA O 45 2.68 51.22 -3.08
C ALA O 45 2.69 49.91 -3.82
N ALA O 46 1.84 48.97 -3.40
CA ALA O 46 1.73 47.68 -4.17
C ALA O 46 1.28 47.95 -5.62
N ARG O 47 0.29 48.84 -5.81
N ARG O 47 0.29 48.83 -5.82
CA ARG O 47 -0.22 49.19 -7.15
CA ARG O 47 -0.18 49.16 -7.18
C ARG O 47 0.93 49.79 -7.98
C ARG O 47 0.97 49.77 -7.99
N ALA O 48 1.67 50.73 -7.39
CA ALA O 48 2.85 51.36 -8.04
C ALA O 48 3.92 50.33 -8.39
N PHE O 49 4.17 49.37 -7.48
CA PHE O 49 5.23 48.36 -7.67
C PHE O 49 4.86 47.47 -8.84
N LEU O 50 3.62 46.98 -8.85
CA LEU O 50 3.16 46.10 -9.92
C LEU O 50 3.19 46.83 -11.27
N SER O 51 2.99 48.15 -11.27
CA SER O 51 3.00 48.93 -12.50
CA SER O 51 3.01 48.97 -12.48
C SER O 51 4.41 49.10 -13.08
N GLN O 52 5.45 48.86 -12.26
CA GLN O 52 6.85 49.03 -12.69
CA GLN O 52 6.85 49.04 -12.70
C GLN O 52 7.27 48.01 -13.76
N LEU O 53 6.56 46.89 -13.80
CA LEU O 53 6.74 45.87 -14.84
C LEU O 53 5.84 46.19 -16.06
N PRO O 54 6.44 46.44 -17.24
CA PRO O 54 5.59 46.85 -18.37
C PRO O 54 4.74 45.69 -18.95
N ALA O 55 3.85 45.14 -18.12
CA ALA O 55 3.08 43.93 -18.42
C ALA O 55 1.80 44.24 -19.17
N THR O 56 1.60 43.52 -20.27
CA THR O 56 0.49 43.78 -21.16
C THR O 56 -0.36 42.54 -21.46
N ALA O 57 0.21 41.36 -21.24
CA ALA O 57 -0.56 40.12 -21.18
C ALA O 57 -0.12 39.43 -19.88
N ILE O 58 -1.04 38.67 -19.27
CA ILE O 58 -0.79 38.05 -17.96
CA ILE O 58 -0.78 38.05 -17.95
C ILE O 58 -1.52 36.73 -17.80
N ASP O 59 -0.78 35.72 -17.32
CA ASP O 59 -1.38 34.45 -17.04
C ASP O 59 -0.71 33.95 -15.77
N TRP O 60 -1.32 34.23 -14.63
CA TRP O 60 -0.87 33.63 -13.37
C TRP O 60 -1.66 32.40 -13.14
N GLU O 61 -1.04 31.27 -13.35
CA GLU O 61 -1.73 30.02 -13.22
C GLU O 61 -1.64 29.48 -11.79
N THR O 62 -2.77 29.08 -11.22
CA THR O 62 -2.81 28.45 -9.89
C THR O 62 -2.80 26.94 -10.05
N HIS O 63 -1.68 26.30 -9.71
CA HIS O 63 -1.60 24.83 -9.76
C HIS O 63 -2.27 24.19 -8.59
N ALA O 64 -2.20 24.84 -7.41
CA ALA O 64 -2.82 24.30 -6.22
C ALA O 64 -3.10 25.46 -5.28
N ILE O 65 -4.20 25.29 -4.54
CA ILE O 65 -4.63 26.35 -3.59
C ILE O 65 -5.35 25.67 -2.43
N ALA O 66 -5.05 26.10 -1.19
CA ALA O 66 -5.69 25.54 0.00
C ALA O 66 -5.64 26.56 1.13
N ALA O 67 -6.67 26.54 1.96
CA ALA O 67 -6.82 27.59 2.99
C ALA O 67 -6.75 27.00 4.38
N THR O 68 -6.18 27.76 5.30
CA THR O 68 -6.32 27.45 6.75
C THR O 68 -7.37 28.37 7.33
N GLY O 69 -7.75 28.15 8.59
CA GLY O 69 -8.63 29.08 9.30
C GLY O 69 -10.09 28.77 9.12
N ASP O 70 -10.91 29.82 9.13
CA ASP O 70 -12.37 29.67 9.06
C ASP O 70 -13.01 30.48 7.93
N ALA O 71 -14.34 30.57 7.90
CA ALA O 71 -15.03 31.29 6.81
C ALA O 71 -14.76 32.79 6.75
N ALA O 72 -14.27 33.37 7.86
CA ALA O 72 -13.98 34.80 7.90
C ALA O 72 -12.50 35.14 7.78
N ARG O 73 -11.63 34.33 8.41
CA ARG O 73 -10.20 34.70 8.48
CA ARG O 73 -10.21 34.68 8.56
C ARG O 73 -9.34 33.45 8.35
N GLY O 74 -8.23 33.59 7.62
CA GLY O 74 -7.30 32.47 7.50
C GLY O 74 -6.18 32.82 6.56
N THR O 75 -5.28 31.86 6.36
CA THR O 75 -4.18 32.03 5.41
C THR O 75 -4.37 31.11 4.21
N VAL O 76 -4.37 31.67 3.02
CA VAL O 76 -4.52 30.90 1.79
C VAL O 76 -3.15 30.68 1.20
N LEU O 77 -2.85 29.40 0.92
CA LEU O 77 -1.54 29.03 0.32
C LEU O 77 -1.77 28.70 -1.16
N THR O 78 -0.86 29.18 -1.99
CA THR O 78 -0.95 29.01 -3.45
C THR O 78 0.39 28.49 -4.01
N GLU O 79 0.28 27.66 -5.06
CA GLU O 79 1.44 27.30 -5.87
C GLU O 79 1.09 27.72 -7.32
N ARG O 80 1.99 28.53 -7.92
CA ARG O 80 1.66 29.22 -9.17
C ARG O 80 2.82 29.26 -10.13
N THR O 81 2.46 29.48 -11.40
CA THR O 81 3.46 29.96 -12.35
C THR O 81 2.95 31.28 -12.87
N ASP O 82 3.71 32.33 -12.63
CA ASP O 82 3.27 33.67 -13.04
C ASP O 82 3.91 34.03 -14.36
N ARG O 83 3.08 34.01 -15.41
CA ARG O 83 3.55 34.34 -16.77
C ARG O 83 3.13 35.76 -17.15
N PHE O 84 4.04 36.47 -17.81
CA PHE O 84 3.80 37.86 -18.23
C PHE O 84 4.34 38.01 -19.64
N THR O 85 3.60 38.76 -20.48
CA THR O 85 4.17 39.28 -21.72
C THR O 85 4.41 40.76 -21.47
N LEU O 86 5.59 41.25 -21.83
CA LEU O 86 5.92 42.65 -21.55
C LEU O 86 5.75 43.49 -22.81
N ALA O 87 5.65 44.80 -22.63
CA ALA O 87 5.49 45.80 -23.70
C ALA O 87 6.49 45.62 -24.85
N ASP O 88 7.68 45.11 -24.55
CA ASP O 88 8.75 44.97 -25.54
C ASP O 88 8.84 43.60 -26.24
N GLY O 89 7.90 42.70 -25.94
CA GLY O 89 7.89 41.36 -26.55
C GLY O 89 8.40 40.21 -25.68
N ARG O 90 9.12 40.54 -24.59
CA ARG O 90 9.60 39.51 -23.65
C ARG O 90 8.42 38.76 -23.00
N THR O 91 8.60 37.45 -22.87
CA THR O 91 7.75 36.61 -22.02
C THR O 91 8.51 36.12 -20.78
N LEU O 92 7.84 36.21 -19.63
CA LEU O 92 8.40 35.71 -18.36
C LEU O 92 7.49 34.61 -17.87
N ALA O 93 8.08 33.66 -17.14
CA ALA O 93 7.32 32.64 -16.42
C ALA O 93 8.09 32.33 -15.13
N ILE O 94 7.64 32.95 -14.04
CA ILE O 94 8.27 32.83 -12.71
CA ILE O 94 8.30 32.75 -12.77
C ILE O 94 7.46 31.86 -11.86
N ARG O 95 8.06 30.74 -11.49
CA ARG O 95 7.45 29.79 -10.53
C ARG O 95 7.51 30.41 -9.13
N VAL O 96 6.35 30.40 -8.47
CA VAL O 96 6.19 31.13 -7.22
C VAL O 96 5.17 30.42 -6.34
N MET O 97 5.43 30.40 -5.01
CA MET O 97 4.37 30.03 -4.07
C MET O 97 4.06 31.27 -3.26
N GLY O 98 2.77 31.49 -3.00
CA GLY O 98 2.36 32.71 -2.23
C GLY O 98 1.42 32.36 -1.12
N ALA O 99 1.61 33.05 0.01
CA ALA O 99 0.73 32.94 1.16
C ALA O 99 0.01 34.25 1.34
N PHE O 100 -1.30 34.15 1.50
CA PHE O 100 -2.16 35.38 1.64
C PHE O 100 -2.92 35.26 2.91
N ASP O 101 -2.77 36.27 3.78
CA ASP O 101 -3.56 36.31 5.02
C ASP O 101 -4.79 37.18 4.69
N VAL O 102 -5.95 36.65 5.00
CA VAL O 102 -7.22 37.33 4.68
C VAL O 102 -8.01 37.47 5.97
N ALA O 103 -8.62 38.65 6.16
CA ALA O 103 -9.57 38.78 7.23
C ALA O 103 -10.74 39.60 6.61
N ASP O 104 -11.92 39.04 6.77
CA ASP O 104 -13.19 39.67 6.35
C ASP O 104 -13.11 40.20 4.92
N GLY O 105 -12.61 39.37 4.01
CA GLY O 105 -12.63 39.71 2.59
C GLY O 105 -11.57 40.67 2.13
N SER O 106 -10.56 40.91 3.00
CA SER O 106 -9.45 41.80 2.66
C SER O 106 -8.12 41.06 2.88
N ILE O 107 -7.21 41.21 1.94
CA ILE O 107 -5.87 40.57 2.02
C ILE O 107 -4.97 41.52 2.84
N THR O 108 -4.64 41.06 4.05
CA THR O 108 -3.80 41.89 4.97
C THR O 108 -2.30 41.67 4.77
N ALA O 109 -1.95 40.52 4.14
CA ALA O 109 -0.53 40.29 3.81
C ALA O 109 -0.45 39.29 2.66
N TRP O 110 0.51 39.57 1.81
CA TRP O 110 0.76 38.75 0.63
C TRP O 110 2.26 38.50 0.59
N ARG O 111 2.64 37.22 0.72
CA ARG O 111 4.05 36.84 0.78
C ARG O 111 4.35 35.90 -0.36
N ASP O 112 5.16 36.35 -1.31
CA ASP O 112 5.51 35.51 -2.51
C ASP O 112 6.94 35.04 -2.42
N TYR O 113 7.13 33.74 -2.66
CA TYR O 113 8.40 33.05 -2.47
C TYR O 113 8.84 32.57 -3.84
N PHE O 114 9.94 33.12 -4.30
CA PHE O 114 10.48 32.79 -5.64
C PHE O 114 11.98 33.09 -5.59
N ASP O 115 12.66 32.77 -6.70
CA ASP O 115 14.09 33.07 -6.82
C ASP O 115 14.36 34.33 -7.59
N LEU O 116 15.01 35.30 -6.93
CA LEU O 116 15.30 36.57 -7.58
C LEU O 116 16.22 36.37 -8.80
N GLY O 117 17.18 35.47 -8.70
CA GLY O 117 18.05 35.15 -9.87
C GLY O 117 17.27 34.79 -11.12
N GLN O 118 16.28 33.91 -10.99
CA GLN O 118 15.46 33.49 -12.14
C GLN O 118 14.72 34.67 -12.72
N PHE O 119 14.17 35.53 -11.87
CA PHE O 119 13.49 36.73 -12.34
CA PHE O 119 13.50 36.74 -12.34
C PHE O 119 14.44 37.63 -13.14
N MET O 120 15.61 37.92 -12.57
CA MET O 120 16.57 38.81 -13.24
CA MET O 120 16.67 38.74 -13.19
C MET O 120 17.05 38.17 -14.55
N ALA O 121 17.20 36.86 -14.59
CA ALA O 121 17.67 36.16 -15.82
C ALA O 121 16.67 36.28 -16.96
N GLN O 122 15.39 36.18 -16.62
CA GLN O 122 14.32 36.29 -17.62
C GLN O 122 14.12 37.73 -18.09
N MET O 123 14.50 38.69 -17.26
CA MET O 123 14.43 40.11 -17.60
C MET O 123 15.61 40.63 -18.39
N ALA O 124 16.65 39.82 -18.55
CA ALA O 124 17.90 40.25 -19.20
C ALA O 124 17.66 40.56 -20.69
N PRO O 125 18.23 41.69 -21.20
CA PRO O 125 18.13 42.07 -22.62
C PRO O 125 18.62 40.99 -23.60
N MET P 1 -2.99 6.92 6.02
CA MET P 1 -2.25 8.15 6.49
C MET P 1 -2.57 9.20 5.45
N THR P 2 -3.09 10.35 5.91
CA THR P 2 -3.55 11.37 4.97
C THR P 2 -2.34 12.14 4.39
N PRO P 3 -2.56 12.89 3.31
CA PRO P 3 -1.44 13.69 2.75
C PRO P 3 -0.89 14.65 3.83
N LEU P 4 -1.77 15.31 4.55
CA LEU P 4 -1.35 16.26 5.59
CA LEU P 4 -1.29 16.26 5.56
C LEU P 4 -0.51 15.53 6.66
N GLU P 5 -0.99 14.39 7.14
CA GLU P 5 -0.26 13.66 8.17
C GLU P 5 1.08 13.16 7.65
N THR P 6 1.15 12.75 6.37
CA THR P 6 2.41 12.27 5.78
C THR P 6 3.46 13.39 5.81
N VAL P 7 3.06 14.60 5.44
CA VAL P 7 4.01 15.71 5.41
C VAL P 7 4.35 16.16 6.84
N GLN P 8 3.38 16.14 7.75
CA GLN P 8 3.71 16.47 9.15
C GLN P 8 4.71 15.46 9.71
N LEU P 9 4.50 14.17 9.44
CA LEU P 9 5.47 13.15 9.93
C LEU P 9 6.84 13.33 9.30
N PHE P 10 6.90 13.62 7.98
CA PHE P 10 8.15 13.90 7.32
C PHE P 10 8.88 15.06 7.97
N LEU P 11 8.20 16.19 8.15
CA LEU P 11 8.84 17.36 8.78
C LEU P 11 9.29 17.02 10.22
N ALA P 12 8.49 16.23 10.96
CA ALA P 12 8.91 15.86 12.33
C ALA P 12 10.16 15.00 12.32
N ARG P 13 10.25 14.08 11.36
CA ARG P 13 11.46 13.28 11.22
C ARG P 13 12.71 14.08 10.83
N VAL P 14 12.56 15.04 9.92
CA VAL P 14 13.64 15.96 9.57
C VAL P 14 14.08 16.72 10.85
N ASN P 15 13.11 17.21 11.61
CA ASN P 15 13.38 17.98 12.86
C ASN P 15 14.11 17.18 13.94
N ALA P 16 13.96 15.86 13.84
CA ALA P 16 14.66 14.91 14.74
C ALA P 16 16.01 14.48 14.21
N LEU P 17 16.46 15.10 13.11
CA LEU P 17 17.72 14.75 12.43
C LEU P 17 17.69 13.30 11.93
N ASP P 18 16.48 12.77 11.70
CA ASP P 18 16.33 11.40 11.27
C ASP P 18 16.19 11.39 9.77
N LEU P 19 17.32 11.56 9.07
CA LEU P 19 17.36 11.60 7.60
CA LEU P 19 17.32 11.62 7.61
C LEU P 19 16.79 10.35 6.96
N ASP P 20 17.14 9.19 7.48
CA ASP P 20 16.63 7.98 6.87
C ASP P 20 15.13 7.71 7.07
N GLY P 21 14.60 7.99 8.26
CA GLY P 21 13.17 7.91 8.54
C GLY P 21 12.41 8.92 7.66
N ALA P 22 12.98 10.10 7.52
CA ALA P 22 12.31 11.12 6.65
C ALA P 22 12.29 10.69 5.21
N CYS P 23 13.43 10.22 4.70
CA CYS P 23 13.54 9.83 3.31
C CYS P 23 12.68 8.60 3.02
N ALA P 24 12.38 7.77 4.02
CA ALA P 24 11.52 6.60 3.83
C ALA P 24 10.12 6.99 3.36
N LEU P 25 9.68 8.19 3.76
CA LEU P 25 8.37 8.71 3.35
C LEU P 25 8.39 9.30 1.97
N LEU P 26 9.55 9.52 1.36
CA LEU P 26 9.63 9.91 -0.04
C LEU P 26 9.48 8.69 -0.93
N ALA P 27 8.81 8.84 -2.06
CA ALA P 27 8.70 7.72 -3.01
C ALA P 27 10.07 7.37 -3.56
N GLU P 28 10.26 6.10 -3.98
CA GLU P 28 11.52 5.76 -4.61
CA GLU P 28 11.53 5.73 -4.59
C GLU P 28 11.88 6.62 -5.78
N ASP P 29 10.84 7.09 -6.52
CA ASP P 29 11.06 7.93 -7.69
C ASP P 29 10.61 9.36 -7.43
N VAL P 30 10.74 9.79 -6.16
CA VAL P 30 10.37 11.17 -5.79
C VAL P 30 11.05 12.17 -6.71
N VAL P 31 10.29 13.20 -7.10
CA VAL P 31 10.86 14.37 -7.73
C VAL P 31 11.10 15.42 -6.66
N TYR P 32 12.36 15.69 -6.36
CA TYR P 32 12.73 16.69 -5.37
C TYR P 32 13.28 17.89 -6.08
N ASP P 33 12.39 18.89 -6.20
CA ASP P 33 12.56 20.07 -6.98
C ASP P 33 12.79 21.30 -6.07
N ASN P 34 14.04 21.60 -5.76
CA ASN P 34 14.37 22.94 -5.23
C ASN P 34 14.33 23.85 -6.40
N VAL P 35 13.37 24.76 -6.46
CA VAL P 35 13.05 25.46 -7.71
C VAL P 35 14.24 26.12 -8.43
N PRO P 36 15.15 26.77 -7.69
CA PRO P 36 16.31 27.39 -8.39
C PRO P 36 17.54 26.50 -8.48
N MET P 37 17.42 25.21 -8.15
CA MET P 37 18.54 24.23 -8.15
CA MET P 37 18.56 24.29 -8.23
C MET P 37 18.25 23.14 -9.17
N PRO P 38 19.29 22.38 -9.58
CA PRO P 38 19.00 21.20 -10.41
C PRO P 38 18.05 20.26 -9.72
N THR P 39 17.14 19.69 -10.50
CA THR P 39 16.16 18.71 -9.96
C THR P 39 16.84 17.40 -9.55
N VAL P 40 16.40 16.84 -8.43
CA VAL P 40 16.94 15.63 -7.84
C VAL P 40 15.88 14.57 -8.08
N HIS P 41 16.31 13.39 -8.58
CA HIS P 41 15.37 12.34 -8.91
C HIS P 41 15.55 11.08 -8.06
N GLY P 42 14.61 10.77 -7.20
CA GLY P 42 14.59 9.51 -6.47
C GLY P 42 15.05 9.66 -5.04
N ARG P 43 14.58 8.73 -4.21
CA ARG P 43 14.84 8.74 -2.79
C ARG P 43 16.33 8.73 -2.44
N ALA P 44 17.10 7.86 -3.10
CA ALA P 44 18.54 7.76 -2.81
C ALA P 44 19.25 9.08 -3.08
N ALA P 45 18.92 9.71 -4.20
CA ALA P 45 19.54 10.92 -4.63
C ALA P 45 19.12 12.08 -3.70
N ALA P 46 17.87 12.06 -3.25
CA ALA P 46 17.41 13.10 -2.31
C ALA P 46 18.15 12.96 -0.97
N ARG P 47 18.27 11.72 -0.46
CA ARG P 47 19.03 11.48 0.77
CA ARG P 47 19.05 11.42 0.75
C ARG P 47 20.46 11.97 0.62
N ALA P 48 21.09 11.66 -0.53
CA ALA P 48 22.50 12.08 -0.74
C ALA P 48 22.61 13.60 -0.79
N PHE P 49 21.65 14.23 -1.46
CA PHE P 49 21.64 15.70 -1.57
CA PHE P 49 21.64 15.68 -1.57
C PHE P 49 21.49 16.35 -0.19
N LEU P 50 20.57 15.85 0.64
CA LEU P 50 20.34 16.45 1.97
C LEU P 50 21.53 16.27 2.87
N SER P 51 22.24 15.16 2.64
CA SER P 51 23.41 14.80 3.45
CA SER P 51 23.43 14.79 3.42
C SER P 51 24.60 15.75 3.25
N GLN P 52 24.56 16.54 2.15
CA GLN P 52 25.61 17.50 1.81
CA GLN P 52 25.63 17.47 1.83
C GLN P 52 25.65 18.67 2.79
N LEU P 53 24.50 18.93 3.44
CA LEU P 53 24.39 19.95 4.47
CA LEU P 53 24.38 19.95 4.47
C LEU P 53 24.90 19.38 5.80
N PRO P 54 26.03 19.93 6.32
CA PRO P 54 26.52 19.41 7.60
C PRO P 54 25.77 20.03 8.79
N ALA P 55 24.57 19.51 9.06
CA ALA P 55 23.72 20.09 10.11
C ALA P 55 23.80 19.29 11.40
N THR P 56 24.03 19.99 12.49
CA THR P 56 24.11 19.38 13.81
C THR P 56 22.86 19.62 14.64
N ALA P 57 22.03 20.57 14.20
CA ALA P 57 20.76 20.86 14.87
C ALA P 57 19.84 21.45 13.77
N ILE P 58 18.54 21.21 13.92
CA ILE P 58 17.59 21.54 12.82
CA ILE P 58 17.61 21.57 12.85
C ILE P 58 16.29 21.96 13.47
N ASP P 59 15.70 23.04 12.89
CA ASP P 59 14.44 23.55 13.38
C ASP P 59 13.71 24.10 12.11
N TRP P 60 13.02 23.20 11.40
CA TRP P 60 12.16 23.68 10.30
C TRP P 60 10.79 23.96 10.87
N GLU P 61 10.41 25.26 10.84
CA GLU P 61 9.19 25.74 11.48
C GLU P 61 8.09 25.76 10.44
N THR P 62 6.96 25.19 10.78
CA THR P 62 5.83 25.16 9.85
C THR P 62 4.88 26.27 10.29
N HIS P 63 4.90 27.38 9.57
CA HIS P 63 4.04 28.52 9.94
C HIS P 63 2.60 28.33 9.52
N ALA P 64 2.38 27.67 8.38
CA ALA P 64 1.04 27.44 7.84
C ALA P 64 1.11 26.15 7.02
N ILE P 65 0.05 25.36 7.05
CA ILE P 65 0.00 24.10 6.29
C ILE P 65 -1.47 23.80 5.98
N ALA P 66 -1.71 23.38 4.74
CA ALA P 66 -3.08 23.08 4.30
C ALA P 66 -3.00 22.13 3.11
N ALA P 67 -3.98 21.24 2.96
CA ALA P 67 -3.92 20.24 1.89
C ALA P 67 -5.10 20.36 0.94
N THR P 68 -4.85 19.99 -0.31
CA THR P 68 -5.91 19.73 -1.31
C THR P 68 -6.18 18.22 -1.28
N GLY P 69 -7.25 17.81 -1.96
CA GLY P 69 -7.45 16.39 -2.16
C GLY P 69 -8.28 15.71 -1.09
N ASP P 70 -8.05 14.43 -0.92
CA ASP P 70 -8.88 13.63 -0.03
C ASP P 70 -7.97 12.87 0.95
N ALA P 71 -8.51 11.84 1.64
CA ALA P 71 -7.73 11.12 2.63
C ALA P 71 -6.60 10.30 2.03
N ALA P 72 -6.69 9.91 0.76
CA ALA P 72 -5.62 9.08 0.16
C ALA P 72 -4.56 9.89 -0.56
N ARG P 73 -4.95 11.01 -1.17
CA ARG P 73 -4.01 11.69 -2.05
C ARG P 73 -4.34 13.15 -2.20
N GLY P 74 -3.30 13.94 -2.41
CA GLY P 74 -3.50 15.40 -2.46
C GLY P 74 -2.18 16.11 -2.48
N THR P 75 -2.24 17.43 -2.54
CA THR P 75 -1.05 18.28 -2.48
C THR P 75 -1.12 19.08 -1.18
N VAL P 76 -0.05 18.97 -0.40
CA VAL P 76 0.05 19.71 0.86
C VAL P 76 0.93 20.91 0.63
N LEU P 77 0.43 22.11 0.97
CA LEU P 77 1.17 23.36 0.80
C LEU P 77 1.64 23.81 2.18
N THR P 78 2.88 24.28 2.22
CA THR P 78 3.51 24.70 3.48
C THR P 78 4.15 26.05 3.33
N GLU P 79 4.16 26.83 4.45
CA GLU P 79 4.97 28.05 4.54
C GLU P 79 5.87 27.88 5.77
N ARG P 80 7.17 27.94 5.55
CA ARG P 80 8.15 27.54 6.57
C ARG P 80 9.30 28.49 6.71
N THR P 81 10.02 28.37 7.84
CA THR P 81 11.38 28.89 7.91
C THR P 81 12.23 27.71 8.32
N ASP P 82 13.16 27.35 7.42
CA ASP P 82 14.00 26.17 7.67
C ASP P 82 15.30 26.64 8.32
N ARG P 83 15.44 26.41 9.63
CA ARG P 83 16.63 26.85 10.33
CA ARG P 83 16.59 26.84 10.42
C ARG P 83 17.52 25.65 10.65
N PHE P 84 18.84 25.90 10.62
CA PHE P 84 19.83 24.82 10.84
C PHE P 84 20.95 25.41 11.66
N THR P 85 21.65 24.57 12.40
CA THR P 85 22.96 24.93 12.98
C THR P 85 23.89 24.01 12.24
N LEU P 86 24.92 24.61 11.66
CA LEU P 86 25.90 23.87 10.91
C LEU P 86 27.12 23.49 11.75
N ALA P 87 27.94 22.61 11.19
CA ALA P 87 29.16 22.11 11.85
C ALA P 87 30.10 23.19 12.36
N ASP P 88 30.08 24.38 11.75
CA ASP P 88 30.89 25.53 12.20
C ASP P 88 30.20 26.45 13.21
N GLY P 89 29.03 26.03 13.67
CA GLY P 89 28.18 26.79 14.60
C GLY P 89 27.28 27.86 14.00
N ARG P 90 27.41 28.11 12.70
CA ARG P 90 26.61 29.16 12.04
C ARG P 90 25.14 28.71 11.97
N THR P 91 24.26 29.71 12.05
CA THR P 91 22.83 29.55 11.84
C THR P 91 22.54 29.79 10.35
N LEU P 92 21.82 28.86 9.72
CA LEU P 92 21.25 29.09 8.39
CA LEU P 92 21.23 29.11 8.41
C LEU P 92 19.76 29.23 8.66
N ALA P 93 19.10 30.21 8.06
CA ALA P 93 17.62 30.36 8.23
C ALA P 93 17.03 30.82 6.93
N ILE P 94 16.29 29.94 6.26
CA ILE P 94 15.82 30.23 4.91
C ILE P 94 14.29 30.18 4.95
N ARG P 95 13.65 31.30 4.60
CA ARG P 95 12.17 31.37 4.36
C ARG P 95 11.80 30.63 3.08
N VAL P 96 10.90 29.67 3.19
CA VAL P 96 10.61 28.79 2.04
C VAL P 96 9.16 28.41 2.08
N MET P 97 8.55 28.26 0.88
CA MET P 97 7.30 27.57 0.81
C MET P 97 7.49 26.28 0.03
N GLY P 98 6.77 25.24 0.44
CA GLY P 98 6.90 23.95 -0.26
C GLY P 98 5.58 23.31 -0.51
N ALA P 99 5.48 22.71 -1.69
CA ALA P 99 4.36 21.86 -2.05
C ALA P 99 4.79 20.40 -2.10
N PHE P 100 4.01 19.54 -1.48
CA PHE P 100 4.31 18.11 -1.42
C PHE P 100 3.13 17.38 -2.02
N ASP P 101 3.39 16.60 -3.09
CA ASP P 101 2.32 15.71 -3.60
C ASP P 101 2.43 14.37 -2.85
N VAL P 102 1.28 13.89 -2.40
CA VAL P 102 1.23 12.68 -1.60
C VAL P 102 0.19 11.71 -2.16
N ALA P 103 0.56 10.43 -2.27
CA ALA P 103 -0.40 9.39 -2.59
C ALA P 103 -0.15 8.21 -1.70
N ASP P 104 -1.19 7.80 -0.96
CA ASP P 104 -1.10 6.59 -0.12
C ASP P 104 0.08 6.61 0.83
N GLY P 105 0.27 7.75 1.48
CA GLY P 105 1.28 7.84 2.54
C GLY P 105 2.73 7.99 2.09
N SER P 106 2.92 8.31 0.82
CA SER P 106 4.23 8.48 0.23
C SER P 106 4.30 9.80 -0.55
N ILE P 107 5.35 10.58 -0.31
CA ILE P 107 5.56 11.83 -1.03
C ILE P 107 6.11 11.56 -2.43
N THR P 108 5.31 11.87 -3.46
CA THR P 108 5.70 11.61 -4.87
C THR P 108 6.48 12.76 -5.45
N ALA P 109 6.32 14.00 -4.90
CA ALA P 109 7.03 15.17 -5.42
C ALA P 109 7.06 16.19 -4.31
N TRP P 110 8.18 16.88 -4.22
CA TRP P 110 8.44 17.89 -3.19
C TRP P 110 9.07 19.05 -3.91
N ARG P 111 8.36 20.20 -3.95
CA ARG P 111 8.77 21.37 -4.70
C ARG P 111 8.95 22.53 -3.68
N ASP P 112 10.18 22.94 -3.47
CA ASP P 112 10.48 24.04 -2.52
C ASP P 112 10.88 25.29 -3.24
N TYR P 113 10.31 26.41 -2.79
CA TYR P 113 10.39 27.71 -3.44
C TYR P 113 11.09 28.64 -2.46
N PHE P 114 12.29 29.09 -2.84
CA PHE P 114 13.06 30.01 -1.99
C PHE P 114 14.08 30.73 -2.87
N ASP P 115 14.79 31.66 -2.26
CA ASP P 115 15.81 32.43 -3.00
C ASP P 115 17.18 31.82 -2.84
N LEU P 116 17.73 31.36 -3.98
CA LEU P 116 19.02 30.72 -3.99
C LEU P 116 20.16 31.66 -3.54
N GLY P 117 20.11 32.94 -3.93
CA GLY P 117 21.17 33.88 -3.51
C GLY P 117 21.26 34.00 -1.99
N GLN P 118 20.12 34.03 -1.31
CA GLN P 118 20.10 34.05 0.14
C GLN P 118 20.74 32.82 0.74
N PHE P 119 20.42 31.66 0.19
CA PHE P 119 20.97 30.43 0.69
C PHE P 119 22.48 30.40 0.48
N MET P 120 22.92 30.83 -0.71
CA MET P 120 24.36 30.80 -1.01
CA MET P 120 24.36 30.79 -1.02
C MET P 120 25.13 31.76 -0.13
N ALA P 121 24.60 32.97 0.07
CA ALA P 121 25.29 33.94 0.91
C ALA P 121 25.38 33.50 2.38
N GLN P 122 24.35 32.83 2.88
CA GLN P 122 24.39 32.28 4.24
C GLN P 122 25.36 31.11 4.39
N MET P 123 25.74 30.51 3.26
CA MET P 123 26.67 29.39 3.18
CA MET P 123 26.70 29.40 3.27
C MET P 123 28.09 29.83 2.83
N ALA P 124 28.32 31.13 2.76
CA ALA P 124 29.60 31.66 2.23
C ALA P 124 30.76 31.45 3.20
N PRO P 125 32.01 31.34 2.66
CA PRO P 125 33.17 31.13 3.57
C PRO P 125 33.30 32.21 4.64
N SER P 126 33.74 31.82 5.83
CA SER P 126 33.88 32.77 6.94
C SER P 126 35.29 33.35 7.03
O1 PG4 Q . -25.04 -26.24 30.91
C1 PG4 Q . -25.76 -27.32 30.31
C2 PG4 Q . -26.78 -27.83 31.31
O2 PG4 Q . -27.81 -26.86 31.48
C3 PG4 Q . -28.93 -27.35 32.22
C4 PG4 Q . -29.79 -26.16 32.56
O3 PG4 Q . -30.75 -25.89 31.54
C5 PG4 Q . -30.37 -24.91 30.56
C6 PG4 Q . -30.71 -23.49 31.00
O4 PG4 Q . -31.96 -23.48 31.68
C7 PG4 Q . -32.17 -22.26 32.36
C8 PG4 Q . -33.48 -22.31 33.15
O5 PG4 Q . -33.29 -23.12 34.34
C1 PEG R . -42.13 -34.20 47.31
O1 PEG R . -43.19 -33.26 47.25
C2 PEG R . -40.88 -33.35 47.48
O2 PEG R . -39.78 -34.01 46.89
C3 PEG R . -38.76 -34.29 47.84
C4 PEG R . -38.26 -35.69 47.57
O4 PEG R . -37.60 -35.66 46.30
C ACT S . -32.94 -12.04 31.01
O ACT S . -32.82 -12.07 29.79
OXT ACT S . -33.23 -13.09 31.62
CH3 ACT S . -32.74 -10.75 31.74
C1 EDO T . -19.31 -23.18 36.40
O1 EDO T . -19.35 -21.79 36.70
C2 EDO T . -19.48 -23.40 34.90
O2 EDO T . -20.12 -24.66 34.68
C1 PG5 U . -44.65 -8.21 39.06
O1 PG5 U . -43.80 -9.37 39.11
C2 PG5 U . -44.25 -10.40 38.23
C3 PG5 U . -43.31 -11.61 38.08
O2 PG5 U . -41.92 -11.27 38.24
C4 PG5 U . -41.00 -12.20 37.68
C5 PG5 U . -39.55 -11.76 38.01
O3 PG5 U . -39.40 -10.37 37.79
C6 PG5 U . -38.19 -9.79 38.28
C7 PG5 U . -38.20 -8.29 37.99
O4 PG5 U . -37.20 -7.97 37.02
C8 PG5 U . -37.58 -6.88 36.18
O1 PG4 V . -37.08 -3.35 16.93
C1 PG4 V . -37.55 -3.84 18.19
C2 PG4 V . -39.03 -3.53 18.36
O2 PG4 V . -39.76 -4.76 18.42
C3 PG4 V . -41.07 -4.62 18.99
C4 PG4 V . -41.27 -5.64 20.11
O3 PG4 V . -40.86 -6.95 19.69
C5 PG4 V . -39.70 -7.44 20.39
C6 PG4 V . -39.49 -8.90 19.99
O4 PG4 V . -40.59 -9.65 20.51
C7 PG4 V . -40.53 -11.01 20.09
C8 PG4 V . -41.91 -11.63 20.23
O5 PG4 V . -42.88 -10.92 19.41
O1 PG4 W . -67.47 -8.12 29.26
C1 PG4 W . -67.36 -7.11 28.23
C2 PG4 W . -67.16 -5.73 28.86
O2 PG4 W . -65.76 -5.49 29.06
C3 PG4 W . -65.54 -4.55 30.11
C4 PG4 W . -64.15 -4.69 30.75
O3 PG4 W . -64.12 -5.67 31.81
C5 PG4 W . -64.60 -5.21 33.08
C6 PG4 W . -64.18 -6.17 34.18
O4 PG4 W . -65.11 -7.25 34.28
C7 PG4 W . -64.60 -8.39 34.96
C8 PG4 W . -65.66 -9.50 34.94
O5 PG4 W . -65.95 -9.87 33.58
C1 PEG X . -59.62 -19.00 36.63
O1 PEG X . -59.35 -20.16 35.82
C2 PEG X . -60.41 -17.97 35.84
O2 PEG X . -61.81 -18.17 36.07
C3 PEG X . -62.60 -17.06 35.64
C4 PEG X . -64.04 -17.52 35.46
O4 PEG X . -64.48 -17.25 34.12
C1 PEG Y . -33.84 -0.65 15.26
O1 PEG Y . -34.69 0.31 15.89
C2 PEG Y . -34.52 -2.02 15.13
O2 PEG Y . -33.57 -3.06 14.85
C3 PEG Y . -32.87 -3.51 16.01
C4 PEG Y . -32.97 -5.02 16.23
O4 PEG Y . -34.01 -5.26 17.17
O1 PG4 Z . 27.05 -10.13 -19.61
C1 PG4 Z . 26.64 -11.48 -19.36
C2 PG4 Z . 26.02 -11.60 -17.97
O2 PG4 Z . 24.69 -11.05 -17.98
C3 PG4 Z . 23.97 -11.33 -16.78
C4 PG4 Z . 23.07 -10.14 -16.41
O3 PG4 Z . 22.13 -9.80 -17.45
C5 PG4 Z . 22.50 -8.74 -18.35
C6 PG4 Z . 22.15 -7.35 -17.82
O4 PG4 Z . 20.79 -7.30 -17.41
C7 PG4 Z . 20.45 -6.08 -16.75
C8 PG4 Z . 19.11 -6.34 -16.06
O5 PG4 Z . 19.29 -7.26 -14.98
C ACT AA . 19.89 3.96 -17.81
O ACT AA . 19.82 4.13 -19.02
OXT ACT AA . 19.73 2.83 -17.31
CH3 ACT AA . 20.16 5.15 -16.96
C ACT BA . 11.12 -18.52 -2.78
O ACT BA . 12.10 -17.80 -2.54
OXT ACT BA . 11.20 -19.59 -3.40
CH3 ACT BA . 9.79 -18.07 -2.31
C1 PGE CA . 16.39 6.38 -10.36
O1 PGE CA . 16.22 7.57 -11.15
C2 PGE CA . 15.28 6.27 -9.33
O2 PGE CA . 14.53 5.05 -9.43
C3 PGE CA . 13.27 5.22 -10.06
C4 PGE CA . 12.52 3.89 -10.15
O4 PGE CA . 7.96 3.23 -9.53
C6 PGE CA . 8.78 3.72 -10.60
C5 PGE CA . 10.24 3.23 -10.62
O3 PGE CA . 11.13 4.17 -9.99
C1 EDO DA . 14.50 -24.01 -29.16
O1 EDO DA . 15.78 -24.07 -29.70
C2 EDO DA . 13.41 -23.47 -30.05
O2 EDO DA . 12.22 -23.89 -29.43
O1 PG4 EA . 16.01 13.76 -29.28
C1 PG4 EA . 15.16 12.60 -29.26
C2 PG4 EA . 13.70 13.01 -29.42
O2 PG4 EA . 12.95 11.85 -29.86
C3 PG4 EA . 11.56 11.83 -29.53
C4 PG4 EA . 11.35 11.04 -28.23
O3 PG4 EA . 11.76 9.67 -28.35
C5 PG4 EA . 13.02 9.29 -27.77
C6 PG4 EA . 13.31 7.86 -28.21
O4 PG4 EA . 12.08 7.12 -28.13
C7 PG4 EA . 12.21 5.73 -28.44
C8 PG4 EA . 10.85 5.05 -28.29
O5 PG4 EA . 9.77 5.75 -28.99
C1 PEG FA . -4.94 2.62 -6.18
O1 PEG FA . -5.91 1.96 -5.35
C2 PEG FA . -3.73 1.70 -6.23
O2 PEG FA . -2.61 2.38 -6.79
C3 PEG FA . -1.66 1.49 -7.40
C4 PEG FA . -0.74 0.81 -6.39
O4 PEG FA . -0.70 -0.60 -6.67
O1 PG4 GA . -12.72 10.84 -18.77
C1 PG4 GA . -12.57 12.00 -17.93
C2 PG4 GA . -11.28 11.91 -17.11
O2 PG4 GA . -11.27 10.74 -16.28
C3 PG4 GA . -11.67 10.93 -14.92
C4 PG4 GA . -11.39 9.68 -14.13
O3 PG4 GA . -12.51 8.78 -14.16
C5 PG4 GA . -12.18 7.52 -13.58
C6 PG4 GA . -13.23 6.44 -13.89
O4 PG4 GA . -13.31 6.10 -15.29
C7 PG4 GA . -14.30 5.11 -15.58
C8 PG4 GA . -15.29 5.64 -16.62
O5 PG4 GA . -16.37 6.38 -16.04
O1 PG4 HA . 0.97 20.73 -9.68
C1 PG4 HA . 1.81 21.51 -10.54
C2 PG4 HA . 3.10 21.81 -9.81
O2 PG4 HA . 3.92 22.72 -10.57
C3 PG4 HA . 4.05 22.25 -11.91
C4 PG4 HA . 4.23 23.33 -12.96
O3 PG4 HA . 5.54 23.18 -13.52
C5 PG4 HA . 5.58 22.77 -14.90
C6 PG4 HA . 6.98 22.94 -15.48
O4 PG4 HA . 7.97 22.86 -14.45
C7 PG4 HA . 8.91 21.82 -14.67
C8 PG4 HA . 10.09 21.89 -13.70
O5 PG4 HA . 10.05 20.77 -12.81
C1 PGE IA . 5.09 10.01 -9.93
O1 PGE IA . 5.96 10.95 -10.60
C2 PGE IA . 3.70 9.84 -10.55
O2 PGE IA . 2.83 9.71 -9.37
C3 PGE IA . 3.03 8.43 -8.76
C4 PGE IA . 1.90 7.81 -7.92
O4 PGE IA . 4.21 3.60 -8.02
C6 PGE IA . 3.33 4.38 -7.17
C5 PGE IA . 2.93 5.63 -7.93
O3 PGE IA . 2.42 6.72 -7.14
C1 EDO JA . -9.03 -1.14 -13.26
O1 EDO JA . -10.43 -1.04 -13.55
C2 EDO JA . -8.65 -2.60 -13.08
O2 EDO JA . -7.23 -2.72 -12.97
C1 EDO KA . 6.08 3.77 -39.89
O1 EDO KA . 7.07 2.99 -40.56
C2 EDO KA . 4.74 3.51 -40.56
O2 EDO KA . 3.88 4.63 -40.33
C1 EDO LA . 18.67 12.26 -32.53
O1 EDO LA . 18.67 13.61 -33.04
C2 EDO LA . 19.79 11.48 -33.19
O2 EDO LA . 20.08 10.31 -32.41
C1 EDO MA . 14.57 -0.81 -38.20
O1 EDO MA . 14.31 -0.47 -39.56
C2 EDO MA . 15.60 -1.93 -38.10
O2 EDO MA . 15.29 -2.77 -36.99
O1 PG4 NA . -20.73 -53.60 15.17
C1 PG4 NA . -21.57 -53.91 16.30
C2 PG4 NA . -22.66 -54.92 15.93
O2 PG4 NA . -23.90 -54.26 15.71
C3 PG4 NA . -25.02 -55.15 15.74
C4 PG4 NA . -26.25 -54.39 16.26
O3 PG4 NA . -27.21 -54.08 15.25
C5 PG4 NA . -26.88 -53.01 14.34
C6 PG4 NA . -27.09 -51.62 14.94
O4 PG4 NA . -28.45 -51.55 15.37
C7 PG4 NA . -28.80 -50.30 15.92
C8 PG4 NA . -30.21 -50.44 16.52
O5 PG4 NA . -30.18 -51.30 17.67
O1 PG4 OA . -32.44 -31.62 2.77
C1 PG4 OA . -33.55 -31.10 2.02
C2 PG4 OA . -34.85 -31.30 2.77
O2 PG4 OA . -35.77 -32.02 1.97
C3 PG4 OA . -37.01 -32.32 2.63
C4 PG4 OA . -37.29 -33.83 2.52
O3 PG4 OA . -37.47 -34.44 3.82
C5 PG4 OA . -36.27 -34.79 4.51
C6 PG4 OA . -35.82 -36.22 4.21
O4 PG4 OA . -36.89 -37.07 4.54
C7 PG4 OA . -36.86 -38.32 3.87
C8 PG4 OA . -38.22 -39.00 4.08
O5 PG4 OA . -39.22 -38.50 3.15
C1 PEG PA . -61.44 -46.81 16.87
O1 PEG PA . -61.72 -47.68 15.77
C2 PEG PA . -59.95 -46.47 16.87
O2 PEG PA . -59.25 -47.14 17.93
C3 PEG PA . -58.23 -47.99 17.41
C4 PEG PA . -57.03 -47.86 18.31
O4 PEG PA . -55.86 -47.91 17.50
C1 PEG QA . -40.77 -53.97 2.72
O1 PEG QA . -41.97 -53.90 3.48
C2 PEG QA . -40.08 -52.61 2.69
O2 PEG QA . -39.69 -52.30 1.34
C3 PEG QA . -38.27 -52.31 1.13
C4 PEG QA . -37.88 -53.17 -0.08
O4 PEG QA . -36.46 -53.42 -0.07
O1 PG4 RA . -64.46 -37.48 12.10
C1 PG4 RA . -64.29 -36.47 11.08
C2 PG4 RA . -64.14 -35.04 11.63
O2 PG4 RA . -63.40 -35.03 12.86
C3 PG4 RA . -62.20 -34.25 12.82
C4 PG4 RA . -61.78 -33.80 14.22
O3 PG4 RA . -61.43 -34.89 15.10
C5 PG4 RA . -61.80 -34.58 16.44
C6 PG4 RA . -61.54 -35.75 17.39
O4 PG4 RA . -62.42 -36.84 17.14
C7 PG4 RA . -61.85 -38.09 17.55
C8 PG4 RA . -62.90 -39.19 17.49
O5 PG4 RA . -62.86 -39.88 16.24
C1 EDO SA . -41.97 -40.71 -8.01
O1 EDO SA . -40.61 -40.92 -8.40
C2 EDO SA . -42.90 -41.45 -8.95
O2 EDO SA . -44.25 -40.98 -8.74
N HIS TA . -51.32 -47.77 -4.65
CA HIS TA . -50.52 -48.99 -4.35
C HIS TA . -51.39 -50.14 -3.87
O HIS TA . -51.30 -51.26 -4.38
CB HIS TA . -49.44 -48.70 -3.31
CG HIS TA . -48.36 -47.78 -3.79
ND1 HIS TA . -47.34 -48.18 -4.62
CD2 HIS TA . -48.16 -46.45 -3.57
CE1 HIS TA . -46.54 -47.16 -4.87
NE2 HIS TA . -47.02 -46.10 -4.25
OXT HIS TA . -52.19 -50.01 -2.94
O1 PG4 UA . 10.71 -23.00 -3.41
C1 PG4 UA . 10.44 -24.40 -3.48
C2 PG4 UA . 10.87 -25.19 -2.26
O2 PG4 UA . 9.81 -26.06 -1.85
C3 PG4 UA . 10.07 -26.89 -0.71
C4 PG4 UA . 9.06 -26.64 0.40
O3 PG4 UA . 7.70 -27.02 0.08
C5 PG4 UA . 6.87 -25.96 -0.45
C6 PG4 UA . 6.13 -25.14 0.61
O4 PG4 UA . 5.28 -26.02 1.32
C7 PG4 UA . 4.54 -25.37 2.33
C8 PG4 UA . 4.06 -26.40 3.35
O5 PG4 UA . 5.17 -27.09 3.97
C ACT VA . 11.30 -25.32 14.13
O ACT VA . 11.61 -25.14 12.93
OXT ACT VA . 10.56 -24.52 14.74
CH3 ACT VA . 11.83 -26.52 14.86
O1 PG4 WA . -2.42 -57.95 11.88
C1 PG4 WA . -2.45 -56.56 11.48
C2 PG4 WA . -1.04 -56.07 11.16
O2 PG4 WA . -1.06 -55.02 10.19
C3 PG4 WA . -1.44 -53.75 10.74
C4 PG4 WA . -1.93 -52.75 9.70
O3 PG4 WA . -1.49 -52.98 8.36
C5 PG4 WA . -2.65 -53.11 7.52
C6 PG4 WA . -2.31 -53.40 6.06
O4 PG4 WA . -0.94 -53.13 5.83
C7 PG4 WA . -0.52 -53.66 4.58
C8 PG4 WA . 0.47 -52.69 3.97
O5 PG4 WA . 1.67 -52.49 4.74
C1 EDO XA . -9.20 -47.53 9.06
O1 EDO XA . -9.90 -48.77 9.07
C2 EDO XA . -9.96 -46.51 8.22
O2 EDO XA . -10.85 -45.73 9.04
C1 EDO YA . -4.63 -45.66 -3.87
O1 EDO YA . -3.41 -45.11 -4.38
C2 EDO YA . -4.98 -45.04 -2.52
O2 EDO YA . -6.23 -44.35 -2.56
O1 PG4 ZA . -14.57 -11.95 -2.89
C1 PG4 ZA . -14.76 -12.41 -1.56
C2 PG4 ZA . -16.00 -13.30 -1.49
O2 PG4 ZA . -15.61 -14.68 -1.58
C3 PG4 ZA . -16.55 -15.56 -0.96
C4 PG4 ZA . -15.81 -16.70 -0.25
O3 PG4 ZA . -15.01 -17.47 -1.15
C5 PG4 ZA . -13.62 -17.09 -1.17
C6 PG4 ZA . -12.90 -17.99 -2.15
O4 PG4 ZA . -13.11 -19.31 -1.67
C7 PG4 ZA . -12.56 -20.29 -2.55
C8 PG4 ZA . -13.03 -21.68 -2.11
O5 PG4 ZA . -14.45 -21.74 -2.27
C1 PEG AB . -16.59 -37.97 -0.49
O1 PEG AB . -17.97 -37.59 -0.50
C2 PEG AB . -16.38 -39.27 -1.27
O2 PEG AB . -17.26 -39.35 -2.38
C3 PEG AB . -16.63 -39.09 -3.63
C4 PEG AB . -17.01 -40.19 -4.61
O4 PEG AB . -16.17 -41.33 -4.35
C ACT BB . -4.39 -23.38 -7.36
O ACT BB . -3.47 -22.89 -6.72
OXT ACT BB . -5.53 -23.60 -6.88
CH3 ACT BB . -4.09 -23.79 -8.77
C ACT CB . -20.98 -25.02 -11.78
O ACT CB . -21.08 -24.03 -11.02
OXT ACT CB . -19.91 -25.27 -12.37
CH3 ACT CB . -22.15 -25.93 -11.97
O1 PG4 DB . -7.56 -32.60 -8.69
C1 PG4 DB . -8.60 -32.54 -7.71
C2 PG4 DB . -8.21 -33.35 -6.49
O2 PG4 DB . -8.26 -34.74 -6.77
C3 PG4 DB . -8.07 -35.52 -5.58
C4 PG4 DB . -8.40 -36.97 -5.89
O3 PG4 DB . -9.77 -37.23 -5.54
C5 PG4 DB . -10.15 -38.60 -5.64
C6 PG4 DB . -11.68 -38.76 -5.54
O4 PG4 DB . -12.36 -37.80 -6.36
C7 PG4 DB . -13.74 -38.10 -6.51
C8 PG4 DB . -14.53 -36.80 -6.67
O5 PG4 DB . -15.92 -36.96 -6.35
C1 EDO EB . -15.91 -27.74 19.48
O1 EDO EB . -16.10 -26.42 19.01
C2 EDO EB . -14.82 -28.32 18.61
O2 EDO EB . -15.34 -29.41 17.88
O1 PG4 FB . 55.83 50.78 -17.10
C1 PG4 FB . 56.76 50.28 -16.14
C2 PG4 FB . 56.40 48.84 -15.78
O2 PG4 FB . 55.77 48.83 -14.50
C3 PG4 FB . 55.80 47.56 -13.81
C4 PG4 FB . 54.38 46.99 -13.72
O3 PG4 FB . 53.43 47.91 -13.20
C5 PG4 FB . 52.65 48.62 -14.16
C6 PG4 FB . 51.18 48.58 -13.75
O4 PG4 FB . 51.07 48.98 -12.38
C7 PG4 FB . 49.72 48.95 -11.96
C8 PG4 FB . 49.58 48.81 -10.45
O5 PG4 FB . 50.54 47.90 -9.92
C1 PEG GB . 37.41 41.44 -20.55
O1 PEG GB . 37.61 41.86 -21.90
C2 PEG GB . 36.92 39.99 -20.50
O2 PEG GB . 37.70 39.21 -19.58
C3 PEG GB . 38.12 37.96 -20.15
C4 PEG GB . 39.46 38.10 -20.90
O4 PEG GB . 40.03 36.81 -21.12
C1 PEG HB . 37.37 26.39 -1.72
O1 PEG HB . 37.42 25.15 -1.02
C2 PEG HB . 36.71 26.26 -3.10
O2 PEG HB . 35.59 27.14 -3.20
C3 PEG HB . 35.41 27.72 -4.50
C4 PEG HB . 35.53 29.23 -4.39
O4 PEG HB . 34.40 29.85 -5.03
C1 PG6 IB . 34.99 56.74 2.30
O1 PG6 IB . 34.76 57.92 3.10
C2 PG6 IB . 35.22 59.16 2.54
C3 PG6 IB . 36.74 59.29 2.61
O2 PG6 IB . 37.36 58.39 1.68
C4 PG6 IB . 38.63 57.87 2.08
C5 PG6 IB . 39.58 57.81 0.89
O3 PG6 IB . 39.22 56.75 -0.03
C6 PG6 IB . 40.35 56.14 -0.71
C7 PG6 IB . 40.04 54.70 -1.14
O4 PG6 IB . 41.02 53.71 -0.81
C8 PG6 IB . 40.66 52.37 -1.20
C9 PG6 IB . 39.70 51.76 -0.17
O5 PG6 IB . 39.25 50.43 -0.49
C10 PG6 IB . 38.32 49.90 0.44
C11 PG6 IB . 39.05 49.53 1.73
O6 PG6 IB . 38.48 48.46 2.47
C12 PG6 IB . 39.19 48.25 3.69
O1 PG4 JB . 43.11 22.25 -4.36
C1 PG4 JB . 42.64 22.14 -5.72
C2 PG4 JB . 43.70 21.43 -6.56
O2 PG4 JB . 44.03 22.22 -7.71
C3 PG4 JB . 45.29 21.84 -8.28
C4 PG4 JB . 46.30 22.97 -8.09
O3 PG4 JB . 47.63 22.48 -8.17
C5 PG4 JB . 48.57 23.25 -7.40
C6 PG4 JB . 49.14 22.40 -6.28
O4 PG4 JB . 49.01 23.05 -5.00
C7 PG4 JB . 49.50 22.25 -3.92
C8 PG4 JB . 48.73 22.56 -2.64
O5 PG4 JB . 47.30 22.39 -2.83
O1 PG4 KB . 31.26 62.75 -18.00
C1 PG4 KB . 30.86 62.85 -16.62
C2 PG4 KB . 29.70 61.89 -16.37
O2 PG4 KB . 30.12 60.55 -16.59
C3 PG4 KB . 29.13 59.57 -16.28
C4 PG4 KB . 29.63 58.18 -16.73
O3 PG4 KB . 30.57 57.63 -15.79
C5 PG4 KB . 31.96 57.91 -16.03
C6 PG4 KB . 32.62 56.89 -16.96
O4 PG4 KB . 32.62 55.66 -16.27
C7 PG4 KB . 33.17 54.64 -17.10
C8 PG4 KB . 32.63 53.32 -16.59
O5 PG4 KB . 31.25 53.27 -16.84
C ACT LB . 41.39 51.19 -21.60
O ACT LB . 40.25 51.14 -21.13
OXT ACT LB . 42.31 51.75 -20.98
CH3 ACT LB . 41.66 50.59 -22.93
O1 PG4 MB . 59.14 22.19 -34.89
C1 PG4 MB . 60.31 21.36 -34.85
C2 PG4 MB . 60.02 20.06 -34.10
O2 PG4 MB . 59.12 20.26 -33.01
C3 PG4 MB . 59.02 19.13 -32.14
C4 PG4 MB . 57.81 19.29 -31.23
O3 PG4 MB . 56.56 19.10 -31.94
C5 PG4 MB . 56.00 20.32 -32.45
C6 PG4 MB . 54.79 20.78 -31.66
O4 PG4 MB . 54.34 19.76 -30.74
C7 PG4 MB . 53.23 20.26 -30.04
C8 PG4 MB . 52.91 19.40 -28.82
O5 PG4 MB . 54.04 18.78 -28.15
C1 PEG NB . 38.06 -0.28 -24.63
O1 PEG NB . 37.13 0.03 -23.59
C2 PEG NB . 39.47 -0.29 -24.03
O2 PEG NB . 40.02 -1.60 -24.09
C3 PEG NB . 39.83 -2.37 -22.92
C4 PEG NB . 40.53 -3.72 -23.10
O4 PEG NB . 41.70 -3.70 -22.28
C1 PEG OB . 48.72 -7.96 -23.53
O1 PEG OB . 48.60 -7.31 -22.26
C2 PEG OB . 47.62 -7.47 -24.46
O2 PEG OB . 47.74 -8.13 -25.73
C3 PEG OB . 48.39 -7.35 -26.74
C4 PEG OB . 49.60 -8.11 -27.29
O4 PEG OB . 50.79 -7.33 -27.10
C ACT PB . 42.13 9.25 -38.79
O ACT PB . 41.98 10.48 -38.85
OXT ACT PB . 41.35 8.53 -38.14
CH3 ACT PB . 43.28 8.60 -39.52
C1 PGE QB . 44.09 26.16 -19.07
O1 PGE QB . 42.67 26.30 -19.17
C2 PGE QB . 44.43 24.76 -18.55
O2 PGE QB . 43.87 23.82 -19.46
C3 PGE QB . 44.33 22.50 -19.22
C4 PGE QB . 43.32 21.49 -19.78
O4 PGE QB . 40.06 20.94 -17.54
C6 PGE QB . 40.85 19.76 -17.75
C5 PGE QB . 41.67 19.99 -19.02
O3 PGE QB . 42.79 20.78 -18.67
O1 PG4 RB . 34.18 31.95 -36.44
C1 PG4 RB . 33.09 32.22 -35.55
C2 PG4 RB . 32.13 31.04 -35.55
O2 PG4 RB . 32.78 29.89 -35.04
C3 PG4 RB . 31.91 28.74 -35.07
C4 PG4 RB . 32.72 27.50 -35.45
O3 PG4 RB . 33.52 27.05 -34.35
C5 PG4 RB . 34.93 27.29 -34.45
C6 PG4 RB . 35.63 26.38 -35.43
O4 PG4 RB . 35.57 25.07 -34.91
C7 PG4 RB . 36.33 24.20 -35.75
C8 PG4 RB . 35.97 22.77 -35.40
O5 PG4 RB . 34.57 22.60 -35.62
C1 PEG SB . 31.70 18.57 -13.36
O1 PEG SB . 30.76 18.58 -12.28
C2 PEG SB . 32.17 17.14 -13.53
O2 PEG SB . 32.46 16.87 -14.91
C3 PEG SB . 33.06 15.58 -15.10
C4 PEG SB . 34.57 15.65 -14.92
O4 PEG SB . 35.20 14.49 -15.47
C1 PEG TB . 31.71 5.83 -35.13
O1 PEG TB . 32.62 6.08 -36.20
C2 PEG TB . 30.39 5.28 -35.68
O2 PEG TB . 29.37 5.37 -34.68
C3 PEG TB . 29.22 4.16 -33.96
C4 PEG TB . 28.59 4.37 -32.58
O4 PEG TB . 28.78 3.19 -31.80
C ACT UB . 45.14 21.61 -40.14
O ACT UB . 45.96 22.27 -39.47
OXT ACT UB . 43.99 21.38 -39.68
CH3 ACT UB . 45.57 21.10 -41.47
C1 EDO VB . 42.64 33.37 -28.01
O1 EDO VB . 42.52 34.78 -28.02
C2 EDO VB . 42.57 32.83 -26.58
O2 EDO VB . 43.47 31.73 -26.45
O1 PG4 WB . -18.74 15.95 12.98
C1 PG4 WB . -18.92 15.84 14.40
C2 PG4 WB . -19.99 14.80 14.66
O2 PG4 WB . -19.50 13.51 14.29
C3 PG4 WB . -20.42 12.41 14.45
C4 PG4 WB . -19.73 11.07 14.09
O3 PG4 WB . -18.65 10.77 14.97
C5 PG4 WB . -17.33 11.29 14.67
C6 PG4 WB . -16.45 10.33 13.87
O4 PG4 WB . -16.62 9.01 14.38
C7 PG4 WB . -15.86 8.08 13.63
C8 PG4 WB . -16.34 6.69 14.01
O5 PG4 WB . -17.74 6.56 13.73
C1 PEG XB . -20.30 0.36 34.85
O1 PEG XB . -20.20 0.45 36.27
C2 PEG XB . -18.95 -0.05 34.28
O2 PEG XB . -18.96 -1.39 33.80
C3 PEG XB . -17.75 -1.61 33.05
C4 PEG XB . -16.90 -2.75 33.56
O4 PEG XB . -15.95 -2.29 34.54
C ACT YB . -7.08 5.74 9.27
O ACT YB . -6.35 6.34 10.02
OXT ACT YB . -8.20 5.36 9.60
CH3 ACT YB . -6.54 5.54 7.93
C1 PGE ZB . -8.69 -3.72 5.42
O1 PGE ZB . -7.52 -2.92 5.30
C2 PGE ZB . -9.62 -3.01 6.39
O2 PGE ZB . -9.66 -3.77 7.59
C3 PGE ZB . -10.90 -3.63 8.24
C4 PGE ZB . -10.85 -4.45 9.51
O4 PGE ZB . -8.80 -7.97 9.55
C6 PGE ZB . -10.13 -7.99 10.10
C5 PGE ZB . -10.55 -6.55 10.41
O3 PGE ZB . -10.47 -5.78 9.20
C1 EDO AC . -12.40 18.96 15.90
O1 EDO AC . -12.66 17.91 16.83
C2 EDO AC . -12.64 18.47 14.48
O2 EDO AC . -14.02 18.63 14.13
C1 EDO BC . -13.56 6.69 0.90
O1 EDO BC . -14.76 7.45 1.00
C2 EDO BC . -13.11 6.31 2.30
O2 EDO BC . -12.65 4.95 2.29
O1 PG4 CC . 6.37 6.40 14.75
C1 PG4 CC . 7.61 5.72 14.54
C2 PG4 CC . 7.60 4.33 15.19
O2 PG4 CC . 7.05 4.37 16.51
C3 PG4 CC . 7.11 3.13 17.21
C4 PG4 CC . 5.98 3.13 18.23
O3 PG4 CC . 4.76 2.67 17.62
C5 PG4 CC . 4.02 3.66 16.90
C6 PG4 CC . 2.54 3.50 17.17
O4 PG4 CC . 2.29 3.71 18.56
C7 PG4 CC . 0.99 3.24 18.90
C8 PG4 CC . 0.82 3.17 20.41
O5 PG4 CC . 1.85 2.34 20.99
C1 PG6 DC . 0.98 -23.70 26.23
O1 PG6 DC . 2.34 -23.68 25.76
C2 PG6 DC . 2.54 -22.85 24.61
C3 PG6 DC . 2.59 -23.64 23.29
O2 PG6 DC . 2.84 -22.79 22.14
C4 PG6 DC . 1.70 -22.07 21.66
C5 PG6 DC . 0.92 -22.91 20.65
O3 PG6 DC . -0.47 -23.00 20.99
C6 PG6 DC . -1.01 -24.18 20.39
C7 PG6 DC . -2.52 -24.12 20.21
O4 PG6 DC . -3.15 -23.53 21.33
C8 PG6 DC . -3.94 -24.40 22.14
C9 PG6 DC . -3.20 -24.63 23.45
O5 PG6 DC . -3.81 -23.94 24.53
C10 PG6 DC . -4.61 -24.84 25.29
C11 PG6 DC . -4.65 -24.47 26.76
O6 PG6 DC . -6.00 -24.18 27.12
C12 PG6 DC . -6.07 -23.51 28.37
C1 PGE EC . -9.29 10.34 29.71
O1 PGE EC . -10.64 10.76 29.90
C2 PGE EC . -8.93 9.36 30.82
O2 PGE EC . -8.12 8.26 30.36
C3 PGE EC . -8.92 7.11 30.05
C4 PGE EC . -8.07 5.83 30.03
O4 PGE EC . -11.01 2.49 31.39
C6 PGE EC . -10.10 2.80 30.33
C5 PGE EC . -9.83 4.27 30.39
O3 PGE EC . -8.80 4.70 29.52
C1 PGE FC . 11.80 9.01 15.01
O1 PGE FC . 11.02 7.90 14.51
C2 PGE FC . 11.39 10.32 14.32
O2 PGE FC . 10.70 11.17 15.25
C3 PGE FC . 9.59 11.82 14.66
C4 PGE FC . 8.44 11.88 15.67
O4 PGE FC . 5.08 8.90 15.48
C6 PGE FC . 6.28 9.60 15.20
C5 PGE FC . 6.19 11.03 15.71
O3 PGE FC . 7.17 11.78 15.02
C1 EDO GC . -11.29 -19.17 24.31
O1 EDO GC . -12.41 -18.27 24.35
C2 EDO GC . -11.54 -20.38 25.20
O2 EDO GC . -10.40 -20.57 26.05
O1 PG4 HC . 10.51 44.06 -10.09
C1 PG4 HC . 9.86 44.88 -11.08
C2 PG4 HC . 8.35 45.00 -10.80
O2 PG4 HC . 7.84 43.76 -10.33
C3 PG4 HC . 6.47 43.50 -10.67
C4 PG4 HC . 6.23 41.98 -10.68
O3 PG4 HC . 6.39 41.40 -9.37
C5 PG4 HC . 7.74 41.02 -9.04
C6 PG4 HC . 7.82 39.63 -8.41
O4 PG4 HC . 7.04 38.73 -9.21
C7 PG4 HC . 7.32 37.36 -9.02
C8 PG4 HC . 6.08 36.52 -9.27
O5 PG4 HC . 5.06 37.13 -10.11
C1 PEG IC . 14.48 45.99 -14.73
O1 PEG IC . 13.80 46.85 -13.81
C2 PEG IC . 15.47 45.13 -13.98
O2 PEG IC . 15.01 43.77 -14.01
C3 PEG IC . 14.94 43.15 -12.74
C4 PEG IC . 13.51 43.16 -12.21
O4 PEG IC . 13.53 43.22 -10.79
C1 PEG JC . -10.81 26.05 5.13
O1 PEG JC . -10.35 25.05 6.04
C2 PEG JC . -11.61 27.09 5.89
O2 PEG JC . -12.97 27.13 5.47
C3 PEG JC . -13.88 27.03 6.57
C4 PEG JC . -15.26 27.51 6.15
O4 PEG JC . -15.38 27.52 4.72
O1 PG4 KC . -19.79 37.10 0.12
C1 PG4 KC . -19.62 38.12 -0.88
C2 PG4 KC . -19.20 39.50 -0.36
O2 PG4 KC . -18.30 39.41 0.75
C3 PG4 KC . -17.44 40.54 0.97
C4 PG4 KC . -16.92 40.67 2.40
O3 PG4 KC . -16.42 39.45 3.01
C5 PG4 KC . -16.63 39.46 4.44
C6 PG4 KC . -16.37 38.12 5.15
O4 PG4 KC . -17.47 37.21 5.06
C7 PG4 KC . -17.18 35.93 5.62
C8 PG4 KC . -18.13 34.82 5.15
O5 PG4 KC . -18.31 34.75 3.73
O1 PG4 LC . 24.18 22.42 -0.57
C1 PG4 LC . 23.24 21.50 -1.13
C2 PG4 LC . 22.58 20.73 0.00
O2 PG4 LC . 21.41 21.44 0.42
C3 PG4 LC . 20.48 20.66 1.15
C4 PG4 LC . 19.06 20.92 0.63
O3 PG4 LC . 18.63 22.22 0.94
C5 PG4 LC . 18.75 23.25 -0.04
C6 PG4 LC . 18.41 24.54 0.69
O4 PG4 LC . 17.03 24.52 1.03
C7 PG4 LC . 16.70 25.62 1.88
C8 PG4 LC . 15.37 25.27 2.51
O5 PG4 LC . 15.63 24.24 3.49
C ACT MC . 15.38 35.61 0.86
O ACT MC . 15.75 36.71 1.33
OXT ACT MC . 15.26 34.53 1.52
CH3 ACT MC . 14.93 35.54 -0.52
C1 EDO NC . -7.16 14.11 -5.16
O1 EDO NC . -7.31 15.44 -5.62
C2 EDO NC . -8.47 13.43 -4.86
O2 EDO NC . -9.25 13.40 -6.06
C1 EDO OC . 24.32 35.77 -2.98
O1 EDO OC . 23.28 36.27 -3.82
C2 EDO OC . 24.78 34.36 -3.37
O2 EDO OC . 24.56 34.06 -4.75
C1 EDO PC . -6.22 15.74 6.37
O1 EDO PC . -6.37 17.03 5.74
C2 EDO PC . -6.02 15.76 7.87
O2 EDO PC . -4.94 14.87 8.24
C1 EDO QC . 18.47 25.82 14.85
O1 EDO QC . 18.88 27.04 15.50
C2 EDO QC . 18.46 24.64 15.83
O2 EDO QC . 17.45 24.82 16.82
C1 EDO RC . 29.86 26.28 5.03
O1 EDO RC . 29.78 25.81 3.69
C2 EDO RC . 29.59 25.13 5.99
O2 EDO RC . 30.37 25.29 7.19
#